data_9KD2
#
_entry.id   9KD2
#
_cell.length_a   161.943
_cell.length_b   126.911
_cell.length_c   71.657
_cell.angle_alpha   90.00
_cell.angle_beta   102.38
_cell.angle_gamma   90.00
#
_symmetry.space_group_name_H-M   'C 1 2 1'
#
loop_
_entity.id
_entity.type
_entity.pdbx_description
1 polymer 'Oxidoreductase, short chain dehydrogenase/reductase family protein'
2 non-polymer NICOTINAMIDE-ADENINE-DINUCLEOTIDE
3 water water
#
_entity_poly.entity_id   1
_entity_poly.type   'polypeptide(L)'
_entity_poly.pdbx_seq_one_letter_code
;MNQFLNFSLEGKVALVTGASYGIGFAIASAFAEQGAKVCFNDINQELVDKGMAAYAAKGIKAHGYVCDVTDEPAVQAMVA
TIAKEVGTIDILVNNAGIIRRVPMHEMDAADFRRVIDIDLNAPFIVAKAVLPAMMEKRAGKIINICSMMSELGRETVSAY
AAAKGGLKMLTRNICSEYGEYNIQCNGIGPGYIATPQTAPLREPQADGSRHPFDSFICAKTPAGRWLDPEELTGPAVFLA
SEASNAVNGHILYVDGGILAYIGKQPKLEHHHHHH
;
_entity_poly.pdbx_strand_id   A,B,C,D,E,F
#
# COMPACT_ATOMS: atom_id res chain seq x y z
N GLN A 3 -36.81 28.97 -41.25
CA GLN A 3 -35.69 29.53 -40.44
C GLN A 3 -35.98 29.41 -38.94
N PHE A 4 -37.26 29.26 -38.57
CA PHE A 4 -37.67 29.01 -37.19
C PHE A 4 -37.48 27.53 -36.84
N LEU A 5 -37.16 26.69 -37.84
CA LEU A 5 -37.00 25.26 -37.62
C LEU A 5 -35.65 24.79 -38.17
N ASN A 6 -34.71 25.71 -38.41
CA ASN A 6 -33.43 25.30 -38.97
C ASN A 6 -32.47 25.00 -37.82
N PHE A 7 -32.17 23.71 -37.67
CA PHE A 7 -31.23 23.25 -36.66
C PHE A 7 -29.83 23.15 -37.25
N SER A 8 -29.66 23.67 -38.47
CA SER A 8 -28.37 23.66 -39.14
C SER A 8 -27.46 24.71 -38.51
N LEU A 9 -26.18 24.36 -38.38
CA LEU A 9 -25.15 25.29 -37.93
C LEU A 9 -24.20 25.60 -39.08
N GLU A 10 -24.75 25.59 -40.30
CA GLU A 10 -23.96 25.81 -41.50
C GLU A 10 -23.24 27.15 -41.41
N GLY A 11 -21.92 27.13 -41.49
CA GLY A 11 -21.10 28.32 -41.61
C GLY A 11 -21.00 29.11 -40.30
N LYS A 12 -21.27 28.44 -39.17
CA LYS A 12 -21.17 29.06 -37.87
C LYS A 12 -19.87 28.61 -37.22
N VAL A 13 -19.11 29.58 -36.68
CA VAL A 13 -17.87 29.28 -35.98
C VAL A 13 -18.22 28.91 -34.55
N ALA A 14 -17.64 27.81 -34.06
CA ALA A 14 -17.97 27.28 -32.74
C ALA A 14 -16.68 27.00 -31.96
N LEU A 15 -16.70 27.36 -30.67
CA LEU A 15 -15.60 27.11 -29.77
C LEU A 15 -16.12 26.36 -28.54
N VAL A 16 -15.71 25.10 -28.41
CA VAL A 16 -16.07 24.29 -27.26
C VAL A 16 -14.81 24.11 -26.41
N THR A 17 -14.77 24.74 -25.23
CA THR A 17 -13.60 24.71 -24.38
C THR A 17 -13.47 23.32 -23.75
N GLY A 18 -12.24 22.78 -23.76
CA GLY A 18 -11.94 21.50 -23.12
C GLY A 18 -12.49 20.30 -23.89
N ALA A 19 -12.68 20.45 -25.20
CA ALA A 19 -13.36 19.45 -26.01
C ALA A 19 -12.34 18.54 -26.70
N SER A 20 -11.39 18.01 -25.93
CA SER A 20 -10.47 17.00 -26.41
C SER A 20 -11.12 15.62 -26.30
N TYR A 21 -12.02 15.46 -25.32
CA TYR A 21 -12.73 14.22 -25.13
C TYR A 21 -14.01 14.50 -24.35
N GLY A 22 -14.83 13.45 -24.16
CA GLY A 22 -15.97 13.49 -23.25
C GLY A 22 -17.15 14.26 -23.83
N ILE A 23 -17.86 14.98 -22.95
CA ILE A 23 -19.08 15.69 -23.32
C ILE A 23 -18.75 16.71 -24.39
N GLY A 24 -17.75 17.56 -24.12
CA GLY A 24 -17.34 18.62 -25.02
C GLY A 24 -17.04 18.10 -26.43
N PHE A 25 -16.40 16.92 -26.50
CA PHE A 25 -16.08 16.30 -27.78
C PHE A 25 -17.36 15.92 -28.52
N ALA A 26 -18.30 15.29 -27.80
CA ALA A 26 -19.56 14.84 -28.37
C ALA A 26 -20.34 16.02 -28.94
N ILE A 27 -20.35 17.14 -28.20
CA ILE A 27 -21.04 18.36 -28.61
C ILE A 27 -20.35 18.96 -29.84
N ALA A 28 -19.01 19.03 -29.82
CA ALA A 28 -18.23 19.58 -30.93
C ALA A 28 -18.36 18.70 -32.17
N SER A 29 -18.34 17.37 -31.99
CA SER A 29 -18.53 16.43 -33.08
C SER A 29 -19.88 16.64 -33.75
N ALA A 30 -20.93 16.80 -32.93
CA ALA A 30 -22.29 16.97 -33.42
C ALA A 30 -22.45 18.34 -34.08
N PHE A 31 -21.71 19.33 -33.59
CA PHE A 31 -21.71 20.67 -34.17
C PHE A 31 -21.16 20.60 -35.59
N ALA A 32 -19.98 19.96 -35.73
CA ALA A 32 -19.39 19.74 -37.03
C ALA A 32 -20.38 19.06 -37.95
N GLU A 33 -21.04 18.01 -37.42
CA GLU A 33 -21.98 17.20 -38.17
C GLU A 33 -23.13 18.05 -38.71
N GLN A 34 -23.44 19.14 -38.00
CA GLN A 34 -24.50 20.06 -38.40
C GLN A 34 -23.94 21.19 -39.28
N GLY A 35 -22.63 21.13 -39.58
CA GLY A 35 -22.02 22.01 -40.57
C GLY A 35 -21.27 23.19 -39.93
N ALA A 36 -20.98 23.09 -38.63
CA ALA A 36 -20.29 24.16 -37.93
C ALA A 36 -18.78 24.00 -38.13
N LYS A 37 -18.08 25.14 -38.25
CA LYS A 37 -16.63 25.18 -38.25
C LYS A 37 -16.17 25.11 -36.79
N VAL A 38 -15.66 23.94 -36.41
CA VAL A 38 -15.44 23.60 -35.00
C VAL A 38 -14.03 24.00 -34.57
N CYS A 39 -13.95 24.68 -33.41
CA CYS A 39 -12.69 24.92 -32.72
C CYS A 39 -12.80 24.32 -31.31
N PHE A 40 -11.64 24.06 -30.69
CA PHE A 40 -11.61 23.62 -29.31
C PHE A 40 -10.25 23.96 -28.71
N ASN A 41 -10.13 23.79 -27.39
CA ASN A 41 -8.87 24.03 -26.71
C ASN A 41 -8.73 23.10 -25.51
N ASP A 42 -7.49 22.94 -25.04
CA ASP A 42 -7.22 22.22 -23.81
C ASP A 42 -5.93 22.78 -23.20
N ILE A 43 -5.45 22.15 -22.11
CA ILE A 43 -4.50 22.77 -21.22
C ILE A 43 -3.06 22.52 -21.68
N ASN A 44 -2.82 21.43 -22.42
CA ASN A 44 -1.48 21.14 -22.92
C ASN A 44 -1.55 20.54 -24.32
N GLN A 45 -0.39 20.46 -24.97
CA GLN A 45 -0.27 20.05 -26.36
C GLN A 45 -0.70 18.59 -26.54
N GLU A 46 -0.38 17.75 -25.55
CA GLU A 46 -0.69 16.33 -25.61
C GLU A 46 -2.20 16.14 -25.78
N LEU A 47 -2.98 16.85 -24.97
CA LEU A 47 -4.42 16.67 -24.93
C LEU A 47 -5.07 17.23 -26.20
N VAL A 48 -4.45 18.27 -26.78
CA VAL A 48 -4.93 18.85 -28.03
C VAL A 48 -4.66 17.86 -29.17
N ASP A 49 -3.46 17.28 -29.19
CA ASP A 49 -3.07 16.37 -30.26
C ASP A 49 -3.96 15.14 -30.26
N LYS A 50 -4.25 14.59 -29.07
CA LYS A 50 -5.18 13.48 -28.93
C LYS A 50 -6.54 13.86 -29.51
N GLY A 51 -7.00 15.07 -29.17
CA GLY A 51 -8.28 15.57 -29.65
C GLY A 51 -8.30 15.68 -31.18
N MET A 52 -7.38 16.48 -31.71
CA MET A 52 -7.24 16.70 -33.15
C MET A 52 -7.31 15.36 -33.90
N ALA A 53 -6.64 14.34 -33.36
CA ALA A 53 -6.59 13.02 -33.97
C ALA A 53 -7.98 12.39 -34.01
N ALA A 54 -8.77 12.57 -32.95
CA ALA A 54 -10.10 11.98 -32.84
C ALA A 54 -11.09 12.70 -33.76
N TYR A 55 -10.94 14.03 -33.89
CA TYR A 55 -11.77 14.82 -34.78
C TYR A 55 -11.46 14.46 -36.23
N ALA A 56 -10.17 14.40 -36.55
CA ALA A 56 -9.72 13.92 -37.84
C ALA A 56 -10.33 12.54 -38.14
N ALA A 57 -10.40 11.67 -37.11
CA ALA A 57 -10.82 10.28 -37.24
C ALA A 57 -12.29 10.15 -37.60
N LYS A 58 -13.07 11.21 -37.39
CA LYS A 58 -14.46 11.26 -37.80
C LYS A 58 -14.65 12.12 -39.03
N GLY A 59 -13.54 12.63 -39.61
CA GLY A 59 -13.55 13.47 -40.79
C GLY A 59 -13.85 14.93 -40.45
N ILE A 60 -13.24 15.42 -39.37
CA ILE A 60 -13.51 16.76 -38.87
C ILE A 60 -12.19 17.52 -38.76
N LYS A 61 -12.18 18.71 -39.37
CA LYS A 61 -11.04 19.61 -39.33
C LYS A 61 -11.15 20.56 -38.15
N ALA A 62 -10.98 20.00 -36.94
CA ALA A 62 -11.04 20.79 -35.73
C ALA A 62 -9.82 21.71 -35.66
N HIS A 63 -10.05 22.96 -35.23
CA HIS A 63 -8.96 23.90 -34.97
C HIS A 63 -8.67 23.86 -33.48
N GLY A 64 -7.66 23.07 -33.11
CA GLY A 64 -7.26 22.90 -31.72
C GLY A 64 -6.26 23.98 -31.29
N TYR A 65 -6.32 24.36 -30.00
CA TYR A 65 -5.43 25.36 -29.43
C TYR A 65 -5.06 24.93 -28.01
N VAL A 66 -3.80 25.18 -27.63
CA VAL A 66 -3.38 25.02 -26.24
C VAL A 66 -3.64 26.35 -25.55
N CYS A 67 -4.67 26.39 -24.69
CA CYS A 67 -5.04 27.62 -23.98
C CYS A 67 -5.60 27.27 -22.60
N ASP A 68 -5.08 27.97 -21.58
CA ASP A 68 -5.65 27.95 -20.25
C ASP A 68 -6.75 29.00 -20.18
N VAL A 69 -7.95 28.58 -19.77
CA VAL A 69 -9.14 29.42 -19.85
C VAL A 69 -9.14 30.42 -18.69
N THR A 70 -8.35 30.17 -17.64
CA THR A 70 -8.24 31.10 -16.52
C THR A 70 -7.22 32.20 -16.83
N ASP A 71 -6.43 32.01 -17.90
CA ASP A 71 -5.51 33.04 -18.38
C ASP A 71 -6.24 33.90 -19.41
N GLU A 72 -6.64 35.11 -18.99
CA GLU A 72 -7.41 36.01 -19.84
C GLU A 72 -6.59 36.42 -21.06
N PRO A 73 -5.35 36.95 -20.90
CA PRO A 73 -4.51 37.30 -22.05
C PRO A 73 -4.38 36.19 -23.10
N ALA A 74 -4.27 34.93 -22.65
CA ALA A 74 -4.12 33.77 -23.52
C ALA A 74 -5.42 33.47 -24.27
N VAL A 75 -6.55 33.62 -23.56
CA VAL A 75 -7.86 33.48 -24.15
C VAL A 75 -8.06 34.57 -25.20
N GLN A 76 -7.79 35.83 -24.81
CA GLN A 76 -7.92 36.98 -25.70
C GLN A 76 -7.20 36.70 -27.01
N ALA A 77 -6.00 36.13 -26.91
CA ALA A 77 -5.18 35.80 -28.06
C ALA A 77 -5.86 34.70 -28.89
N MET A 78 -6.23 33.61 -28.22
CA MET A 78 -6.84 32.45 -28.86
C MET A 78 -8.05 32.87 -29.70
N VAL A 79 -8.85 33.80 -29.17
CA VAL A 79 -10.06 34.26 -29.84
C VAL A 79 -9.70 35.04 -31.09
N ALA A 80 -8.72 35.95 -30.99
CA ALA A 80 -8.28 36.75 -32.12
C ALA A 80 -7.62 35.87 -33.19
N THR A 81 -7.01 34.75 -32.78
CA THR A 81 -6.42 33.80 -33.71
C THR A 81 -7.51 33.07 -34.48
N ILE A 82 -8.60 32.71 -33.80
CA ILE A 82 -9.73 32.05 -34.44
C ILE A 82 -10.46 33.05 -35.33
N ALA A 83 -10.50 34.32 -34.91
CA ALA A 83 -11.13 35.38 -35.69
C ALA A 83 -10.38 35.58 -37.01
N LYS A 84 -9.05 35.37 -36.97
CA LYS A 84 -8.17 35.60 -38.10
C LYS A 84 -8.23 34.41 -39.06
N GLU A 85 -8.00 33.21 -38.51
CA GLU A 85 -7.85 31.99 -39.30
C GLU A 85 -9.21 31.46 -39.77
N VAL A 86 -10.17 31.37 -38.85
CA VAL A 86 -11.42 30.66 -39.08
C VAL A 86 -12.59 31.63 -39.24
N GLY A 87 -12.67 32.64 -38.37
CA GLY A 87 -13.73 33.63 -38.38
C GLY A 87 -14.22 33.97 -36.97
N THR A 88 -14.99 35.05 -36.84
CA THR A 88 -15.46 35.51 -35.54
C THR A 88 -16.40 34.46 -34.95
N ILE A 89 -16.28 34.24 -33.64
CA ILE A 89 -16.97 33.14 -32.98
C ILE A 89 -18.45 33.48 -32.88
N ASP A 90 -19.29 32.48 -33.20
CA ASP A 90 -20.74 32.62 -33.18
C ASP A 90 -21.33 31.77 -32.06
N ILE A 91 -20.67 30.65 -31.71
CA ILE A 91 -21.19 29.70 -30.74
C ILE A 91 -20.08 29.36 -29.74
N LEU A 92 -20.25 29.82 -28.49
CA LEU A 92 -19.35 29.46 -27.40
C LEU A 92 -20.01 28.40 -26.53
N VAL A 93 -19.24 27.36 -26.19
CA VAL A 93 -19.69 26.34 -25.26
C VAL A 93 -18.63 26.21 -24.16
N ASN A 94 -18.91 26.78 -22.99
CA ASN A 94 -18.03 26.67 -21.83
C ASN A 94 -18.18 25.28 -21.21
N ASN A 95 -17.47 24.31 -21.79
CA ASN A 95 -17.49 22.92 -21.35
C ASN A 95 -16.39 22.69 -20.31
N ALA A 96 -15.22 23.32 -20.55
CA ALA A 96 -14.02 23.09 -19.75
C ALA A 96 -14.29 23.34 -18.27
N GLY A 97 -13.94 22.34 -17.44
CA GLY A 97 -14.17 22.40 -16.01
C GLY A 97 -13.56 21.19 -15.31
N ILE A 98 -13.44 21.28 -13.97
CA ILE A 98 -12.81 20.24 -13.18
C ILE A 98 -13.68 19.91 -11.98
N ILE A 99 -13.67 18.63 -11.58
CA ILE A 99 -14.38 18.17 -10.40
C ILE A 99 -13.33 17.89 -9.33
N ARG A 100 -13.69 18.13 -8.06
CA ARG A 100 -12.81 17.86 -6.94
C ARG A 100 -13.66 17.37 -5.77
N ARG A 101 -13.34 16.17 -5.29
CA ARG A 101 -14.09 15.54 -4.20
C ARG A 101 -13.29 15.63 -2.90
N VAL A 102 -13.60 16.64 -2.07
CA VAL A 102 -12.93 16.84 -0.79
C VAL A 102 -13.96 17.35 0.21
N PRO A 103 -14.11 16.73 1.41
CA PRO A 103 -14.92 17.32 2.46
C PRO A 103 -14.60 18.79 2.66
N MET A 104 -15.63 19.63 2.74
CA MET A 104 -15.47 21.08 2.63
C MET A 104 -14.58 21.61 3.74
N HIS A 105 -14.76 21.09 4.97
CA HIS A 105 -13.99 21.54 6.13
C HIS A 105 -12.51 21.16 5.98
N GLU A 106 -12.23 20.09 5.23
CA GLU A 106 -10.88 19.59 5.02
C GLU A 106 -10.24 20.19 3.76
N MET A 107 -11.02 20.94 2.96
CA MET A 107 -10.57 21.38 1.66
C MET A 107 -9.71 22.64 1.79
N ASP A 108 -8.58 22.65 1.08
CA ASP A 108 -7.66 23.77 1.07
C ASP A 108 -8.34 24.94 0.36
N ALA A 109 -8.05 26.16 0.82
CA ALA A 109 -8.61 27.36 0.22
C ALA A 109 -8.10 27.55 -1.20
N ALA A 110 -6.88 27.06 -1.46
CA ALA A 110 -6.29 27.11 -2.79
C ALA A 110 -7.04 26.19 -3.75
N ASP A 111 -7.47 25.01 -3.29
CA ASP A 111 -8.21 24.07 -4.10
C ASP A 111 -9.58 24.64 -4.50
N PHE A 112 -10.33 25.08 -3.49
CA PHE A 112 -11.66 25.63 -3.69
C PHE A 112 -11.59 26.68 -4.80
N ARG A 113 -10.63 27.62 -4.65
CA ARG A 113 -10.49 28.75 -5.55
C ARG A 113 -10.22 28.29 -6.98
N ARG A 114 -9.37 27.26 -7.13
CA ARG A 114 -9.06 26.69 -8.44
C ARG A 114 -10.36 26.28 -9.13
N VAL A 115 -11.21 25.53 -8.42
CA VAL A 115 -12.41 24.95 -8.98
C VAL A 115 -13.33 26.09 -9.46
N ILE A 116 -13.50 27.10 -8.59
CA ILE A 116 -14.31 28.25 -8.93
C ILE A 116 -13.71 28.96 -10.15
N ASP A 117 -12.38 29.05 -10.18
CA ASP A 117 -11.69 29.82 -11.20
C ASP A 117 -11.93 29.22 -12.58
N ILE A 118 -11.85 27.89 -12.67
CA ILE A 118 -11.94 27.18 -13.94
C ILE A 118 -13.41 26.99 -14.33
N ASP A 119 -14.28 26.74 -13.33
CA ASP A 119 -15.64 26.34 -13.60
C ASP A 119 -16.58 27.54 -13.66
N LEU A 120 -16.21 28.65 -13.00
CA LEU A 120 -17.08 29.82 -12.90
C LEU A 120 -16.42 31.02 -13.58
N ASN A 121 -15.26 31.45 -13.07
CA ASN A 121 -14.62 32.68 -13.52
C ASN A 121 -14.20 32.56 -14.97
N ALA A 122 -13.68 31.40 -15.37
CA ALA A 122 -13.19 31.21 -16.72
C ALA A 122 -14.33 31.40 -17.72
N PRO A 123 -15.48 30.66 -17.62
CA PRO A 123 -16.64 30.95 -18.44
C PRO A 123 -16.95 32.45 -18.57
N PHE A 124 -16.70 33.22 -17.50
CA PHE A 124 -16.78 34.67 -17.58
C PHE A 124 -15.76 35.18 -18.60
N ILE A 125 -14.49 34.81 -18.42
CA ILE A 125 -13.38 35.36 -19.20
C ILE A 125 -13.57 35.07 -20.69
N VAL A 126 -14.00 33.83 -21.00
CA VAL A 126 -14.10 33.36 -22.38
C VAL A 126 -15.29 34.03 -23.03
N ALA A 127 -16.40 34.15 -22.29
CA ALA A 127 -17.61 34.80 -22.77
C ALA A 127 -17.34 36.28 -23.04
N LYS A 128 -16.58 36.92 -22.13
CA LYS A 128 -16.20 38.31 -22.25
C LYS A 128 -15.46 38.54 -23.57
N ALA A 129 -14.62 37.58 -23.97
CA ALA A 129 -13.79 37.72 -25.15
C ALA A 129 -14.60 37.59 -26.44
N VAL A 130 -15.66 36.76 -26.44
CA VAL A 130 -16.36 36.41 -27.67
C VAL A 130 -17.60 37.30 -27.87
N LEU A 131 -17.93 38.12 -26.87
CA LEU A 131 -19.15 38.93 -26.89
C LEU A 131 -19.01 40.13 -27.81
N PRO A 132 -17.89 40.90 -27.79
CA PRO A 132 -17.72 42.04 -28.70
C PRO A 132 -17.97 41.69 -30.17
N ALA A 133 -17.49 40.52 -30.59
CA ALA A 133 -17.73 40.00 -31.93
C ALA A 133 -19.21 39.82 -32.16
N MET A 134 -19.87 39.10 -31.25
CA MET A 134 -21.29 38.75 -31.38
C MET A 134 -22.16 40.01 -31.34
N MET A 135 -21.81 40.96 -30.45
CA MET A 135 -22.57 42.19 -30.27
C MET A 135 -22.60 43.02 -31.55
N GLU A 136 -21.48 43.04 -32.28
CA GLU A 136 -21.40 43.73 -33.56
C GLU A 136 -22.38 43.10 -34.55
N LYS A 137 -22.20 41.81 -34.82
CA LYS A 137 -22.95 41.11 -35.85
C LYS A 137 -24.38 40.84 -35.40
N ARG A 138 -24.68 41.12 -34.12
CA ARG A 138 -26.03 41.01 -33.56
C ARG A 138 -26.55 39.58 -33.71
N ALA A 139 -25.70 38.62 -33.34
CA ALA A 139 -26.05 37.20 -33.36
C ALA A 139 -24.99 36.43 -32.59
N GLY A 140 -25.43 35.54 -31.70
CA GLY A 140 -24.50 34.77 -30.89
C GLY A 140 -25.20 33.71 -30.06
N LYS A 141 -24.44 32.68 -29.69
CA LYS A 141 -24.90 31.64 -28.77
C LYS A 141 -23.79 31.39 -27.76
N ILE A 142 -24.17 31.34 -26.48
CA ILE A 142 -23.26 30.99 -25.40
C ILE A 142 -23.94 29.93 -24.55
N ILE A 143 -23.45 28.69 -24.67
CA ILE A 143 -24.04 27.56 -23.95
C ILE A 143 -23.08 27.15 -22.83
N ASN A 144 -23.46 27.45 -21.58
CA ASN A 144 -22.67 27.06 -20.43
C ASN A 144 -23.09 25.66 -19.98
N ILE A 145 -22.10 24.76 -19.80
CA ILE A 145 -22.38 23.42 -19.33
C ILE A 145 -22.45 23.44 -17.80
N CYS A 146 -23.67 23.52 -17.27
CA CYS A 146 -23.91 23.43 -15.85
C CYS A 146 -23.93 21.96 -15.45
N SER A 147 -24.42 21.67 -14.24
CA SER A 147 -24.57 20.30 -13.78
C SER A 147 -25.89 20.17 -13.04
N MET A 148 -26.16 18.98 -12.50
CA MET A 148 -27.23 18.81 -11.55
C MET A 148 -26.86 19.48 -10.23
N MET A 149 -25.56 19.76 -10.06
CA MET A 149 -25.05 20.46 -8.88
C MET A 149 -25.36 21.96 -8.97
N SER A 150 -25.96 22.40 -10.07
CA SER A 150 -26.51 23.75 -10.14
C SER A 150 -27.79 23.85 -9.31
N GLU A 151 -28.36 22.70 -8.91
CA GLU A 151 -29.57 22.68 -8.10
C GLU A 151 -29.34 21.96 -6.77
N LEU A 152 -28.67 20.80 -6.82
CA LEU A 152 -28.55 19.93 -5.67
C LEU A 152 -27.10 19.86 -5.22
N GLY A 153 -26.89 19.72 -3.90
CA GLY A 153 -25.57 19.50 -3.36
C GLY A 153 -25.34 18.01 -3.07
N ARG A 154 -24.08 17.66 -2.83
CA ARG A 154 -23.70 16.35 -2.33
C ARG A 154 -22.46 16.54 -1.45
N GLU A 155 -22.04 15.48 -0.76
CA GLU A 155 -20.84 15.50 0.05
C GLU A 155 -19.62 15.60 -0.86
N THR A 156 -18.60 16.34 -0.42
CA THR A 156 -17.30 16.41 -1.06
C THR A 156 -17.30 17.43 -2.20
N VAL A 157 -18.37 17.46 -3.00
CA VAL A 157 -18.39 18.26 -4.22
C VAL A 157 -18.82 19.70 -3.92
N SER A 158 -18.50 20.18 -2.70
CA SER A 158 -18.90 21.50 -2.24
C SER A 158 -18.50 22.59 -3.23
N ALA A 159 -17.19 22.74 -3.46
CA ALA A 159 -16.68 23.78 -4.35
C ALA A 159 -17.31 23.65 -5.74
N TYR A 160 -17.41 22.41 -6.25
CA TYR A 160 -17.88 22.16 -7.59
C TYR A 160 -19.32 22.63 -7.76
N ALA A 161 -20.13 22.37 -6.73
CA ALA A 161 -21.53 22.80 -6.71
C ALA A 161 -21.62 24.33 -6.70
N ALA A 162 -20.89 24.96 -5.78
CA ALA A 162 -20.84 26.41 -5.66
C ALA A 162 -20.53 27.05 -7.02
N ALA A 163 -19.60 26.44 -7.77
CA ALA A 163 -19.24 26.93 -9.09
C ALA A 163 -20.42 26.80 -10.04
N LYS A 164 -20.98 25.59 -10.12
CA LYS A 164 -22.01 25.25 -11.09
C LYS A 164 -23.29 26.04 -10.81
N GLY A 165 -23.60 26.25 -9.52
CA GLY A 165 -24.71 27.09 -9.13
C GLY A 165 -24.49 28.55 -9.51
N GLY A 166 -23.23 28.98 -9.49
CA GLY A 166 -22.86 30.33 -9.87
C GLY A 166 -22.90 30.49 -11.39
N LEU A 167 -22.49 29.43 -12.10
CA LEU A 167 -22.50 29.43 -13.56
C LEU A 167 -23.94 29.53 -14.05
N LYS A 168 -24.86 28.93 -13.27
CA LYS A 168 -26.28 28.96 -13.59
C LYS A 168 -26.78 30.40 -13.64
N MET A 169 -26.38 31.22 -12.66
CA MET A 169 -26.76 32.63 -12.64
C MET A 169 -25.99 33.42 -13.70
N LEU A 170 -24.71 33.09 -13.89
CA LEU A 170 -23.92 33.73 -14.93
C LEU A 170 -24.65 33.59 -16.27
N THR A 171 -25.18 32.39 -16.54
CA THR A 171 -26.02 32.15 -17.69
C THR A 171 -27.14 33.18 -17.72
N ARG A 172 -27.88 33.28 -16.61
CA ARG A 172 -29.08 34.10 -16.54
C ARG A 172 -28.72 35.58 -16.67
N ASN A 173 -27.47 35.92 -16.33
CA ASN A 173 -27.06 37.31 -16.35
C ASN A 173 -26.60 37.70 -17.74
N ILE A 174 -25.88 36.80 -18.42
CA ILE A 174 -25.46 37.05 -19.79
C ILE A 174 -26.69 37.16 -20.69
N CYS A 175 -27.74 36.40 -20.33
CA CYS A 175 -29.05 36.52 -20.99
C CYS A 175 -29.63 37.91 -20.72
N SER A 176 -29.60 38.32 -19.45
CA SER A 176 -30.15 39.58 -19.01
C SER A 176 -29.50 40.76 -19.73
N GLU A 177 -28.18 40.71 -19.85
CA GLU A 177 -27.39 41.87 -20.22
C GLU A 177 -27.27 41.99 -21.74
N TYR A 178 -27.10 40.84 -22.43
CA TYR A 178 -26.73 40.84 -23.83
C TYR A 178 -27.82 40.22 -24.71
N GLY A 179 -28.98 39.95 -24.14
CA GLY A 179 -30.09 39.37 -24.89
C GLY A 179 -30.61 40.32 -25.98
N GLU A 180 -30.46 41.63 -25.76
CA GLU A 180 -30.96 42.66 -26.66
C GLU A 180 -30.15 42.69 -27.96
N TYR A 181 -28.92 42.15 -27.95
CA TYR A 181 -28.11 42.07 -29.14
C TYR A 181 -28.40 40.77 -29.90
N ASN A 182 -29.51 40.10 -29.55
CA ASN A 182 -29.86 38.80 -30.12
C ASN A 182 -28.76 37.78 -29.81
N ILE A 183 -28.30 37.80 -28.55
CA ILE A 183 -27.41 36.78 -28.01
C ILE A 183 -28.23 35.92 -27.05
N GLN A 184 -28.31 34.62 -27.34
CA GLN A 184 -29.00 33.69 -26.47
C GLN A 184 -27.98 32.93 -25.63
N CYS A 185 -27.96 33.20 -24.31
CA CYS A 185 -27.12 32.46 -23.39
C CYS A 185 -27.98 31.53 -22.54
N ASN A 186 -27.84 30.23 -22.80
CA ASN A 186 -28.60 29.19 -22.12
C ASN A 186 -27.60 28.27 -21.42
N GLY A 187 -28.10 27.14 -20.91
CA GLY A 187 -27.26 26.22 -20.18
C GLY A 187 -27.75 24.78 -20.32
N ILE A 188 -26.79 23.85 -20.32
CA ILE A 188 -27.07 22.43 -20.42
C ILE A 188 -26.63 21.77 -19.10
N GLY A 189 -27.57 21.01 -18.50
CA GLY A 189 -27.37 20.36 -17.22
C GLY A 189 -27.40 18.84 -17.37
N PRO A 190 -26.26 18.19 -17.65
CA PRO A 190 -26.23 16.75 -17.82
C PRO A 190 -26.54 16.01 -16.52
N GLY A 191 -27.34 14.94 -16.63
CA GLY A 191 -27.55 14.01 -15.53
C GLY A 191 -26.35 13.08 -15.37
N TYR A 192 -26.64 11.84 -14.98
CA TYR A 192 -25.60 10.82 -14.85
C TYR A 192 -25.23 10.34 -16.25
N ILE A 193 -24.04 10.73 -16.72
CA ILE A 193 -23.56 10.38 -18.05
C ILE A 193 -22.72 9.11 -17.96
N ALA A 194 -22.96 8.19 -18.91
CA ALA A 194 -22.21 6.94 -19.01
C ALA A 194 -20.91 7.19 -19.78
N THR A 195 -19.86 7.55 -19.04
CA THR A 195 -18.56 7.78 -19.63
C THR A 195 -17.77 6.47 -19.60
N PRO A 196 -16.61 6.39 -20.30
CA PRO A 196 -15.71 5.26 -20.18
C PRO A 196 -15.16 5.05 -18.78
N GLN A 197 -14.93 6.16 -18.05
CA GLN A 197 -14.37 6.14 -16.71
C GLN A 197 -15.32 5.43 -15.74
N THR A 198 -16.63 5.53 -15.99
CA THR A 198 -17.66 5.00 -15.10
C THR A 198 -18.13 3.63 -15.58
N ALA A 199 -17.42 3.05 -16.56
CA ALA A 199 -17.81 1.76 -17.14
C ALA A 199 -17.81 0.65 -16.08
N PRO A 200 -16.85 0.62 -15.12
CA PRO A 200 -16.85 -0.40 -14.07
C PRO A 200 -18.15 -0.48 -13.25
N LEU A 201 -18.81 0.66 -13.07
CA LEU A 201 -19.95 0.76 -12.16
C LEU A 201 -21.20 0.12 -12.75
N ARG A 202 -21.13 -0.27 -14.04
CA ARG A 202 -22.23 -0.97 -14.70
C ARG A 202 -21.81 -2.41 -15.01
N GLU A 203 -21.37 -3.14 -13.97
CA GLU A 203 -20.99 -4.54 -14.08
C GLU A 203 -21.71 -5.34 -12.99
N PRO A 204 -21.97 -6.66 -13.22
CA PRO A 204 -22.55 -7.51 -12.18
C PRO A 204 -21.67 -7.65 -10.94
N ARG A 210 -26.72 -5.00 -11.27
CA ARG A 210 -26.88 -5.25 -9.81
C ARG A 210 -25.85 -4.47 -8.98
N HIS A 211 -24.94 -3.72 -9.62
CA HIS A 211 -23.99 -2.91 -8.88
C HIS A 211 -24.75 -1.90 -8.02
N PRO A 212 -24.40 -1.73 -6.72
CA PRO A 212 -25.15 -0.85 -5.82
C PRO A 212 -25.33 0.57 -6.34
N PHE A 213 -24.35 1.06 -7.10
CA PHE A 213 -24.35 2.42 -7.63
C PHE A 213 -25.30 2.51 -8.82
N ASP A 214 -25.11 1.63 -9.81
CA ASP A 214 -25.94 1.59 -11.01
C ASP A 214 -27.42 1.40 -10.61
N SER A 215 -27.66 0.57 -9.59
CA SER A 215 -29.00 0.35 -9.07
C SER A 215 -29.55 1.65 -8.50
N PHE A 216 -28.69 2.40 -7.78
CA PHE A 216 -29.08 3.64 -7.15
C PHE A 216 -29.40 4.71 -8.19
N ILE A 217 -28.63 4.71 -9.29
CA ILE A 217 -28.81 5.72 -10.34
C ILE A 217 -30.08 5.43 -11.13
N CYS A 218 -30.34 4.15 -11.43
CA CYS A 218 -31.49 3.76 -12.23
C CYS A 218 -32.78 3.91 -11.42
N ALA A 219 -32.64 3.93 -10.09
CA ALA A 219 -33.74 4.24 -9.18
C ALA A 219 -34.12 5.71 -9.32
N LYS A 220 -33.14 6.60 -9.13
CA LYS A 220 -33.36 8.04 -9.20
C LYS A 220 -33.79 8.50 -10.58
N THR A 221 -33.40 7.76 -11.64
CA THR A 221 -33.70 8.14 -13.01
C THR A 221 -34.99 7.44 -13.45
N PRO A 222 -36.05 8.21 -13.79
CA PRO A 222 -37.26 7.64 -14.37
C PRO A 222 -37.01 6.84 -15.64
N ALA A 223 -36.13 7.38 -16.51
CA ALA A 223 -35.76 6.71 -17.74
C ALA A 223 -35.05 5.39 -17.46
N GLY A 224 -34.60 5.21 -16.20
CA GLY A 224 -34.17 3.94 -15.66
C GLY A 224 -32.83 3.49 -16.25
N ARG A 225 -31.97 4.46 -16.58
CA ARG A 225 -30.73 4.18 -17.27
C ARG A 225 -29.79 5.37 -17.14
N TRP A 226 -28.51 5.13 -17.44
CA TRP A 226 -27.55 6.20 -17.59
C TRP A 226 -27.75 6.86 -18.94
N LEU A 227 -27.30 8.11 -19.07
CA LEU A 227 -27.40 8.84 -20.33
C LEU A 227 -26.06 8.77 -21.06
N ASP A 228 -26.09 8.29 -22.30
CA ASP A 228 -24.93 8.27 -23.17
C ASP A 228 -24.61 9.72 -23.55
N PRO A 229 -23.32 10.17 -23.52
CA PRO A 229 -22.97 11.56 -23.81
C PRO A 229 -23.66 12.15 -25.03
N GLU A 230 -23.85 11.32 -26.07
CA GLU A 230 -24.43 11.76 -27.33
C GLU A 230 -25.87 12.24 -27.13
N GLU A 231 -26.50 11.84 -26.01
CA GLU A 231 -27.83 12.30 -25.63
C GLU A 231 -27.85 13.82 -25.43
N LEU A 232 -26.68 14.41 -25.12
CA LEU A 232 -26.57 15.83 -24.84
C LEU A 232 -26.41 16.64 -26.13
N THR A 233 -26.11 15.96 -27.24
CA THR A 233 -25.77 16.62 -28.50
C THR A 233 -27.02 17.25 -29.13
N GLY A 234 -28.13 16.49 -29.13
CA GLY A 234 -29.40 17.01 -29.60
C GLY A 234 -29.73 18.34 -28.95
N PRO A 235 -29.89 18.37 -27.61
CA PRO A 235 -30.05 19.61 -26.85
C PRO A 235 -29.03 20.70 -27.16
N ALA A 236 -27.76 20.31 -27.28
CA ALA A 236 -26.69 21.27 -27.52
C ALA A 236 -26.88 21.95 -28.88
N VAL A 237 -27.17 21.15 -29.91
CA VAL A 237 -27.41 21.68 -31.24
C VAL A 237 -28.62 22.60 -31.20
N PHE A 238 -29.66 22.18 -30.48
CA PHE A 238 -30.91 22.93 -30.39
C PHE A 238 -30.65 24.33 -29.85
N LEU A 239 -29.81 24.45 -28.81
CA LEU A 239 -29.53 25.74 -28.17
C LEU A 239 -28.58 26.60 -29.01
N ALA A 240 -27.83 25.94 -29.91
CA ALA A 240 -26.91 26.62 -30.82
C ALA A 240 -27.63 27.01 -32.11
N SER A 241 -28.79 26.38 -32.36
CA SER A 241 -29.53 26.59 -33.59
C SER A 241 -30.31 27.90 -33.52
N GLU A 242 -30.91 28.28 -34.65
CA GLU A 242 -31.72 29.49 -34.72
C GLU A 242 -33.14 29.18 -34.27
N ALA A 243 -33.45 27.90 -34.03
CA ALA A 243 -34.76 27.50 -33.53
C ALA A 243 -34.95 27.89 -32.07
N SER A 244 -33.85 28.08 -31.34
CA SER A 244 -33.90 28.38 -29.92
C SER A 244 -33.57 29.86 -29.67
N ASN A 245 -33.98 30.74 -30.59
CA ASN A 245 -33.68 32.15 -30.48
C ASN A 245 -34.56 32.82 -29.42
N ALA A 246 -35.71 32.21 -29.14
CA ALA A 246 -36.60 32.70 -28.11
C ALA A 246 -36.29 32.07 -26.75
N VAL A 247 -35.47 31.01 -26.74
CA VAL A 247 -35.00 30.41 -25.50
C VAL A 247 -33.78 31.20 -25.04
N ASN A 248 -33.86 31.80 -23.84
CA ASN A 248 -32.78 32.66 -23.33
C ASN A 248 -32.79 32.64 -21.81
N GLY A 249 -31.61 32.61 -21.21
CA GLY A 249 -31.46 32.60 -19.76
C GLY A 249 -31.95 31.29 -19.14
N HIS A 250 -32.07 30.25 -19.98
CA HIS A 250 -32.69 29.00 -19.58
C HIS A 250 -31.63 27.93 -19.35
N ILE A 251 -31.80 27.16 -18.25
CA ILE A 251 -31.02 25.96 -18.02
C ILE A 251 -31.86 24.79 -18.49
N LEU A 252 -31.39 24.14 -19.57
CA LEU A 252 -32.04 22.97 -20.14
C LEU A 252 -31.41 21.72 -19.54
N TYR A 253 -32.06 21.18 -18.50
CA TYR A 253 -31.57 19.97 -17.85
C TYR A 253 -31.88 18.76 -18.72
N VAL A 254 -30.84 17.96 -18.95
CA VAL A 254 -30.94 16.72 -19.70
C VAL A 254 -30.55 15.59 -18.74
N ASP A 255 -31.50 15.19 -17.91
CA ASP A 255 -31.21 14.36 -16.74
C ASP A 255 -31.85 12.98 -16.88
N GLY A 256 -32.85 12.85 -17.75
CA GLY A 256 -33.59 11.61 -17.87
C GLY A 256 -34.68 11.54 -16.79
N GLY A 257 -34.96 12.69 -16.18
CA GLY A 257 -36.12 12.85 -15.31
C GLY A 257 -35.74 13.05 -13.83
N ILE A 258 -34.43 13.08 -13.54
CA ILE A 258 -33.97 12.95 -12.16
C ILE A 258 -34.47 14.12 -11.31
N LEU A 259 -34.28 15.35 -11.79
CA LEU A 259 -34.66 16.55 -11.05
C LEU A 259 -36.17 16.62 -10.85
N ALA A 260 -36.94 15.91 -11.66
CA ALA A 260 -38.39 15.93 -11.57
C ALA A 260 -38.90 14.82 -10.66
N TYR A 261 -38.00 13.92 -10.24
CA TYR A 261 -38.38 12.67 -9.60
C TYR A 261 -37.85 12.63 -8.17
N ILE A 262 -38.73 12.26 -7.24
CA ILE A 262 -38.38 12.21 -5.82
C ILE A 262 -37.59 10.93 -5.56
N GLY A 263 -37.88 9.86 -6.31
CA GLY A 263 -37.05 8.66 -6.28
C GLY A 263 -37.89 7.39 -6.16
N LYS A 264 -37.23 6.25 -6.46
CA LYS A 264 -37.86 4.94 -6.40
C LYS A 264 -37.72 4.42 -4.97
N GLN A 265 -38.86 4.12 -4.34
CA GLN A 265 -38.89 3.80 -2.92
C GLN A 265 -39.50 2.41 -2.70
N PRO A 266 -38.87 1.54 -1.89
CA PRO A 266 -39.44 0.23 -1.57
C PRO A 266 -40.62 0.31 -0.59
N ASN B 2 -42.20 22.96 23.91
CA ASN B 2 -41.96 24.39 23.58
C ASN B 2 -40.58 24.61 22.97
N GLN B 3 -39.64 23.66 23.15
CA GLN B 3 -38.31 23.83 22.57
C GLN B 3 -38.39 23.78 21.04
N PHE B 4 -39.59 23.49 20.50
CA PHE B 4 -39.86 23.61 19.09
C PHE B 4 -40.34 25.01 18.72
N LEU B 5 -40.54 25.87 19.72
CA LEU B 5 -41.04 27.22 19.50
C LEU B 5 -40.18 28.24 20.25
N ASN B 6 -38.91 27.92 20.55
CA ASN B 6 -38.06 28.88 21.23
C ASN B 6 -37.21 29.60 20.18
N PHE B 7 -37.48 30.90 20.07
CA PHE B 7 -36.81 31.79 19.14
C PHE B 7 -35.69 32.52 19.88
N SER B 8 -35.39 32.05 21.10
CA SER B 8 -34.37 32.63 21.94
C SER B 8 -33.00 32.15 21.48
N LEU B 9 -32.03 33.07 21.50
CA LEU B 9 -30.64 32.75 21.19
C LEU B 9 -29.80 32.90 22.45
N GLU B 10 -30.41 32.61 23.61
CA GLU B 10 -29.75 32.72 24.90
C GLU B 10 -28.49 31.84 24.91
N GLY B 11 -27.34 32.48 25.15
CA GLY B 11 -26.10 31.77 25.38
C GLY B 11 -25.56 31.13 24.11
N LYS B 12 -25.92 31.70 22.95
CA LYS B 12 -25.39 31.25 21.68
C LYS B 12 -24.39 32.29 21.18
N VAL B 13 -23.22 31.80 20.76
CA VAL B 13 -22.17 32.63 20.20
C VAL B 13 -22.49 32.85 18.73
N ALA B 14 -22.38 34.09 18.27
CA ALA B 14 -22.77 34.44 16.91
C ALA B 14 -21.72 35.33 16.26
N LEU B 15 -21.41 35.02 15.00
CA LEU B 15 -20.46 35.79 14.21
C LEU B 15 -21.15 36.25 12.92
N VAL B 16 -21.33 37.56 12.79
CA VAL B 16 -21.89 38.15 11.60
C VAL B 16 -20.78 38.92 10.88
N THR B 17 -20.33 38.39 9.73
CA THR B 17 -19.22 38.99 9.01
C THR B 17 -19.68 40.30 8.37
N GLY B 18 -18.87 41.34 8.53
CA GLY B 18 -19.11 42.64 7.90
C GLY B 18 -20.23 43.43 8.58
N ALA B 19 -20.49 43.15 9.86
CA ALA B 19 -21.65 43.71 10.54
C ALA B 19 -21.29 44.98 11.31
N SER B 20 -20.57 45.90 10.64
CA SER B 20 -20.29 47.21 11.21
C SER B 20 -21.48 48.14 11.00
N TYR B 21 -22.22 47.91 9.91
CA TYR B 21 -23.43 48.67 9.62
C TYR B 21 -24.34 47.86 8.71
N GLY B 22 -25.53 48.41 8.42
CA GLY B 22 -26.42 47.87 7.41
C GLY B 22 -27.12 46.60 7.87
N ILE B 23 -27.36 45.68 6.93
CA ILE B 23 -28.12 44.47 7.15
C ILE B 23 -27.47 43.69 8.29
N GLY B 24 -26.18 43.38 8.11
CA GLY B 24 -25.42 42.63 9.09
C GLY B 24 -25.56 43.22 10.49
N PHE B 25 -25.57 44.55 10.56
CA PHE B 25 -25.71 45.24 11.83
C PHE B 25 -27.08 44.93 12.43
N ALA B 26 -28.12 45.07 11.61
CA ALA B 26 -29.49 44.83 12.05
C ALA B 26 -29.63 43.41 12.58
N ILE B 27 -29.05 42.46 11.85
CA ILE B 27 -29.15 41.05 12.19
C ILE B 27 -28.46 40.79 13.52
N ALA B 28 -27.27 41.39 13.69
CA ALA B 28 -26.47 41.21 14.89
C ALA B 28 -27.12 41.88 16.09
N SER B 29 -27.61 43.11 15.90
CA SER B 29 -28.34 43.82 16.94
C SER B 29 -29.53 42.99 17.40
N ALA B 30 -30.24 42.39 16.44
CA ALA B 30 -31.40 41.54 16.73
C ALA B 30 -30.97 40.26 17.44
N PHE B 31 -29.83 39.69 17.03
CA PHE B 31 -29.30 38.50 17.67
C PHE B 31 -29.00 38.79 19.14
N ALA B 32 -28.34 39.92 19.41
CA ALA B 32 -28.06 40.37 20.76
C ALA B 32 -29.36 40.46 21.57
N GLU B 33 -30.37 41.10 20.95
CA GLU B 33 -31.66 41.34 21.58
C GLU B 33 -32.31 40.02 21.99
N GLN B 34 -31.99 38.93 21.28
CA GLN B 34 -32.53 37.61 21.58
C GLN B 34 -31.61 36.82 22.52
N GLY B 35 -30.55 37.48 23.00
CA GLY B 35 -29.71 36.93 24.05
C GLY B 35 -28.46 36.24 23.52
N ALA B 36 -28.10 36.56 22.26
CA ALA B 36 -26.91 35.99 21.67
C ALA B 36 -25.69 36.79 22.07
N LYS B 37 -24.57 36.09 22.31
CA LYS B 37 -23.27 36.72 22.46
C LYS B 37 -22.75 37.04 21.06
N VAL B 38 -22.73 38.33 20.73
CA VAL B 38 -22.54 38.80 19.36
C VAL B 38 -21.06 39.09 19.09
N CYS B 39 -20.60 38.62 17.93
CA CYS B 39 -19.31 38.98 17.37
C CYS B 39 -19.50 39.47 15.95
N PHE B 40 -18.55 40.29 15.48
CA PHE B 40 -18.55 40.71 14.09
C PHE B 40 -17.12 41.05 13.67
N ASN B 41 -16.94 41.35 12.38
CA ASN B 41 -15.64 41.73 11.86
C ASN B 41 -15.81 42.65 10.66
N ASP B 42 -14.73 43.39 10.35
CA ASP B 42 -14.69 44.23 9.17
C ASP B 42 -13.23 44.33 8.73
N ILE B 43 -12.97 45.13 7.69
CA ILE B 43 -11.75 45.02 6.92
C ILE B 43 -10.65 45.89 7.54
N ASN B 44 -11.02 46.95 8.27
CA ASN B 44 -10.03 47.80 8.92
C ASN B 44 -10.54 48.26 10.28
N GLN B 45 -9.66 48.91 11.05
CA GLN B 45 -9.91 49.28 12.43
C GLN B 45 -10.95 50.39 12.53
N GLU B 46 -10.96 51.30 11.55
CA GLU B 46 -11.90 52.41 11.55
C GLU B 46 -13.34 51.88 11.52
N LEU B 47 -13.60 50.89 10.66
CA LEU B 47 -14.95 50.37 10.45
C LEU B 47 -15.39 49.54 11.65
N VAL B 48 -14.44 48.88 12.33
CA VAL B 48 -14.74 48.11 13.52
C VAL B 48 -15.10 49.05 14.65
N ASP B 49 -14.31 50.12 14.83
CA ASP B 49 -14.51 51.07 15.91
C ASP B 49 -15.86 51.77 15.78
N LYS B 50 -16.21 52.20 14.55
CA LYS B 50 -17.53 52.73 14.27
C LYS B 50 -18.59 51.74 14.71
N GLY B 51 -18.40 50.47 14.33
CA GLY B 51 -19.34 49.40 14.64
C GLY B 51 -19.50 49.21 16.15
N MET B 52 -18.36 49.03 16.83
CA MET B 52 -18.33 48.85 18.27
C MET B 52 -19.08 49.97 18.98
N ALA B 53 -18.95 51.20 18.46
CA ALA B 53 -19.58 52.37 19.02
C ALA B 53 -21.10 52.24 18.96
N ALA B 54 -21.61 51.79 17.80
CA ALA B 54 -23.04 51.69 17.56
C ALA B 54 -23.66 50.55 18.37
N TYR B 55 -22.94 49.43 18.51
CA TYR B 55 -23.40 48.30 19.32
C TYR B 55 -23.44 48.72 20.79
N ALA B 56 -22.38 49.44 21.22
CA ALA B 56 -22.29 50.00 22.55
C ALA B 56 -23.43 50.99 22.80
N ALA B 57 -23.82 51.74 21.75
CA ALA B 57 -24.86 52.75 21.85
C ALA B 57 -26.25 52.12 21.99
N LYS B 58 -26.37 50.82 21.71
CA LYS B 58 -27.62 50.09 21.91
C LYS B 58 -27.52 49.17 23.13
N GLY B 59 -26.42 49.30 23.89
CA GLY B 59 -26.21 48.50 25.08
C GLY B 59 -25.83 47.07 24.74
N ILE B 60 -24.95 46.92 23.73
CA ILE B 60 -24.52 45.63 23.23
C ILE B 60 -23.00 45.56 23.28
N LYS B 61 -22.49 44.46 23.87
CA LYS B 61 -21.07 44.22 24.04
C LYS B 61 -20.54 43.36 22.89
N ALA B 62 -20.54 43.95 21.69
CA ALA B 62 -20.08 43.26 20.50
C ALA B 62 -18.58 43.03 20.59
N HIS B 63 -18.14 41.84 20.19
CA HIS B 63 -16.73 41.53 20.09
C HIS B 63 -16.28 41.77 18.65
N GLY B 64 -15.71 42.95 18.40
CA GLY B 64 -15.29 43.34 17.06
C GLY B 64 -13.88 42.82 16.75
N TYR B 65 -13.62 42.57 15.46
CA TYR B 65 -12.32 42.08 15.01
C TYR B 65 -12.02 42.69 13.65
N VAL B 66 -10.76 43.06 13.42
CA VAL B 66 -10.30 43.42 12.09
C VAL B 66 -9.83 42.14 11.41
N CYS B 67 -10.63 41.65 10.45
CA CYS B 67 -10.28 40.46 9.69
C CYS B 67 -10.78 40.59 8.25
N ASP B 68 -9.91 40.20 7.31
CA ASP B 68 -10.28 39.98 5.93
C ASP B 68 -10.76 38.54 5.79
N VAL B 69 -11.93 38.34 5.19
CA VAL B 69 -12.57 37.02 5.17
C VAL B 69 -12.00 36.16 4.04
N THR B 70 -11.24 36.77 3.12
CA THR B 70 -10.58 36.06 2.03
C THR B 70 -9.22 35.54 2.48
N ASP B 71 -8.74 36.00 3.64
CA ASP B 71 -7.49 35.54 4.22
C ASP B 71 -7.79 34.41 5.19
N GLU B 72 -7.61 33.16 4.74
CA GLU B 72 -8.02 32.00 5.53
C GLU B 72 -7.26 31.96 6.86
N PRO B 73 -5.91 32.07 6.88
CA PRO B 73 -5.17 32.10 8.13
C PRO B 73 -5.68 33.12 9.14
N ALA B 74 -6.01 34.32 8.65
CA ALA B 74 -6.51 35.38 9.51
C ALA B 74 -7.85 34.98 10.11
N VAL B 75 -8.71 34.38 9.27
CA VAL B 75 -10.02 33.91 9.70
C VAL B 75 -9.84 32.79 10.73
N GLN B 76 -9.00 31.81 10.40
CA GLN B 76 -8.67 30.72 11.29
C GLN B 76 -8.35 31.29 12.67
N ALA B 77 -7.55 32.37 12.68
CA ALA B 77 -7.12 33.03 13.91
C ALA B 77 -8.31 33.63 14.63
N MET B 78 -9.10 34.44 13.90
CA MET B 78 -10.25 35.14 14.44
C MET B 78 -11.18 34.17 15.16
N VAL B 79 -11.40 33.00 14.55
CA VAL B 79 -12.30 32.00 15.09
C VAL B 79 -11.77 31.48 16.41
N ALA B 80 -10.48 31.12 16.46
CA ALA B 80 -9.86 30.57 17.66
C ALA B 80 -9.83 31.61 18.79
N THR B 81 -9.75 32.90 18.44
CA THR B 81 -9.76 33.98 19.41
C THR B 81 -11.14 34.09 20.03
N ILE B 82 -12.19 33.93 19.20
CA ILE B 82 -13.57 33.97 19.67
C ILE B 82 -13.85 32.72 20.50
N ALA B 83 -13.28 31.58 20.09
CA ALA B 83 -13.39 30.33 20.83
C ALA B 83 -12.79 30.48 22.23
N LYS B 84 -11.70 31.25 22.32
CA LYS B 84 -10.95 31.43 23.56
C LYS B 84 -11.70 32.41 24.48
N GLU B 85 -11.98 33.60 23.95
CA GLU B 85 -12.49 34.71 24.75
C GLU B 85 -13.98 34.55 25.03
N VAL B 86 -14.76 34.18 23.99
CA VAL B 86 -16.21 34.26 24.06
C VAL B 86 -16.83 32.86 24.08
N GLY B 87 -16.31 31.95 23.26
CA GLY B 87 -16.83 30.59 23.17
C GLY B 87 -16.92 30.12 21.72
N THR B 88 -17.08 28.81 21.53
CA THR B 88 -17.11 28.22 20.20
C THR B 88 -18.35 28.74 19.47
N ILE B 89 -18.20 29.01 18.17
CA ILE B 89 -19.24 29.68 17.41
C ILE B 89 -20.36 28.70 17.13
N ASP B 90 -21.59 29.18 17.30
CA ASP B 90 -22.81 28.39 17.11
C ASP B 90 -23.60 28.91 15.91
N ILE B 91 -23.52 30.22 15.64
CA ILE B 91 -24.31 30.85 14.59
C ILE B 91 -23.39 31.69 13.70
N LEU B 92 -23.17 31.23 12.45
CA LEU B 92 -22.41 32.00 11.49
C LEU B 92 -23.38 32.69 10.54
N VAL B 93 -23.13 33.98 10.29
CA VAL B 93 -23.86 34.71 9.27
C VAL B 93 -22.85 35.32 8.31
N ASN B 94 -22.76 34.74 7.09
CA ASN B 94 -21.92 35.25 6.03
C ASN B 94 -22.60 36.45 5.37
N ASN B 95 -22.49 37.61 6.04
CA ASN B 95 -23.10 38.84 5.55
C ASN B 95 -22.13 39.59 4.64
N ALA B 96 -20.83 39.60 5.02
CA ALA B 96 -19.81 40.40 4.36
C ALA B 96 -19.75 40.09 2.87
N GLY B 97 -19.74 41.16 2.07
CA GLY B 97 -19.78 41.04 0.62
C GLY B 97 -19.82 42.41 -0.04
N ILE B 98 -19.49 42.45 -1.34
CA ILE B 98 -19.34 43.70 -2.07
C ILE B 98 -20.15 43.61 -3.34
N ILE B 99 -20.60 44.78 -3.83
CA ILE B 99 -21.30 44.86 -5.10
C ILE B 99 -20.43 45.67 -6.06
N ARG B 100 -20.45 45.29 -7.34
CA ARG B 100 -19.68 45.96 -8.38
C ARG B 100 -20.51 46.00 -9.66
N ARG B 101 -20.73 47.22 -10.17
CA ARG B 101 -21.56 47.45 -11.34
C ARG B 101 -20.68 47.81 -12.53
N VAL B 102 -20.36 46.80 -13.35
CA VAL B 102 -19.52 46.97 -14.54
C VAL B 102 -20.08 46.08 -15.65
N PRO B 103 -20.33 46.60 -16.86
CA PRO B 103 -20.65 45.75 -18.00
C PRO B 103 -19.67 44.58 -18.11
N MET B 104 -20.22 43.35 -18.20
CA MET B 104 -19.41 42.15 -18.07
C MET B 104 -18.23 42.19 -19.05
N HIS B 105 -18.50 42.60 -20.30
CA HIS B 105 -17.49 42.57 -21.36
C HIS B 105 -16.40 43.62 -21.11
N GLU B 106 -16.70 44.65 -20.32
CA GLU B 106 -15.74 45.69 -19.99
C GLU B 106 -15.07 45.43 -18.64
N MET B 107 -15.52 44.41 -17.90
CA MET B 107 -15.06 44.18 -16.55
C MET B 107 -13.69 43.49 -16.57
N ASP B 108 -12.78 43.97 -15.72
CA ASP B 108 -11.47 43.36 -15.56
C ASP B 108 -11.63 42.01 -14.88
N ALA B 109 -10.83 41.03 -15.31
CA ALA B 109 -10.86 39.71 -14.73
C ALA B 109 -10.47 39.75 -13.25
N ALA B 110 -9.63 40.72 -12.88
CA ALA B 110 -9.22 40.91 -11.50
C ALA B 110 -10.42 41.34 -10.64
N ASP B 111 -11.27 42.22 -11.20
CA ASP B 111 -12.46 42.70 -10.52
C ASP B 111 -13.41 41.55 -10.25
N PHE B 112 -13.72 40.80 -11.32
CA PHE B 112 -14.65 39.69 -11.27
C PHE B 112 -14.24 38.72 -10.16
N ARG B 113 -12.96 38.37 -10.13
CA ARG B 113 -12.42 37.42 -9.16
C ARG B 113 -12.60 37.95 -7.74
N ARG B 114 -12.29 39.24 -7.53
CA ARG B 114 -12.45 39.85 -6.20
C ARG B 114 -13.85 39.58 -5.68
N VAL B 115 -14.85 39.89 -6.50
CA VAL B 115 -16.25 39.81 -6.09
C VAL B 115 -16.59 38.37 -5.72
N ILE B 116 -16.16 37.42 -6.57
CA ILE B 116 -16.38 36.01 -6.28
C ILE B 116 -15.68 35.65 -4.98
N ASP B 117 -14.45 36.13 -4.80
CA ASP B 117 -13.59 35.72 -3.69
C ASP B 117 -14.25 36.11 -2.38
N ILE B 118 -14.82 37.32 -2.31
CA ILE B 118 -15.39 37.87 -1.09
C ILE B 118 -16.81 37.32 -0.89
N ASP B 119 -17.57 37.20 -1.99
CA ASP B 119 -18.99 36.93 -1.89
C ASP B 119 -19.27 35.43 -1.94
N LEU B 120 -18.32 34.62 -2.44
CA LEU B 120 -18.56 33.19 -2.61
C LEU B 120 -17.51 32.37 -1.86
N ASN B 121 -16.22 32.60 -2.17
CA ASN B 121 -15.13 31.81 -1.62
C ASN B 121 -14.99 32.06 -0.12
N ALA B 122 -15.06 33.33 0.29
CA ALA B 122 -14.93 33.70 1.68
C ALA B 122 -15.95 32.96 2.53
N PRO B 123 -17.28 33.08 2.27
CA PRO B 123 -18.27 32.26 2.95
C PRO B 123 -17.88 30.79 3.12
N PHE B 124 -17.16 30.23 2.15
CA PHE B 124 -16.62 28.88 2.29
C PHE B 124 -15.57 28.85 3.40
N ILE B 125 -14.59 29.75 3.31
CA ILE B 125 -13.49 29.81 4.24
C ILE B 125 -14.00 29.93 5.68
N VAL B 126 -14.94 30.86 5.88
CA VAL B 126 -15.43 31.17 7.22
C VAL B 126 -16.25 29.98 7.73
N ALA B 127 -17.08 29.39 6.84
CA ALA B 127 -17.89 28.24 7.20
C ALA B 127 -16.99 27.07 7.55
N LYS B 128 -15.87 26.95 6.81
CA LYS B 128 -14.91 25.87 7.00
C LYS B 128 -14.32 25.94 8.41
N ALA B 129 -14.08 27.17 8.89
CA ALA B 129 -13.42 27.39 10.15
C ALA B 129 -14.33 27.11 11.34
N VAL B 130 -15.65 27.31 11.15
CA VAL B 130 -16.59 27.25 12.26
C VAL B 130 -17.25 25.88 12.35
N LEU B 131 -17.08 25.04 11.30
CA LEU B 131 -17.79 23.76 11.20
C LEU B 131 -17.22 22.72 12.17
N PRO B 132 -15.88 22.54 12.28
CA PRO B 132 -15.32 21.60 13.24
C PRO B 132 -15.89 21.76 14.65
N ALA B 133 -15.98 23.02 15.11
CA ALA B 133 -16.58 23.34 16.40
C ALA B 133 -18.00 22.78 16.47
N MET B 134 -18.79 23.10 15.44
CA MET B 134 -20.20 22.74 15.38
C MET B 134 -20.37 21.23 15.33
N MET B 135 -19.55 20.57 14.51
CA MET B 135 -19.65 19.14 14.29
C MET B 135 -19.41 18.36 15.58
N GLU B 136 -18.52 18.89 16.43
CA GLU B 136 -18.27 18.28 17.73
C GLU B 136 -19.53 18.33 18.58
N LYS B 137 -20.04 19.55 18.80
CA LYS B 137 -21.14 19.79 19.73
C LYS B 137 -22.49 19.41 19.12
N ARG B 138 -22.47 19.05 17.82
CA ARG B 138 -23.64 18.53 17.12
C ARG B 138 -24.78 19.55 17.17
N ALA B 139 -24.45 20.80 16.84
CA ALA B 139 -25.41 21.89 16.83
C ALA B 139 -24.75 23.12 16.21
N GLY B 140 -25.40 23.69 15.19
CA GLY B 140 -24.88 24.86 14.53
C GLY B 140 -25.88 25.47 13.54
N LYS B 141 -25.67 26.76 13.24
CA LYS B 141 -26.47 27.49 12.27
C LYS B 141 -25.53 28.30 11.38
N ILE B 142 -25.66 28.11 10.06
CA ILE B 142 -24.90 28.87 9.08
C ILE B 142 -25.89 29.54 8.12
N ILE B 143 -26.00 30.86 8.25
CA ILE B 143 -26.95 31.64 7.46
C ILE B 143 -26.17 32.46 6.43
N ASN B 144 -26.29 32.10 5.15
CA ASN B 144 -25.65 32.85 4.08
C ASN B 144 -26.62 33.92 3.57
N ILE B 145 -26.17 35.18 3.52
CA ILE B 145 -26.98 36.25 2.97
C ILE B 145 -26.86 36.23 1.46
N CYS B 146 -27.83 35.60 0.79
CA CYS B 146 -27.90 35.60 -0.67
C CYS B 146 -28.51 36.92 -1.13
N SER B 147 -28.92 36.98 -2.40
CA SER B 147 -29.66 38.12 -2.91
C SER B 147 -30.79 37.61 -3.81
N MET B 148 -31.54 38.52 -4.41
CA MET B 148 -32.46 38.18 -5.47
C MET B 148 -31.67 37.82 -6.72
N MET B 149 -30.40 38.24 -6.75
CA MET B 149 -29.47 37.88 -7.81
C MET B 149 -29.07 36.42 -7.71
N SER B 150 -29.54 35.72 -6.66
CA SER B 150 -29.41 34.28 -6.59
C SER B 150 -30.41 33.61 -7.55
N GLU B 151 -31.36 34.40 -8.08
CA GLU B 151 -32.35 33.90 -9.01
C GLU B 151 -32.34 34.68 -10.34
N LEU B 152 -32.26 36.01 -10.25
CA LEU B 152 -32.44 36.88 -11.41
C LEU B 152 -31.15 37.65 -11.71
N GLY B 153 -30.87 37.84 -13.01
CA GLY B 153 -29.74 38.64 -13.43
C GLY B 153 -30.17 40.08 -13.74
N ARG B 154 -29.19 40.98 -13.83
CA ARG B 154 -29.39 42.35 -14.28
C ARG B 154 -28.10 42.82 -14.94
N GLU B 155 -28.15 43.96 -15.64
CA GLU B 155 -26.99 44.53 -16.30
C GLU B 155 -26.00 45.00 -15.24
N THR B 156 -24.70 44.84 -15.53
CA THR B 156 -23.59 45.35 -14.73
C THR B 156 -23.31 44.44 -13.53
N VAL B 157 -24.36 43.91 -12.88
CA VAL B 157 -24.19 43.15 -11.65
C VAL B 157 -23.83 41.69 -11.97
N SER B 158 -23.11 41.48 -13.08
CA SER B 158 -22.82 40.13 -13.57
C SER B 158 -22.08 39.31 -12.51
N ALA B 159 -20.85 39.73 -12.18
CA ALA B 159 -20.04 39.01 -11.22
C ALA B 159 -20.80 38.80 -9.92
N TYR B 160 -21.51 39.83 -9.46
CA TYR B 160 -22.21 39.80 -8.19
C TYR B 160 -23.28 38.72 -8.20
N ALA B 161 -24.00 38.62 -9.33
CA ALA B 161 -25.02 37.60 -9.50
C ALA B 161 -24.40 36.21 -9.44
N ALA B 162 -23.39 35.99 -10.30
CA ALA B 162 -22.66 34.74 -10.35
C ALA B 162 -22.24 34.28 -8.95
N ALA B 163 -21.81 35.24 -8.13
CA ALA B 163 -21.37 34.95 -6.76
C ALA B 163 -22.56 34.47 -5.93
N LYS B 164 -23.65 35.24 -5.95
CA LYS B 164 -24.80 35.00 -5.08
C LYS B 164 -25.51 33.71 -5.48
N GLY B 165 -25.53 33.41 -6.79
CA GLY B 165 -26.09 32.16 -7.31
C GLY B 165 -25.26 30.95 -6.89
N GLY B 166 -23.94 31.15 -6.76
CA GLY B 166 -23.04 30.12 -6.27
C GLY B 166 -23.20 29.94 -4.76
N LEU B 167 -23.40 31.06 -4.04
CA LEU B 167 -23.56 31.02 -2.61
C LEU B 167 -24.86 30.28 -2.28
N LYS B 168 -25.83 30.37 -3.19
CA LYS B 168 -27.10 29.68 -3.03
C LYS B 168 -26.87 28.17 -3.01
N MET B 169 -26.01 27.67 -3.91
CA MET B 169 -25.72 26.25 -3.97
C MET B 169 -24.81 25.86 -2.81
N LEU B 170 -23.85 26.74 -2.50
CA LEU B 170 -22.97 26.51 -1.36
C LEU B 170 -23.84 26.25 -0.12
N THR B 171 -24.93 27.03 0.01
CA THR B 171 -25.88 26.86 1.08
C THR B 171 -26.49 25.47 1.04
N ARG B 172 -26.91 25.03 -0.16
CA ARG B 172 -27.54 23.74 -0.34
C ARG B 172 -26.56 22.59 -0.09
N ASN B 173 -25.27 22.87 -0.26
CA ASN B 173 -24.26 21.82 -0.16
C ASN B 173 -23.85 21.63 1.30
N ILE B 174 -23.72 22.73 2.04
CA ILE B 174 -23.39 22.68 3.46
C ILE B 174 -24.55 22.01 4.21
N CYS B 175 -25.78 22.19 3.72
CA CYS B 175 -26.93 21.45 4.21
C CYS B 175 -26.78 19.96 3.92
N SER B 176 -26.37 19.64 2.68
CA SER B 176 -26.25 18.27 2.22
C SER B 176 -25.20 17.52 3.04
N GLU B 177 -24.08 18.19 3.32
CA GLU B 177 -22.87 17.54 3.79
C GLU B 177 -22.83 17.47 5.31
N TYR B 178 -23.29 18.53 5.97
CA TYR B 178 -23.15 18.66 7.42
C TYR B 178 -24.51 18.69 8.10
N GLY B 179 -25.57 18.30 7.38
CA GLY B 179 -26.91 18.28 7.94
C GLY B 179 -27.05 17.22 9.03
N GLU B 180 -26.27 16.15 8.91
CA GLU B 180 -26.38 14.98 9.78
C GLU B 180 -25.83 15.29 11.17
N TYR B 181 -24.98 16.31 11.29
CA TYR B 181 -24.44 16.74 12.58
C TYR B 181 -25.40 17.71 13.26
N ASN B 182 -26.63 17.84 12.73
CA ASN B 182 -27.62 18.80 13.21
C ASN B 182 -27.12 20.23 12.99
N ILE B 183 -26.52 20.46 11.81
CA ILE B 183 -26.16 21.79 11.37
C ILE B 183 -27.14 22.19 10.27
N GLN B 184 -27.84 23.29 10.50
CA GLN B 184 -28.78 23.82 9.52
C GLN B 184 -28.12 24.99 8.79
N CYS B 185 -27.84 24.79 7.49
CA CYS B 185 -27.35 25.86 6.63
C CYS B 185 -28.45 26.32 5.69
N ASN B 186 -28.98 27.52 5.98
CA ASN B 186 -30.03 28.14 5.19
C ASN B 186 -29.51 29.47 4.65
N GLY B 187 -30.38 30.21 3.96
CA GLY B 187 -30.01 31.47 3.36
C GLY B 187 -31.13 32.50 3.47
N ILE B 188 -30.75 33.77 3.51
CA ILE B 188 -31.69 34.88 3.50
C ILE B 188 -31.44 35.71 2.25
N GLY B 189 -32.54 36.01 1.54
CA GLY B 189 -32.49 36.69 0.26
C GLY B 189 -33.22 38.01 0.34
N PRO B 190 -32.55 39.11 0.73
CA PRO B 190 -33.21 40.40 0.86
C PRO B 190 -33.67 40.95 -0.49
N GLY B 191 -34.87 41.55 -0.50
CA GLY B 191 -35.38 42.27 -1.65
C GLY B 191 -34.77 43.66 -1.74
N TYR B 192 -35.56 44.63 -2.19
CA TYR B 192 -35.10 46.00 -2.23
C TYR B 192 -35.14 46.56 -0.81
N ILE B 193 -33.96 46.77 -0.24
CA ILE B 193 -33.83 47.24 1.13
C ILE B 193 -33.69 48.77 1.12
N ALA B 194 -34.44 49.42 2.02
CA ALA B 194 -34.35 50.86 2.23
C ALA B 194 -33.17 51.16 3.13
N THR B 195 -32.03 51.46 2.51
CA THR B 195 -30.82 51.83 3.22
C THR B 195 -30.72 53.35 3.26
N PRO B 196 -29.87 53.93 4.13
CA PRO B 196 -29.57 55.37 4.09
C PRO B 196 -29.01 55.85 2.75
N GLN B 197 -28.21 54.99 2.10
CA GLN B 197 -27.58 55.29 0.82
C GLN B 197 -28.64 55.53 -0.26
N THR B 198 -29.77 54.81 -0.17
CA THR B 198 -30.82 54.84 -1.18
C THR B 198 -31.92 55.83 -0.81
N ALA B 199 -31.69 56.65 0.23
CA ALA B 199 -32.68 57.59 0.73
C ALA B 199 -33.10 58.58 -0.35
N PRO B 200 -32.18 59.10 -1.20
CA PRO B 200 -32.56 60.04 -2.25
C PRO B 200 -33.63 59.52 -3.20
N LEU B 201 -33.65 58.20 -3.44
CA LEU B 201 -34.49 57.60 -4.46
C LEU B 201 -35.96 57.57 -4.03
N ARG B 202 -36.25 57.93 -2.77
CA ARG B 202 -37.61 58.03 -2.27
C ARG B 202 -37.95 59.48 -1.95
N GLU B 203 -37.76 60.37 -2.94
CA GLU B 203 -38.10 61.78 -2.80
C GLU B 203 -38.99 62.19 -3.97
N PRO B 204 -39.85 63.22 -3.80
CA PRO B 204 -40.63 63.75 -4.91
C PRO B 204 -39.78 64.31 -6.04
N ARG B 210 -43.02 59.59 -6.31
CA ARG B 210 -43.11 59.78 -7.78
C ARG B 210 -41.76 59.58 -8.48
N HIS B 211 -40.68 59.37 -7.72
CA HIS B 211 -39.38 59.11 -8.31
C HIS B 211 -39.47 57.88 -9.21
N PRO B 212 -38.95 57.93 -10.47
CA PRO B 212 -39.12 56.82 -11.41
C PRO B 212 -38.66 55.47 -10.88
N PHE B 213 -37.64 55.50 -10.00
CA PHE B 213 -37.07 54.28 -9.43
C PHE B 213 -37.99 53.74 -8.34
N ASP B 214 -38.39 54.60 -7.39
CA ASP B 214 -39.27 54.21 -6.31
C ASP B 214 -40.57 53.67 -6.87
N SER B 215 -41.04 54.31 -7.96
CA SER B 215 -42.25 53.89 -8.65
C SER B 215 -42.08 52.49 -9.25
N PHE B 216 -40.90 52.23 -9.83
CA PHE B 216 -40.60 50.95 -10.46
C PHE B 216 -40.51 49.84 -9.42
N ILE B 217 -39.95 50.17 -8.24
CA ILE B 217 -39.75 49.18 -7.18
C ILE B 217 -41.09 48.82 -6.56
N CYS B 218 -41.92 49.84 -6.30
CA CYS B 218 -43.22 49.63 -5.68
C CYS B 218 -44.15 48.88 -6.63
N ALA B 219 -43.89 49.00 -7.94
CA ALA B 219 -44.63 48.25 -8.95
C ALA B 219 -44.30 46.77 -8.85
N LYS B 220 -43.01 46.44 -8.85
CA LYS B 220 -42.54 45.07 -8.81
C LYS B 220 -42.89 44.41 -7.46
N THR B 221 -43.00 45.21 -6.39
CA THR B 221 -43.23 44.68 -5.06
C THR B 221 -44.74 44.65 -4.79
N PRO B 222 -45.34 43.46 -4.53
CA PRO B 222 -46.72 43.39 -4.09
C PRO B 222 -47.01 44.20 -2.82
N ALA B 223 -46.12 44.10 -1.82
CA ALA B 223 -46.29 44.84 -0.59
C ALA B 223 -46.20 46.35 -0.85
N GLY B 224 -45.73 46.73 -2.05
CA GLY B 224 -45.88 48.08 -2.59
C GLY B 224 -44.98 49.08 -1.88
N ARG B 225 -43.81 48.62 -1.43
CA ARG B 225 -42.92 49.44 -0.62
C ARG B 225 -41.52 48.84 -0.59
N TRP B 226 -40.58 49.64 -0.09
CA TRP B 226 -39.23 49.19 0.21
C TRP B 226 -39.23 48.47 1.55
N LEU B 227 -38.31 47.51 1.71
CA LEU B 227 -38.21 46.76 2.96
C LEU B 227 -37.14 47.41 3.82
N ASP B 228 -37.51 47.79 5.05
CA ASP B 228 -36.56 48.33 6.00
C ASP B 228 -35.68 47.20 6.53
N PRO B 229 -34.34 47.38 6.64
CA PRO B 229 -33.45 46.31 7.03
C PRO B 229 -33.95 45.44 8.18
N GLU B 230 -34.63 46.05 9.15
CA GLU B 230 -35.10 45.35 10.35
C GLU B 230 -36.09 44.25 9.97
N GLU B 231 -36.66 44.34 8.77
CA GLU B 231 -37.59 43.34 8.26
C GLU B 231 -36.89 41.98 8.11
N LEU B 232 -35.56 42.00 7.93
CA LEU B 232 -34.78 40.80 7.70
C LEU B 232 -34.45 40.11 9.02
N THR B 233 -34.65 40.83 10.14
CA THR B 233 -34.17 40.39 11.44
C THR B 233 -35.03 39.22 11.93
N GLY B 234 -36.35 39.38 11.81
CA GLY B 234 -37.29 38.32 12.17
C GLY B 234 -36.92 36.99 11.52
N PRO B 235 -36.86 36.95 10.17
CA PRO B 235 -36.35 35.79 9.45
C PRO B 235 -34.99 35.29 9.93
N ALA B 236 -34.05 36.20 10.18
CA ALA B 236 -32.71 35.84 10.57
C ALA B 236 -32.73 35.08 11.90
N VAL B 237 -33.42 35.66 12.89
CA VAL B 237 -33.55 35.05 14.21
C VAL B 237 -34.20 33.67 14.06
N PHE B 238 -35.18 33.57 13.16
CA PHE B 238 -35.93 32.34 12.94
C PHE B 238 -34.99 31.23 12.45
N LEU B 239 -34.06 31.57 11.56
CA LEU B 239 -33.16 30.58 10.97
C LEU B 239 -32.03 30.22 11.93
N ALA B 240 -31.75 31.12 12.88
CA ALA B 240 -30.75 30.89 13.91
C ALA B 240 -31.35 30.16 15.12
N SER B 241 -32.68 30.24 15.26
CA SER B 241 -33.37 29.67 16.40
C SER B 241 -33.48 28.17 16.25
N GLU B 242 -33.96 27.51 17.32
CA GLU B 242 -34.10 26.07 17.32
C GLU B 242 -35.45 25.69 16.70
N ALA B 243 -36.28 26.68 16.38
CA ALA B 243 -37.55 26.45 15.72
C ALA B 243 -37.35 26.03 14.27
N SER B 244 -36.23 26.44 13.66
CA SER B 244 -35.96 26.21 12.24
C SER B 244 -35.02 25.03 12.06
N ASN B 245 -35.12 24.03 12.93
CA ASN B 245 -34.16 22.94 12.94
C ASN B 245 -34.43 22.01 11.76
N ALA B 246 -35.70 21.97 11.33
CA ALA B 246 -36.10 21.12 10.22
C ALA B 246 -35.93 21.86 8.89
N VAL B 247 -35.74 23.18 8.96
CA VAL B 247 -35.49 24.00 7.78
C VAL B 247 -34.01 23.92 7.44
N ASN B 248 -33.69 23.33 6.29
CA ASN B 248 -32.30 23.09 5.95
C ASN B 248 -32.12 23.12 4.43
N GLY B 249 -31.02 23.75 3.99
CA GLY B 249 -30.70 23.91 2.59
C GLY B 249 -31.69 24.86 1.89
N HIS B 250 -32.30 25.76 2.67
CA HIS B 250 -33.41 26.55 2.18
C HIS B 250 -32.98 28.01 2.06
N ILE B 251 -33.30 28.62 0.93
CA ILE B 251 -33.15 30.05 0.75
C ILE B 251 -34.48 30.73 1.09
N LEU B 252 -34.54 31.36 2.26
CA LEU B 252 -35.72 32.10 2.69
C LEU B 252 -35.67 33.52 2.11
N TYR B 253 -36.34 33.72 0.97
CA TYR B 253 -36.37 35.02 0.33
C TYR B 253 -37.29 35.92 1.14
N VAL B 254 -36.80 37.13 1.42
CA VAL B 254 -37.54 38.14 2.15
C VAL B 254 -37.64 39.36 1.24
N ASP B 255 -38.57 39.30 0.29
CA ASP B 255 -38.59 40.19 -0.87
C ASP B 255 -39.79 41.14 -0.82
N GLY B 256 -40.82 40.75 -0.06
CA GLY B 256 -42.10 41.44 -0.08
C GLY B 256 -42.96 41.00 -1.25
N GLY B 257 -42.62 39.84 -1.84
CA GLY B 257 -43.42 39.20 -2.87
C GLY B 257 -42.79 39.25 -4.27
N ILE B 258 -41.65 39.93 -4.40
CA ILE B 258 -41.13 40.30 -5.72
C ILE B 258 -40.94 39.07 -6.60
N LEU B 259 -40.30 38.02 -6.06
CA LEU B 259 -39.95 36.85 -6.84
C LEU B 259 -41.19 36.05 -7.20
N ALA B 260 -42.32 36.32 -6.53
CA ALA B 260 -43.56 35.62 -6.82
C ALA B 260 -44.42 36.41 -7.80
N TYR B 261 -43.99 37.64 -8.14
CA TYR B 261 -44.85 38.58 -8.85
C TYR B 261 -44.24 38.89 -10.22
N ILE B 262 -45.07 38.85 -11.26
CA ILE B 262 -44.64 39.14 -12.61
C ILE B 262 -44.52 40.66 -12.81
N GLY B 263 -45.33 41.42 -12.07
CA GLY B 263 -45.16 42.88 -12.01
C GLY B 263 -46.47 43.62 -12.24
N LYS B 264 -46.46 44.92 -11.95
CA LYS B 264 -47.61 45.79 -12.15
C LYS B 264 -47.56 46.33 -13.58
N GLN B 265 -48.62 46.09 -14.35
CA GLN B 265 -48.63 46.39 -15.78
C GLN B 265 -49.80 47.30 -16.12
N PRO B 266 -49.61 48.35 -16.95
CA PRO B 266 -50.70 49.24 -17.34
C PRO B 266 -51.63 48.61 -18.38
N PHE C 4 10.95 -1.26 30.26
CA PHE C 4 11.51 -1.86 29.00
C PHE C 4 12.03 -3.28 29.22
N LEU C 5 12.18 -3.70 30.48
CA LEU C 5 12.69 -5.02 30.81
C LEU C 5 11.76 -5.74 31.79
N ASN C 6 10.47 -5.38 31.80
CA ASN C 6 9.55 -6.07 32.69
C ASN C 6 8.86 -7.17 31.90
N PHE C 7 9.10 -8.41 32.35
CA PHE C 7 8.53 -9.59 31.73
C PHE C 7 7.35 -10.07 32.58
N SER C 8 6.91 -9.21 33.51
CA SER C 8 5.79 -9.49 34.38
C SER C 8 4.49 -9.29 33.61
N LEU C 9 3.50 -10.15 33.90
CA LEU C 9 2.17 -10.00 33.35
C LEU C 9 1.20 -9.71 34.49
N GLU C 10 1.67 -8.93 35.47
CA GLU C 10 0.88 -8.60 36.64
C GLU C 10 -0.37 -7.85 36.22
N GLY C 11 -1.54 -8.40 36.58
CA GLY C 11 -2.82 -7.74 36.46
C GLY C 11 -3.26 -7.62 35.00
N LYS C 12 -2.74 -8.51 34.15
CA LYS C 12 -3.12 -8.56 32.75
C LYS C 12 -4.08 -9.73 32.57
N VAL C 13 -5.19 -9.48 31.88
CA VAL C 13 -6.14 -10.52 31.55
C VAL C 13 -5.63 -11.25 30.32
N ALA C 14 -5.74 -12.58 30.31
CA ALA C 14 -5.22 -13.37 29.22
C ALA C 14 -6.21 -14.46 28.84
N LEU C 15 -6.40 -14.63 27.52
CA LEU C 15 -7.25 -15.66 26.97
C LEU C 15 -6.42 -16.53 26.02
N VAL C 16 -6.29 -17.81 26.36
CA VAL C 16 -5.58 -18.77 25.54
C VAL C 16 -6.62 -19.78 25.05
N THR C 17 -6.92 -19.73 23.76
CA THR C 17 -7.94 -20.59 23.18
C THR C 17 -7.44 -22.04 23.16
N GLY C 18 -8.30 -22.97 23.56
CA GLY C 18 -8.02 -24.39 23.49
C GLY C 18 -6.94 -24.84 24.49
N ALA C 19 -6.81 -24.10 25.61
CA ALA C 19 -5.71 -24.31 26.54
C ALA C 19 -6.15 -25.22 27.71
N SER C 20 -6.80 -26.34 27.38
CA SER C 20 -7.11 -27.35 28.37
C SER C 20 -5.90 -28.23 28.62
N TYR C 21 -5.08 -28.43 27.57
CA TYR C 21 -3.86 -29.21 27.66
C TYR C 21 -2.86 -28.74 26.60
N GLY C 22 -1.68 -29.35 26.60
CA GLY C 22 -0.71 -29.19 25.53
C GLY C 22 -0.03 -27.82 25.58
N ILE C 23 0.35 -27.32 24.40
CA ILE C 23 1.12 -26.09 24.28
C ILE C 23 0.38 -24.98 25.03
N GLY C 24 -0.91 -24.83 24.71
CA GLY C 24 -1.72 -23.75 25.26
C GLY C 24 -1.77 -23.77 26.78
N PHE C 25 -1.84 -24.98 27.35
CA PHE C 25 -1.81 -25.13 28.79
C PHE C 25 -0.50 -24.62 29.35
N ALA C 26 0.62 -25.00 28.73
CA ALA C 26 1.94 -24.56 29.14
C ALA C 26 2.02 -23.04 29.14
N ILE C 27 1.55 -22.42 28.04
CA ILE C 27 1.61 -20.98 27.88
C ILE C 27 0.75 -20.30 28.93
N ALA C 28 -0.45 -20.85 29.17
CA ALA C 28 -1.39 -20.30 30.15
C ALA C 28 -0.85 -20.45 31.57
N SER C 29 -0.36 -21.65 31.89
CA SER C 29 0.27 -21.90 33.17
C SER C 29 1.40 -20.91 33.41
N ALA C 30 2.22 -20.68 32.37
CA ALA C 30 3.35 -19.77 32.49
C ALA C 30 2.86 -18.34 32.65
N PHE C 31 1.75 -17.99 31.98
CA PHE C 31 1.17 -16.67 32.06
C PHE C 31 0.71 -16.40 33.49
N ALA C 32 0.00 -17.37 34.08
CA ALA C 32 -0.42 -17.30 35.47
C ALA C 32 0.80 -17.04 36.36
N GLU C 33 1.86 -17.82 36.13
CA GLU C 33 3.11 -17.73 36.88
C GLU C 33 3.68 -16.32 36.86
N GLN C 34 3.47 -15.59 35.77
CA GLN C 34 3.99 -14.23 35.62
C GLN C 34 2.98 -13.21 36.13
N GLY C 35 1.86 -13.69 36.66
CA GLY C 35 0.92 -12.85 37.39
C GLY C 35 -0.29 -12.47 36.54
N ALA C 36 -0.51 -13.19 35.44
CA ALA C 36 -1.64 -12.91 34.58
C ALA C 36 -2.90 -13.56 35.14
N LYS C 37 -4.03 -12.87 34.97
CA LYS C 37 -5.34 -13.44 35.26
C LYS C 37 -5.75 -14.26 34.03
N VAL C 38 -5.71 -15.59 34.20
CA VAL C 38 -5.75 -16.51 33.06
C VAL C 38 -7.19 -16.91 32.76
N CYS C 39 -7.51 -16.94 31.46
CA CYS C 39 -8.73 -17.53 30.95
C CYS C 39 -8.41 -18.47 29.80
N PHE C 40 -9.28 -19.46 29.58
CA PHE C 40 -9.13 -20.38 28.47
C PHE C 40 -10.51 -20.92 28.08
N ASN C 41 -10.56 -21.64 26.96
CA ASN C 41 -11.80 -22.26 26.51
C ASN C 41 -11.53 -23.54 25.74
N ASP C 42 -12.55 -24.38 25.64
CA ASP C 42 -12.47 -25.58 24.82
C ASP C 42 -13.88 -25.90 24.32
N ILE C 43 -14.01 -27.00 23.57
CA ILE C 43 -15.15 -27.24 22.71
C ILE C 43 -16.31 -27.86 23.48
N ASN C 44 -16.02 -28.57 24.58
CA ASN C 44 -17.06 -29.17 25.40
C ASN C 44 -16.71 -29.05 26.88
N GLN C 45 -17.67 -29.42 27.74
CA GLN C 45 -17.59 -29.26 29.17
C GLN C 45 -16.53 -30.19 29.76
N GLU C 46 -16.45 -31.42 29.24
CA GLU C 46 -15.52 -32.42 29.73
C GLU C 46 -14.08 -31.87 29.67
N LEU C 47 -13.72 -31.28 28.52
CA LEU C 47 -12.35 -30.83 28.26
C LEU C 47 -12.05 -29.59 29.11
N VAL C 48 -13.08 -28.80 29.42
CA VAL C 48 -12.91 -27.61 30.24
C VAL C 48 -12.65 -28.06 31.67
N ASP C 49 -13.45 -29.02 32.14
CA ASP C 49 -13.38 -29.51 33.51
C ASP C 49 -12.01 -30.14 33.78
N LYS C 50 -11.55 -30.99 32.86
CA LYS C 50 -10.21 -31.56 32.92
C LYS C 50 -9.18 -30.44 33.06
N GLY C 51 -9.34 -29.38 32.27
CA GLY C 51 -8.42 -28.26 32.23
C GLY C 51 -8.42 -27.49 33.55
N MET C 52 -9.62 -27.05 33.96
CA MET C 52 -9.81 -26.37 35.24
C MET C 52 -9.09 -27.12 36.36
N ALA C 53 -9.23 -28.46 36.36
CA ALA C 53 -8.65 -29.34 37.38
C ALA C 53 -7.13 -29.24 37.40
N ALA C 54 -6.52 -29.20 36.21
CA ALA C 54 -5.07 -29.14 36.08
C ALA C 54 -4.54 -27.78 36.49
N TYR C 55 -5.28 -26.71 36.15
CA TYR C 55 -4.90 -25.36 36.54
C TYR C 55 -4.99 -25.25 38.06
N ALA C 56 -6.08 -25.77 38.62
CA ALA C 56 -6.28 -25.81 40.06
C ALA C 56 -5.15 -26.56 40.75
N ALA C 57 -4.68 -27.65 40.11
CA ALA C 57 -3.67 -28.53 40.68
C ALA C 57 -2.28 -27.87 40.73
N LYS C 58 -2.09 -26.78 39.99
CA LYS C 58 -0.87 -25.99 40.06
C LYS C 58 -1.11 -24.68 40.79
N GLY C 59 -2.30 -24.54 41.41
CA GLY C 59 -2.66 -23.37 42.19
C GLY C 59 -3.02 -22.18 41.30
N ILE C 60 -3.82 -22.44 40.26
CA ILE C 60 -4.19 -21.43 39.28
C ILE C 60 -5.72 -21.39 39.18
N LYS C 61 -6.28 -20.19 39.33
CA LYS C 61 -7.71 -19.95 39.22
C LYS C 61 -8.06 -19.62 37.78
N ALA C 62 -7.95 -20.61 36.89
CA ALA C 62 -8.27 -20.42 35.49
C ALA C 62 -9.77 -20.18 35.34
N HIS C 63 -10.14 -19.22 34.49
CA HIS C 63 -11.53 -19.01 34.12
C HIS C 63 -11.81 -19.75 32.81
N GLY C 64 -12.34 -20.97 32.93
CA GLY C 64 -12.62 -21.83 31.79
C GLY C 64 -14.01 -21.57 31.23
N TYR C 65 -14.15 -21.74 29.91
CA TYR C 65 -15.42 -21.53 29.22
C TYR C 65 -15.57 -22.60 28.15
N VAL C 66 -16.80 -23.08 27.94
CA VAL C 66 -17.09 -23.92 26.79
C VAL C 66 -17.51 -22.99 25.66
N CYS C 67 -16.65 -22.86 24.64
CA CYS C 67 -16.91 -22.01 23.49
C CYS C 67 -16.26 -22.58 22.24
N ASP C 68 -17.04 -22.62 21.16
CA ASP C 68 -16.52 -22.92 19.84
C ASP C 68 -16.01 -21.63 19.24
N VAL C 69 -14.77 -21.65 18.72
CA VAL C 69 -14.12 -20.41 18.29
C VAL C 69 -14.59 -20.04 16.87
N THR C 70 -15.26 -20.96 16.17
CA THR C 70 -15.77 -20.70 14.83
C THR C 70 -17.17 -20.06 14.91
N ASP C 71 -17.79 -20.12 16.09
CA ASP C 71 -19.09 -19.52 16.34
C ASP C 71 -18.88 -18.10 16.87
N GLU C 72 -18.97 -17.10 15.97
CA GLU C 72 -18.67 -15.73 16.33
C GLU C 72 -19.57 -15.27 17.47
N PRO C 73 -20.92 -15.44 17.39
CA PRO C 73 -21.81 -15.04 18.49
C PRO C 73 -21.41 -15.58 19.86
N ALA C 74 -20.97 -16.84 19.91
CA ALA C 74 -20.58 -17.50 21.15
C ALA C 74 -19.30 -16.87 21.70
N VAL C 75 -18.35 -16.60 20.80
CA VAL C 75 -17.11 -15.92 21.14
C VAL C 75 -17.42 -14.52 21.66
N GLN C 76 -18.24 -13.76 20.90
CA GLN C 76 -18.65 -12.43 21.30
C GLN C 76 -19.11 -12.48 22.77
N ALA C 77 -19.93 -13.49 23.09
CA ALA C 77 -20.50 -13.67 24.41
C ALA C 77 -19.39 -13.94 25.43
N MET C 78 -18.57 -14.95 25.14
CA MET C 78 -17.48 -15.36 26.01
C MET C 78 -16.61 -14.16 26.39
N VAL C 79 -16.30 -13.30 25.41
CA VAL C 79 -15.42 -12.16 25.63
C VAL C 79 -16.08 -11.18 26.60
N ALA C 80 -17.35 -10.86 26.37
CA ALA C 80 -18.10 -9.94 27.20
C ALA C 80 -18.25 -10.49 28.63
N THR C 81 -18.34 -11.82 28.76
CA THR C 81 -18.44 -12.47 30.06
C THR C 81 -17.13 -12.32 30.82
N ILE C 82 -16.01 -12.41 30.10
CA ILE C 82 -14.68 -12.23 30.68
C ILE C 82 -14.48 -10.75 31.00
N ALA C 83 -14.99 -9.86 30.14
CA ALA C 83 -14.93 -8.43 30.40
C ALA C 83 -15.66 -8.08 31.69
N LYS C 84 -16.75 -8.80 31.96
CA LYS C 84 -17.63 -8.56 33.10
C LYS C 84 -17.00 -9.12 34.37
N GLU C 85 -16.66 -10.41 34.35
CA GLU C 85 -16.25 -11.15 35.54
C GLU C 85 -14.80 -10.85 35.90
N VAL C 86 -13.90 -10.89 34.90
CA VAL C 86 -12.47 -10.86 35.13
C VAL C 86 -11.87 -9.51 34.72
N GLY C 87 -12.26 -9.00 33.54
CA GLY C 87 -11.77 -7.72 33.03
C GLY C 87 -11.55 -7.79 31.53
N THR C 88 -11.35 -6.62 30.89
CA THR C 88 -11.16 -6.57 29.44
C THR C 88 -9.84 -7.27 29.09
N ILE C 89 -9.86 -8.01 27.97
CA ILE C 89 -8.75 -8.87 27.60
C ILE C 89 -7.59 -8.02 27.06
N ASP C 90 -6.38 -8.34 27.55
CA ASP C 90 -5.15 -7.63 27.20
C ASP C 90 -4.23 -8.52 26.36
N ILE C 91 -4.33 -9.84 26.52
CA ILE C 91 -3.43 -10.78 25.88
C ILE C 91 -4.24 -11.93 25.28
N LEU C 92 -4.33 -11.97 23.94
CA LEU C 92 -5.00 -13.07 23.25
C LEU C 92 -3.96 -14.02 22.67
N VAL C 93 -4.13 -15.33 22.94
CA VAL C 93 -3.29 -16.34 22.34
C VAL C 93 -4.18 -17.31 21.57
N ASN C 94 -4.15 -17.18 20.23
CA ASN C 94 -4.90 -18.06 19.35
C ASN C 94 -4.17 -19.39 19.21
N ASN C 95 -4.33 -20.23 20.23
CA ASN C 95 -3.70 -21.54 20.29
C ASN C 95 -4.60 -22.56 19.59
N ALA C 96 -5.89 -22.56 19.95
CA ALA C 96 -6.85 -23.55 19.49
C ALA C 96 -6.70 -23.81 17.99
N GLY C 97 -6.60 -25.08 17.62
CA GLY C 97 -6.43 -25.49 16.22
C GLY C 97 -6.42 -27.00 16.09
N ILE C 98 -6.59 -27.50 14.87
CA ILE C 98 -6.66 -28.93 14.62
C ILE C 98 -5.76 -29.28 13.43
N ILE C 99 -5.21 -30.50 13.47
CA ILE C 99 -4.39 -31.01 12.38
C ILE C 99 -5.18 -32.12 11.71
N ARG C 100 -4.99 -32.28 10.40
CA ARG C 100 -5.66 -33.33 9.65
C ARG C 100 -4.71 -33.82 8.55
N ARG C 101 -4.44 -35.13 8.56
CA ARG C 101 -3.48 -35.74 7.65
C ARG C 101 -4.25 -36.55 6.59
N VAL C 102 -4.46 -35.93 5.43
CA VAL C 102 -5.17 -36.56 4.33
C VAL C 102 -4.52 -36.11 3.02
N PRO C 103 -4.12 -37.01 2.10
CA PRO C 103 -3.67 -36.60 0.78
C PRO C 103 -4.62 -35.60 0.13
N MET C 104 -4.07 -34.50 -0.40
CA MET C 104 -4.87 -33.34 -0.76
C MET C 104 -5.92 -33.71 -1.81
N HIS C 105 -5.55 -34.56 -2.77
CA HIS C 105 -6.46 -34.96 -3.83
C HIS C 105 -7.59 -35.83 -3.30
N GLU C 106 -7.35 -36.53 -2.17
CA GLU C 106 -8.34 -37.42 -1.57
C GLU C 106 -9.16 -36.72 -0.49
N MET C 107 -8.78 -35.48 -0.13
CA MET C 107 -9.39 -34.79 0.99
C MET C 107 -10.75 -34.22 0.59
N ASP C 108 -11.74 -34.37 1.48
CA ASP C 108 -13.05 -33.80 1.25
C ASP C 108 -12.95 -32.29 1.39
N ALA C 109 -13.70 -31.56 0.55
CA ALA C 109 -13.72 -30.11 0.60
C ALA C 109 -14.21 -29.64 1.97
N ALA C 110 -15.16 -30.38 2.56
CA ALA C 110 -15.70 -30.07 3.87
C ALA C 110 -14.60 -30.11 4.93
N ASP C 111 -13.71 -31.11 4.83
CA ASP C 111 -12.62 -31.29 5.78
C ASP C 111 -11.67 -30.11 5.70
N PHE C 112 -11.20 -29.83 4.48
CA PHE C 112 -10.30 -28.73 4.22
C PHE C 112 -10.85 -27.48 4.91
N ARG C 113 -12.11 -27.17 4.64
CA ARG C 113 -12.74 -25.95 5.12
C ARG C 113 -12.74 -25.91 6.64
N ARG C 114 -13.06 -27.04 7.30
CA ARG C 114 -13.08 -27.11 8.75
C ARG C 114 -11.74 -26.65 9.32
N VAL C 115 -10.65 -27.17 8.73
CA VAL C 115 -9.31 -26.90 9.22
C VAL C 115 -9.02 -25.41 9.07
N ILE C 116 -9.32 -24.86 7.89
CA ILE C 116 -9.14 -23.44 7.62
C ILE C 116 -9.96 -22.63 8.62
N ASP C 117 -11.20 -23.07 8.89
CA ASP C 117 -12.15 -22.32 9.69
C ASP C 117 -11.64 -22.22 11.13
N ILE C 118 -11.10 -23.32 11.65
CA ILE C 118 -10.67 -23.39 13.03
C ILE C 118 -9.29 -22.74 13.17
N ASP C 119 -8.40 -22.99 12.20
CA ASP C 119 -7.01 -22.60 12.34
C ASP C 119 -6.73 -21.21 11.78
N LEU C 120 -7.59 -20.70 10.89
CA LEU C 120 -7.35 -19.41 10.25
C LEU C 120 -8.47 -18.42 10.56
N ASN C 121 -9.72 -18.78 10.23
CA ASN C 121 -10.85 -17.86 10.35
C ASN C 121 -11.15 -17.57 11.82
N ALA C 122 -11.11 -18.61 12.67
CA ALA C 122 -11.41 -18.43 14.08
C ALA C 122 -10.44 -17.41 14.69
N PRO C 123 -9.10 -17.57 14.57
CA PRO C 123 -8.18 -16.52 15.01
C PRO C 123 -8.61 -15.12 14.60
N PHE C 124 -9.22 -14.98 13.42
CA PHE C 124 -9.79 -13.71 13.00
C PHE C 124 -10.93 -13.33 13.94
N ILE C 125 -11.89 -14.24 14.10
CA ILE C 125 -13.11 -14.01 14.86
C ILE C 125 -12.80 -13.60 16.29
N VAL C 126 -11.82 -14.28 16.91
CA VAL C 126 -11.49 -14.07 18.31
C VAL C 126 -10.72 -12.76 18.44
N ALA C 127 -9.78 -12.50 17.52
CA ALA C 127 -9.02 -11.26 17.53
C ALA C 127 -9.96 -10.06 17.32
N LYS C 128 -10.94 -10.24 16.42
CA LYS C 128 -11.94 -9.23 16.14
C LYS C 128 -12.65 -8.84 17.43
N ALA C 129 -12.92 -9.82 18.30
CA ALA C 129 -13.75 -9.62 19.48
C ALA C 129 -12.96 -8.90 20.58
N VAL C 130 -11.64 -9.03 20.60
CA VAL C 130 -10.86 -8.54 21.71
C VAL C 130 -10.21 -7.20 21.36
N LEU C 131 -10.25 -6.81 20.08
CA LEU C 131 -9.53 -5.64 19.58
C LEU C 131 -10.20 -4.33 20.04
N PRO C 132 -11.55 -4.18 19.94
CA PRO C 132 -12.21 -2.97 20.43
C PRO C 132 -11.78 -2.59 21.85
N ALA C 133 -11.76 -3.59 22.74
CA ALA C 133 -11.28 -3.42 24.11
C ALA C 133 -9.87 -2.82 24.08
N MET C 134 -8.97 -3.48 23.33
CA MET C 134 -7.57 -3.11 23.30
C MET C 134 -7.38 -1.74 22.68
N MET C 135 -8.16 -1.43 21.63
CA MET C 135 -8.00 -0.18 20.91
C MET C 135 -8.31 1.00 21.81
N GLU C 136 -9.28 0.83 22.71
CA GLU C 136 -9.67 1.88 23.65
C GLU C 136 -8.51 2.17 24.61
N LYS C 137 -8.07 1.13 25.33
CA LYS C 137 -7.07 1.26 26.37
C LYS C 137 -5.67 1.42 25.77
N ARG C 138 -5.56 1.31 24.43
CA ARG C 138 -4.33 1.58 23.70
C ARG C 138 -3.19 0.70 24.20
N ALA C 139 -3.49 -0.60 24.37
CA ALA C 139 -2.54 -1.58 24.85
C ALA C 139 -3.11 -2.98 24.63
N GLY C 140 -2.36 -3.83 23.94
CA GLY C 140 -2.83 -5.18 23.68
C GLY C 140 -1.72 -6.10 23.16
N LYS C 141 -1.93 -7.40 23.34
CA LYS C 141 -1.06 -8.43 22.80
C LYS C 141 -1.91 -9.53 22.18
N ILE C 142 -1.65 -9.81 20.89
CA ILE C 142 -2.27 -10.91 20.18
C ILE C 142 -1.16 -11.81 19.66
N ILE C 143 -1.05 -13.00 20.26
CA ILE C 143 -0.03 -13.97 19.89
C ILE C 143 -0.70 -15.13 19.16
N ASN C 144 -0.39 -15.27 17.86
CA ASN C 144 -0.91 -16.37 17.06
C ASN C 144 0.09 -17.52 17.06
N ILE C 145 -0.40 -18.73 17.40
CA ILE C 145 0.41 -19.92 17.37
C ILE C 145 0.45 -20.45 15.94
N CYS C 146 1.52 -20.10 15.23
CA CYS C 146 1.77 -20.62 13.89
C CYS C 146 2.40 -22.00 14.01
N SER C 147 2.96 -22.49 12.89
CA SER C 147 3.70 -23.73 12.86
C SER C 147 4.92 -23.57 11.97
N MET C 148 5.70 -24.64 11.85
CA MET C 148 6.72 -24.71 10.82
C MET C 148 6.05 -24.89 9.45
N MET C 149 4.76 -25.24 9.47
CA MET C 149 3.97 -25.32 8.26
C MET C 149 3.55 -23.92 7.80
N SER C 150 4.02 -22.88 8.51
CA SER C 150 3.88 -21.52 8.03
C SER C 150 4.94 -21.21 6.97
N GLU C 151 5.98 -22.04 6.90
CA GLU C 151 7.06 -21.86 5.93
C GLU C 151 7.20 -23.07 5.00
N LEU C 152 7.11 -24.28 5.57
CA LEU C 152 7.39 -25.52 4.86
C LEU C 152 6.14 -26.38 4.79
N GLY C 153 5.96 -27.09 3.66
CA GLY C 153 4.84 -28.00 3.49
C GLY C 153 5.30 -29.44 3.69
N ARG C 154 4.33 -30.33 3.89
CA ARG C 154 4.58 -31.77 3.95
C ARG C 154 3.37 -32.49 3.36
N GLU C 155 3.54 -33.78 3.06
CA GLU C 155 2.45 -34.58 2.53
C GLU C 155 1.34 -34.67 3.57
N THR C 156 0.08 -34.66 3.10
CA THR C 156 -1.10 -34.92 3.91
C THR C 156 -1.55 -33.66 4.65
N VAL C 157 -0.61 -32.86 5.16
CA VAL C 157 -0.95 -31.72 6.00
C VAL C 157 -1.21 -30.49 5.14
N SER C 158 -1.77 -30.69 3.94
CA SER C 158 -2.00 -29.62 2.97
C SER C 158 -2.82 -28.47 3.58
N ALA C 159 -4.07 -28.74 3.94
CA ALA C 159 -4.94 -27.72 4.52
C ALA C 159 -4.28 -27.08 5.74
N TYR C 160 -3.74 -27.92 6.64
CA TYR C 160 -3.16 -27.44 7.87
C TYR C 160 -2.10 -26.39 7.57
N ALA C 161 -1.19 -26.69 6.63
CA ALA C 161 -0.17 -25.75 6.21
C ALA C 161 -0.83 -24.48 5.66
N ALA C 162 -1.74 -24.64 4.69
CA ALA C 162 -2.45 -23.53 4.10
C ALA C 162 -2.97 -22.59 5.20
N ALA C 163 -3.57 -23.18 6.22
CA ALA C 163 -4.12 -22.42 7.33
C ALA C 163 -3.02 -21.63 8.01
N LYS C 164 -1.94 -22.32 8.38
CA LYS C 164 -0.89 -21.75 9.21
C LYS C 164 -0.11 -20.69 8.44
N GLY C 165 0.03 -20.89 7.11
CA GLY C 165 0.61 -19.88 6.24
C GLY C 165 -0.25 -18.61 6.15
N GLY C 166 -1.57 -18.81 6.20
CA GLY C 166 -2.52 -17.71 6.23
C GLY C 166 -2.49 -16.99 7.57
N LEU C 167 -2.37 -17.78 8.65
CA LEU C 167 -2.33 -17.22 9.99
C LEU C 167 -1.08 -16.37 10.16
N LYS C 168 -0.01 -16.76 9.47
CA LYS C 168 1.22 -15.99 9.48
C LYS C 168 0.98 -14.59 8.91
N MET C 169 0.22 -14.49 7.81
CA MET C 169 -0.07 -13.19 7.22
C MET C 169 -1.09 -12.45 8.06
N LEU C 170 -2.10 -13.17 8.56
CA LEU C 170 -3.07 -12.56 9.44
C LEU C 170 -2.34 -11.83 10.56
N THR C 171 -1.25 -12.44 11.07
CA THR C 171 -0.42 -11.87 12.12
C THR C 171 0.21 -10.56 11.62
N ARG C 172 0.76 -10.59 10.42
CA ARG C 172 1.43 -9.42 9.86
C ARG C 172 0.42 -8.33 9.55
N ASN C 173 -0.85 -8.71 9.35
CA ASN C 173 -1.87 -7.75 8.98
C ASN C 173 -2.45 -7.07 10.22
N ILE C 174 -2.65 -7.84 11.29
CA ILE C 174 -3.13 -7.29 12.56
C ILE C 174 -2.06 -6.35 13.14
N CYS C 175 -0.79 -6.66 12.88
CA CYS C 175 0.30 -5.75 13.19
C CYS C 175 0.15 -4.46 12.36
N SER C 176 -0.08 -4.62 11.05
CA SER C 176 -0.12 -3.51 10.11
C SER C 176 -1.27 -2.57 10.44
N GLU C 177 -2.41 -3.14 10.84
CA GLU C 177 -3.67 -2.41 10.92
C GLU C 177 -3.85 -1.79 12.31
N TYR C 178 -3.47 -2.52 13.37
CA TYR C 178 -3.76 -2.12 14.73
C TYR C 178 -2.49 -1.83 15.53
N GLY C 179 -1.35 -1.70 14.83
CA GLY C 179 -0.08 -1.43 15.48
C GLY C 179 -0.04 -0.01 16.08
N GLU C 180 -0.81 0.89 15.47
CA GLU C 180 -0.84 2.29 15.85
C GLU C 180 -1.54 2.48 17.20
N TYR C 181 -2.38 1.51 17.58
CA TYR C 181 -3.05 1.56 18.88
C TYR C 181 -2.17 0.92 19.96
N ASN C 182 -0.88 0.71 19.67
CA ASN C 182 0.02 0.03 20.58
C ASN C 182 -0.51 -1.39 20.84
N ILE C 183 -0.93 -2.05 19.76
CA ILE C 183 -1.25 -3.46 19.79
C ILE C 183 -0.16 -4.21 19.04
N GLN C 184 0.53 -5.12 19.74
CA GLN C 184 1.57 -5.92 19.13
C GLN C 184 0.99 -7.29 18.79
N CYS C 185 0.91 -7.60 17.49
CA CYS C 185 0.49 -8.91 17.05
C CYS C 185 1.67 -9.66 16.44
N ASN C 186 2.14 -10.67 17.17
CA ASN C 186 3.27 -11.49 16.77
C ASN C 186 2.80 -12.94 16.68
N GLY C 187 3.72 -13.85 16.37
CA GLY C 187 3.40 -15.26 16.25
C GLY C 187 4.51 -16.14 16.82
N ILE C 188 4.11 -17.32 17.31
CA ILE C 188 5.05 -18.30 17.81
C ILE C 188 4.98 -19.53 16.92
N GLY C 189 6.14 -20.02 16.51
CA GLY C 189 6.23 -21.11 15.54
C GLY C 189 6.93 -22.31 16.15
N PRO C 190 6.19 -23.25 16.78
CA PRO C 190 6.82 -24.37 17.47
C PRO C 190 7.44 -25.35 16.50
N GLY C 191 8.64 -25.83 16.85
CA GLY C 191 9.27 -26.93 16.14
C GLY C 191 8.67 -28.26 16.54
N TYR C 192 9.49 -29.31 16.53
CA TYR C 192 9.03 -30.63 16.93
C TYR C 192 8.96 -30.65 18.44
N ILE C 193 7.73 -30.63 18.99
CA ILE C 193 7.52 -30.58 20.43
C ILE C 193 7.34 -31.99 20.96
N ALA C 194 7.96 -32.25 22.11
CA ALA C 194 7.86 -33.54 22.78
C ALA C 194 6.58 -33.58 23.60
N THR C 195 5.51 -34.11 23.01
CA THR C 195 4.22 -34.22 23.69
C THR C 195 4.09 -35.64 24.24
N PRO C 196 3.13 -35.89 25.17
CA PRO C 196 2.85 -37.24 25.63
C PRO C 196 2.44 -38.19 24.50
N GLN C 197 1.71 -37.67 23.51
CA GLN C 197 1.23 -38.43 22.37
C GLN C 197 2.40 -38.99 21.56
N THR C 198 3.52 -38.24 21.52
CA THR C 198 4.66 -38.59 20.70
C THR C 198 5.73 -39.31 21.53
N ALA C 199 5.36 -39.74 22.75
CA ALA C 199 6.28 -40.40 23.65
C ALA C 199 6.80 -41.71 23.05
N PRO C 200 5.95 -42.52 22.36
CA PRO C 200 6.41 -43.77 21.74
C PRO C 200 7.61 -43.61 20.80
N LEU C 201 7.66 -42.47 20.09
CA LEU C 201 8.62 -42.26 19.02
C LEU C 201 10.03 -42.06 19.58
N ARG C 202 10.16 -41.88 20.90
CA ARG C 202 11.45 -41.74 21.55
C ARG C 202 11.76 -42.96 22.39
N GLU C 203 11.70 -44.15 21.76
CA GLU C 203 12.03 -45.40 22.43
C GLU C 203 13.01 -46.20 21.57
N PRO C 204 13.87 -47.05 22.18
CA PRO C 204 14.74 -47.94 21.42
C PRO C 204 13.96 -48.94 20.56
N ARG C 210 17.30 -44.45 18.90
CA ARG C 210 17.52 -45.16 17.61
C ARG C 210 16.25 -45.27 16.76
N HIS C 211 15.10 -44.78 17.26
CA HIS C 211 13.86 -44.82 16.49
C HIS C 211 14.02 -44.02 15.21
N PRO C 212 13.64 -44.54 14.02
CA PRO C 212 13.91 -43.87 12.75
C PRO C 212 13.43 -42.41 12.71
N PHE C 213 12.34 -42.15 13.43
CA PHE C 213 11.71 -40.84 13.47
C PHE C 213 12.51 -39.89 14.36
N ASP C 214 12.77 -40.30 15.61
CA ASP C 214 13.56 -39.51 16.55
C ASP C 214 14.93 -39.20 15.95
N SER C 215 15.49 -40.17 15.22
CA SER C 215 16.77 -40.02 14.55
C SER C 215 16.68 -38.95 13.46
N PHE C 216 15.56 -38.95 12.73
CA PHE C 216 15.33 -38.00 11.66
C PHE C 216 15.12 -36.58 12.20
N ILE C 217 14.44 -36.48 13.35
CA ILE C 217 14.16 -35.20 13.97
C ILE C 217 15.44 -34.60 14.52
N CYS C 218 16.21 -35.41 15.25
CA CYS C 218 17.43 -34.93 15.90
C CYS C 218 18.47 -34.57 14.84
N ALA C 219 18.33 -35.12 13.64
CA ALA C 219 19.17 -34.77 12.51
C ALA C 219 18.85 -33.37 12.03
N LYS C 220 17.57 -33.12 11.75
CA LYS C 220 17.11 -31.84 11.26
C LYS C 220 17.35 -30.73 12.30
N THR C 221 17.32 -31.07 13.60
CA THR C 221 17.40 -30.08 14.66
C THR C 221 18.85 -29.92 15.09
N PRO C 222 19.46 -28.71 14.96
CA PRO C 222 20.81 -28.47 15.46
C PRO C 222 20.97 -28.74 16.95
N ALA C 223 19.97 -28.35 17.75
CA ALA C 223 19.98 -28.56 19.19
C ALA C 223 19.92 -30.05 19.50
N GLY C 224 19.58 -30.85 18.48
CA GLY C 224 19.78 -32.29 18.49
C GLY C 224 18.80 -32.99 19.43
N ARG C 225 17.57 -32.48 19.52
CA ARG C 225 16.62 -32.97 20.49
C ARG C 225 15.24 -32.42 20.17
N TRP C 226 14.22 -33.04 20.77
CA TRP C 226 12.86 -32.52 20.73
C TRP C 226 12.76 -31.34 21.70
N LEU C 227 11.78 -30.46 21.48
CA LEU C 227 11.54 -29.32 22.35
C LEU C 227 10.41 -29.66 23.30
N ASP C 228 10.69 -29.54 24.61
CA ASP C 228 9.67 -29.71 25.64
C ASP C 228 8.71 -28.52 25.57
N PRO C 229 7.38 -28.74 25.58
CA PRO C 229 6.42 -27.64 25.45
C PRO C 229 6.80 -26.36 26.20
N GLU C 230 7.33 -26.54 27.42
CA GLU C 230 7.67 -25.45 28.31
C GLU C 230 8.72 -24.52 27.67
N GLU C 231 9.41 -25.01 26.64
CA GLU C 231 10.39 -24.23 25.91
C GLU C 231 9.73 -23.04 25.22
N LEU C 232 8.43 -23.17 24.90
CA LEU C 232 7.67 -22.16 24.18
C LEU C 232 7.21 -21.05 25.12
N THR C 233 7.20 -21.33 26.43
CA THR C 233 6.61 -20.44 27.41
C THR C 233 7.45 -19.16 27.55
N GLY C 234 8.78 -19.32 27.65
CA GLY C 234 9.68 -18.18 27.69
C GLY C 234 9.38 -17.20 26.57
N PRO C 235 9.46 -17.65 25.29
CA PRO C 235 9.04 -16.84 24.15
C PRO C 235 7.64 -16.23 24.25
N ALA C 236 6.66 -17.04 24.71
CA ALA C 236 5.29 -16.61 24.83
C ALA C 236 5.18 -15.44 25.81
N VAL C 237 5.79 -15.59 26.99
CA VAL C 237 5.76 -14.55 27.99
C VAL C 237 6.45 -13.31 27.43
N PHE C 238 7.49 -13.52 26.62
CA PHE C 238 8.26 -12.42 26.05
C PHE C 238 7.40 -11.57 25.11
N LEU C 239 6.57 -12.22 24.28
CA LEU C 239 5.74 -11.52 23.32
C LEU C 239 4.52 -10.88 24.00
N ALA C 240 4.17 -11.38 25.18
CA ALA C 240 3.05 -10.88 25.97
C ALA C 240 3.51 -9.76 26.92
N SER C 241 4.82 -9.70 27.17
CA SER C 241 5.41 -8.72 28.08
C SER C 241 5.56 -7.37 27.39
N GLU C 242 5.89 -6.36 28.20
CA GLU C 242 6.06 -5.00 27.69
C GLU C 242 7.47 -4.83 27.12
N ALA C 243 8.30 -5.86 27.27
CA ALA C 243 9.64 -5.86 26.70
C ALA C 243 9.59 -6.00 25.18
N SER C 244 8.52 -6.62 24.65
CA SER C 244 8.39 -6.90 23.23
C SER C 244 7.45 -5.91 22.55
N ASN C 245 7.48 -4.64 22.98
CA ASN C 245 6.55 -3.65 22.48
C ASN C 245 7.01 -3.15 21.11
N ALA C 246 8.30 -3.30 20.81
CA ALA C 246 8.84 -2.91 19.52
C ALA C 246 8.84 -4.10 18.54
N VAL C 247 8.53 -5.30 19.05
CA VAL C 247 8.40 -6.50 18.24
C VAL C 247 6.96 -6.59 17.74
N ASN C 248 6.77 -6.42 16.42
CA ASN C 248 5.42 -6.38 15.86
C ASN C 248 5.39 -7.00 14.47
N GLY C 249 4.37 -7.82 14.22
CA GLY C 249 4.16 -8.48 12.95
C GLY C 249 5.19 -9.58 12.71
N HIS C 250 5.78 -10.08 13.79
CA HIS C 250 6.95 -10.95 13.72
C HIS C 250 6.57 -12.37 14.12
N ILE C 251 7.02 -13.33 13.30
CA ILE C 251 6.87 -14.74 13.64
C ILE C 251 8.13 -15.20 14.33
N LEU C 252 8.01 -15.45 15.65
CA LEU C 252 9.10 -15.93 16.46
C LEU C 252 9.10 -17.46 16.45
N TYR C 253 9.92 -18.03 15.56
CA TYR C 253 10.04 -19.48 15.44
C TYR C 253 10.90 -20.00 16.58
N VAL C 254 10.35 -20.99 17.29
CA VAL C 254 11.02 -21.64 18.40
C VAL C 254 11.23 -23.11 18.00
N ASP C 255 12.24 -23.34 17.17
CA ASP C 255 12.36 -24.58 16.42
C ASP C 255 13.55 -25.41 16.89
N GLY C 256 14.50 -24.75 17.57
CA GLY C 256 15.75 -25.37 17.95
C GLY C 256 16.74 -25.37 16.80
N GLY C 257 16.48 -24.53 15.78
CA GLY C 257 17.41 -24.28 14.70
C GLY C 257 16.94 -24.87 13.36
N ILE C 258 15.81 -25.56 13.37
CA ILE C 258 15.42 -26.39 12.23
C ILE C 258 15.37 -25.53 10.96
N LEU C 259 14.65 -24.41 11.02
CA LEU C 259 14.40 -23.61 9.84
C LEU C 259 15.68 -22.96 9.31
N ALA C 260 16.72 -22.88 10.14
CA ALA C 260 17.98 -22.27 9.73
C ALA C 260 18.93 -23.33 9.19
N TYR C 261 18.55 -24.62 9.31
CA TYR C 261 19.45 -25.74 9.09
C TYR C 261 19.01 -26.57 7.88
N ILE C 262 19.95 -26.85 6.98
CA ILE C 262 19.66 -27.63 5.79
C ILE C 262 19.54 -29.11 6.17
N GLY C 263 20.27 -29.52 7.21
CA GLY C 263 20.08 -30.83 7.81
C GLY C 263 21.41 -31.58 7.95
N LYS C 264 21.36 -32.69 8.71
CA LYS C 264 22.53 -33.53 8.95
C LYS C 264 22.63 -34.58 7.84
N GLN C 265 23.77 -34.61 7.15
CA GLN C 265 23.92 -35.40 5.94
C GLN C 265 25.14 -36.32 6.04
N PRO C 266 24.99 -37.64 5.71
CA PRO C 266 26.12 -38.55 5.76
C PRO C 266 27.13 -38.31 4.64
N PHE D 4 15.18 -28.29 -22.41
CA PHE D 4 15.54 -27.49 -21.20
C PHE D 4 15.34 -26.00 -21.45
N LEU D 5 15.21 -25.59 -22.71
CA LEU D 5 15.03 -24.18 -23.05
C LEU D 5 13.80 -23.98 -23.92
N ASN D 6 12.84 -24.92 -23.90
CA ASN D 6 11.64 -24.72 -24.70
C ASN D 6 10.59 -24.05 -23.82
N PHE D 7 10.21 -22.84 -24.23
CA PHE D 7 9.22 -22.05 -23.54
C PHE D 7 7.89 -22.21 -24.26
N SER D 8 7.84 -23.17 -25.20
CA SER D 8 6.65 -23.44 -25.98
C SER D 8 5.64 -24.19 -25.11
N LEU D 9 4.36 -23.84 -25.28
CA LEU D 9 3.27 -24.56 -24.64
C LEU D 9 2.46 -25.28 -25.71
N GLU D 10 3.15 -25.77 -26.74
CA GLU D 10 2.51 -26.43 -27.87
C GLU D 10 1.77 -27.68 -27.39
N GLY D 11 0.45 -27.69 -27.60
CA GLY D 11 -0.38 -28.86 -27.38
C GLY D 11 -0.61 -29.14 -25.89
N LYS D 12 -0.49 -28.09 -25.07
CA LYS D 12 -0.75 -28.20 -23.63
C LYS D 12 -2.10 -27.56 -23.34
N VAL D 13 -2.94 -28.28 -22.59
CA VAL D 13 -4.24 -27.78 -22.19
C VAL D 13 -4.03 -26.91 -20.95
N ALA D 14 -4.68 -25.75 -20.94
CA ALA D 14 -4.47 -24.75 -19.89
C ALA D 14 -5.80 -24.20 -19.41
N LEU D 15 -5.96 -24.11 -18.09
CA LEU D 15 -7.16 -23.58 -17.48
C LEU D 15 -6.75 -22.42 -16.57
N VAL D 16 -7.22 -21.22 -16.91
CA VAL D 16 -6.95 -20.04 -16.11
C VAL D 16 -8.27 -19.58 -15.51
N THR D 17 -8.43 -19.73 -14.19
CA THR D 17 -9.69 -19.42 -13.54
C THR D 17 -9.87 -17.91 -13.51
N GLY D 18 -11.08 -17.46 -13.88
CA GLY D 18 -11.45 -16.06 -13.79
C GLY D 18 -10.81 -15.19 -14.87
N ALA D 19 -10.44 -15.81 -16.00
CA ALA D 19 -9.65 -15.15 -17.04
C ALA D 19 -10.55 -14.55 -18.12
N SER D 20 -11.61 -13.86 -17.70
CA SER D 20 -12.45 -13.12 -18.63
C SER D 20 -11.80 -11.76 -18.93
N TYR D 21 -11.01 -11.24 -17.99
CA TYR D 21 -10.31 -9.97 -18.18
C TYR D 21 -9.10 -9.91 -17.23
N GLY D 22 -8.34 -8.81 -17.32
CA GLY D 22 -7.32 -8.49 -16.33
C GLY D 22 -6.09 -9.38 -16.46
N ILE D 23 -5.49 -9.73 -15.31
CA ILE D 23 -4.24 -10.48 -15.26
C ILE D 23 -4.44 -11.85 -15.93
N GLY D 24 -5.47 -12.57 -15.48
CA GLY D 24 -5.77 -13.91 -15.97
C GLY D 24 -5.89 -13.93 -17.50
N PHE D 25 -6.57 -12.92 -18.05
CA PHE D 25 -6.73 -12.79 -19.48
C PHE D 25 -5.36 -12.68 -20.15
N ALA D 26 -4.50 -11.80 -19.61
CA ALA D 26 -3.19 -11.56 -20.18
C ALA D 26 -2.36 -12.84 -20.21
N ILE D 27 -2.47 -13.63 -19.12
CA ILE D 27 -1.76 -14.88 -18.98
C ILE D 27 -2.29 -15.88 -19.98
N ALA D 28 -3.62 -15.97 -20.10
CA ALA D 28 -4.27 -16.90 -21.01
C ALA D 28 -3.95 -16.56 -22.47
N SER D 29 -4.06 -15.26 -22.79
CA SER D 29 -3.73 -14.76 -24.12
C SER D 29 -2.30 -15.17 -24.49
N ALA D 30 -1.37 -14.95 -23.54
CA ALA D 30 0.03 -15.27 -23.75
C ALA D 30 0.23 -16.78 -23.89
N PHE D 31 -0.55 -17.55 -23.11
CA PHE D 31 -0.50 -19.02 -23.17
C PHE D 31 -0.92 -19.47 -24.58
N ALA D 32 -2.05 -18.94 -25.07
CA ALA D 32 -2.51 -19.20 -26.42
C ALA D 32 -1.39 -18.88 -27.41
N GLU D 33 -0.78 -17.71 -27.22
CA GLU D 33 0.27 -17.22 -28.10
C GLU D 33 1.46 -18.18 -28.14
N GLN D 34 1.66 -18.96 -27.05
CA GLN D 34 2.75 -19.93 -26.99
C GLN D 34 2.29 -21.31 -27.46
N GLY D 35 1.03 -21.41 -27.90
CA GLY D 35 0.52 -22.60 -28.56
C GLY D 35 -0.30 -23.49 -27.62
N ALA D 36 -0.77 -22.92 -26.51
CA ALA D 36 -1.55 -23.68 -25.54
C ALA D 36 -3.02 -23.65 -25.94
N LYS D 37 -3.69 -24.79 -25.76
CA LYS D 37 -5.14 -24.87 -25.90
C LYS D 37 -5.77 -24.29 -24.64
N VAL D 38 -6.29 -23.06 -24.76
CA VAL D 38 -6.66 -22.25 -23.60
C VAL D 38 -8.11 -22.51 -23.20
N CYS D 39 -8.33 -22.64 -21.89
CA CYS D 39 -9.66 -22.67 -21.31
C CYS D 39 -9.73 -21.62 -20.22
N PHE D 40 -10.94 -21.17 -19.88
CA PHE D 40 -11.12 -20.28 -18.75
C PHE D 40 -12.54 -20.44 -18.22
N ASN D 41 -12.82 -19.77 -17.08
CA ASN D 41 -14.15 -19.78 -16.51
C ASN D 41 -14.41 -18.49 -15.74
N ASP D 42 -15.69 -18.23 -15.48
CA ASP D 42 -16.10 -17.10 -14.67
C ASP D 42 -17.48 -17.40 -14.08
N ILE D 43 -18.01 -16.46 -13.31
CA ILE D 43 -19.07 -16.76 -12.37
C ILE D 43 -20.44 -16.75 -13.05
N ASN D 44 -20.59 -15.99 -14.15
CA ASN D 44 -21.86 -15.94 -14.87
C ASN D 44 -21.62 -15.88 -16.37
N GLN D 45 -22.73 -16.00 -17.12
CA GLN D 45 -22.69 -16.14 -18.57
C GLN D 45 -22.24 -14.83 -19.22
N GLU D 46 -22.62 -13.70 -18.61
CA GLU D 46 -22.28 -12.39 -19.14
C GLU D 46 -20.76 -12.25 -19.25
N LEU D 47 -20.07 -12.56 -18.14
CA LEU D 47 -18.63 -12.34 -18.03
C LEU D 47 -17.88 -13.34 -18.91
N VAL D 48 -18.46 -14.52 -19.15
CA VAL D 48 -17.85 -15.50 -20.03
C VAL D 48 -17.94 -15.01 -21.48
N ASP D 49 -19.12 -14.51 -21.86
CA ASP D 49 -19.37 -14.06 -23.22
C ASP D 49 -18.45 -12.91 -23.58
N LYS D 50 -18.32 -11.93 -22.66
CA LYS D 50 -17.39 -10.83 -22.83
C LYS D 50 -15.98 -11.36 -23.06
N GLY D 51 -15.58 -12.35 -22.25
CA GLY D 51 -14.27 -12.97 -22.36
C GLY D 51 -14.09 -13.65 -23.71
N MET D 52 -15.01 -14.57 -24.03
CA MET D 52 -15.00 -15.30 -25.28
C MET D 52 -14.79 -14.33 -26.45
N ALA D 53 -15.47 -13.18 -26.39
CA ALA D 53 -15.43 -12.16 -27.43
C ALA D 53 -14.02 -11.58 -27.58
N ALA D 54 -13.37 -11.32 -26.44
CA ALA D 54 -12.05 -10.71 -26.44
C ALA D 54 -10.97 -11.70 -26.91
N TYR D 55 -11.14 -12.99 -26.57
CA TYR D 55 -10.22 -14.04 -27.00
C TYR D 55 -10.36 -14.24 -28.51
N ALA D 56 -11.61 -14.31 -28.97
CA ALA D 56 -11.93 -14.35 -30.39
C ALA D 56 -11.27 -13.17 -31.11
N ALA D 57 -11.33 -11.98 -30.50
CA ALA D 57 -10.85 -10.74 -31.10
C ALA D 57 -9.33 -10.74 -31.27
N LYS D 58 -8.62 -11.66 -30.61
CA LYS D 58 -7.19 -11.82 -30.79
C LYS D 58 -6.89 -13.11 -31.56
N GLY D 59 -7.94 -13.73 -32.11
CA GLY D 59 -7.81 -14.96 -32.88
C GLY D 59 -7.50 -16.14 -31.98
N ILE D 60 -8.23 -16.25 -30.85
CA ILE D 60 -8.03 -17.30 -29.87
C ILE D 60 -9.35 -18.03 -29.64
N LYS D 61 -9.29 -19.37 -29.76
CA LYS D 61 -10.44 -20.24 -29.53
C LYS D 61 -10.48 -20.64 -28.07
N ALA D 62 -10.79 -19.69 -27.18
CA ALA D 62 -10.87 -19.96 -25.76
C ALA D 62 -12.10 -20.81 -25.47
N HIS D 63 -11.93 -21.83 -24.63
CA HIS D 63 -13.05 -22.62 -24.15
C HIS D 63 -13.50 -22.03 -22.81
N GLY D 64 -14.54 -21.18 -22.86
CA GLY D 64 -15.10 -20.56 -21.68
C GLY D 64 -16.15 -21.45 -21.02
N TYR D 65 -16.29 -21.32 -19.69
CA TYR D 65 -17.26 -22.06 -18.92
C TYR D 65 -17.79 -21.19 -17.78
N VAL D 66 -19.10 -21.27 -17.51
CA VAL D 66 -19.65 -20.63 -16.33
C VAL D 66 -19.47 -21.60 -15.16
N CYS D 67 -18.57 -21.28 -14.24
CA CYS D 67 -18.30 -22.14 -13.11
C CYS D 67 -17.90 -21.33 -11.88
N ASP D 68 -18.53 -21.65 -10.74
CA ASP D 68 -18.10 -21.17 -9.44
C ASP D 68 -17.02 -22.11 -8.92
N VAL D 69 -15.88 -21.54 -8.53
CA VAL D 69 -14.72 -22.35 -8.16
C VAL D 69 -14.88 -22.88 -6.74
N THR D 70 -15.78 -22.28 -5.94
CA THR D 70 -16.03 -22.72 -4.56
C THR D 70 -17.03 -23.88 -4.55
N ASP D 71 -17.70 -24.11 -5.67
CA ASP D 71 -18.60 -25.25 -5.85
C ASP D 71 -17.80 -26.41 -6.41
N GLU D 72 -17.41 -27.37 -5.55
CA GLU D 72 -16.54 -28.47 -5.95
C GLU D 72 -17.22 -29.33 -7.03
N PRO D 73 -18.48 -29.78 -6.82
CA PRO D 73 -19.18 -30.56 -7.84
C PRO D 73 -19.16 -29.93 -9.23
N ALA D 74 -19.35 -28.60 -9.27
CA ALA D 74 -19.37 -27.85 -10.52
C ALA D 74 -17.99 -27.83 -11.17
N VAL D 75 -16.95 -27.64 -10.33
CA VAL D 75 -15.58 -27.66 -10.79
C VAL D 75 -15.26 -29.07 -11.32
N GLN D 76 -15.60 -30.09 -10.52
CA GLN D 76 -15.40 -31.47 -10.91
C GLN D 76 -15.95 -31.69 -12.32
N ALA D 77 -17.15 -31.16 -12.57
CA ALA D 77 -17.82 -31.28 -13.85
C ALA D 77 -17.01 -30.55 -14.92
N MET D 78 -16.73 -29.27 -14.69
CA MET D 78 -16.04 -28.42 -15.64
C MET D 78 -14.75 -29.08 -16.13
N VAL D 79 -14.01 -29.73 -15.21
CA VAL D 79 -12.75 -30.36 -15.55
C VAL D 79 -12.99 -31.56 -16.47
N ALA D 80 -13.98 -32.41 -16.14
CA ALA D 80 -14.30 -33.59 -16.94
C ALA D 80 -14.80 -33.18 -18.32
N THR D 81 -15.47 -32.03 -18.41
CA THR D 81 -15.95 -31.50 -19.69
C THR D 81 -14.76 -31.09 -20.54
N ILE D 82 -13.75 -30.47 -19.91
CA ILE D 82 -12.54 -30.05 -20.59
C ILE D 82 -11.72 -31.28 -20.98
N ALA D 83 -11.75 -32.31 -20.13
CA ALA D 83 -11.07 -33.57 -20.40
C ALA D 83 -11.64 -34.22 -21.66
N LYS D 84 -12.97 -34.08 -21.83
CA LYS D 84 -13.72 -34.71 -22.91
C LYS D 84 -13.51 -33.95 -24.22
N GLU D 85 -13.80 -32.64 -24.20
CA GLU D 85 -13.84 -31.81 -25.39
C GLU D 85 -12.42 -31.45 -25.85
N VAL D 86 -11.59 -30.98 -24.91
CA VAL D 86 -10.32 -30.38 -25.24
C VAL D 86 -9.17 -31.32 -24.90
N GLY D 87 -9.19 -31.90 -23.70
CA GLY D 87 -8.15 -32.81 -23.24
C GLY D 87 -7.85 -32.59 -21.76
N THR D 88 -7.09 -33.53 -21.17
CA THR D 88 -6.77 -33.50 -19.74
C THR D 88 -5.87 -32.28 -19.48
N ILE D 89 -6.16 -31.58 -18.39
CA ILE D 89 -5.53 -30.30 -18.10
C ILE D 89 -4.08 -30.56 -17.70
N ASP D 90 -3.17 -29.73 -18.26
CA ASP D 90 -1.75 -29.81 -18.02
C ASP D 90 -1.24 -28.60 -17.24
N ILE D 91 -1.94 -27.46 -17.37
CA ILE D 91 -1.51 -26.21 -16.77
C ILE D 91 -2.69 -25.52 -16.10
N LEU D 92 -2.67 -25.48 -14.76
CA LEU D 92 -3.70 -24.80 -13.99
C LEU D 92 -3.14 -23.47 -13.50
N VAL D 93 -3.93 -22.40 -13.65
CA VAL D 93 -3.57 -21.10 -13.12
C VAL D 93 -4.75 -20.63 -12.27
N ASN D 94 -4.58 -20.70 -10.94
CA ASN D 94 -5.59 -20.23 -10.01
C ASN D 94 -5.54 -18.71 -9.94
N ASN D 95 -6.17 -18.05 -10.92
CA ASN D 95 -6.17 -16.60 -11.00
C ASN D 95 -7.38 -16.04 -10.26
N ALA D 96 -8.52 -16.73 -10.35
CA ALA D 96 -9.79 -16.24 -9.82
C ALA D 96 -9.69 -15.92 -8.33
N GLY D 97 -10.06 -14.68 -7.98
CA GLY D 97 -10.01 -14.21 -6.61
C GLY D 97 -10.72 -12.85 -6.49
N ILE D 98 -10.98 -12.45 -5.24
CA ILE D 98 -11.69 -11.20 -4.97
C ILE D 98 -10.94 -10.44 -3.88
N ILE D 99 -10.99 -9.11 -3.95
CA ILE D 99 -10.40 -8.27 -2.93
C ILE D 99 -11.56 -7.64 -2.15
N ARG D 100 -11.35 -7.37 -0.86
CA ARG D 100 -12.36 -6.74 -0.02
C ARG D 100 -11.66 -5.86 1.00
N ARG D 101 -12.00 -4.57 0.97
CA ARG D 101 -11.36 -3.58 1.84
C ARG D 101 -12.33 -3.21 2.96
N VAL D 102 -12.11 -3.81 4.13
CA VAL D 102 -12.91 -3.54 5.33
C VAL D 102 -11.99 -3.63 6.54
N PRO D 103 -12.01 -2.63 7.45
CA PRO D 103 -11.33 -2.77 8.74
C PRO D 103 -11.70 -4.07 9.45
N MET D 104 -10.68 -4.80 9.91
CA MET D 104 -10.84 -6.19 10.31
C MET D 104 -11.87 -6.30 11.43
N HIS D 105 -11.79 -5.37 12.41
CA HIS D 105 -12.69 -5.41 13.56
C HIS D 105 -14.14 -5.15 13.12
N GLU D 106 -14.32 -4.44 12.00
CA GLU D 106 -15.65 -4.10 11.49
C GLU D 106 -16.16 -5.12 10.48
N MET D 107 -15.29 -6.06 10.05
CA MET D 107 -15.64 -6.94 8.96
C MET D 107 -16.54 -8.06 9.46
N ASP D 108 -17.57 -8.36 8.66
CA ASP D 108 -18.47 -9.48 8.95
C ASP D 108 -17.69 -10.78 8.81
N ALA D 109 -18.04 -11.75 9.68
CA ALA D 109 -17.43 -13.06 9.62
C ALA D 109 -17.75 -13.74 8.29
N ALA D 110 -18.95 -13.48 7.76
CA ALA D 110 -19.38 -14.06 6.49
C ALA D 110 -18.54 -13.53 5.34
N ASP D 111 -18.15 -12.23 5.40
CA ASP D 111 -17.32 -11.60 4.38
C ASP D 111 -15.93 -12.23 4.36
N PHE D 112 -15.30 -12.29 5.54
CA PHE D 112 -13.98 -12.86 5.71
C PHE D 112 -13.94 -14.25 5.08
N ARG D 113 -14.92 -15.09 5.42
CA ARG D 113 -14.97 -16.46 4.96
C ARG D 113 -15.04 -16.51 3.43
N ARG D 114 -15.89 -15.67 2.83
CA ARG D 114 -16.04 -15.61 1.38
C ARG D 114 -14.66 -15.43 0.73
N VAL D 115 -13.92 -14.44 1.23
CA VAL D 115 -12.64 -14.07 0.65
C VAL D 115 -11.71 -15.28 0.71
N ILE D 116 -11.68 -15.93 1.88
CA ILE D 116 -10.85 -17.11 2.11
C ILE D 116 -11.30 -18.24 1.18
N ASP D 117 -12.63 -18.39 1.01
CA ASP D 117 -13.20 -19.50 0.27
C ASP D 117 -12.80 -19.41 -1.20
N ILE D 118 -12.82 -18.19 -1.76
CA ILE D 118 -12.58 -18.00 -3.19
C ILE D 118 -11.08 -17.94 -3.45
N ASP D 119 -10.33 -17.33 -2.52
CA ASP D 119 -8.93 -17.01 -2.75
C ASP D 119 -8.01 -18.13 -2.27
N LEU D 120 -8.47 -18.96 -1.33
CA LEU D 120 -7.63 -19.97 -0.72
C LEU D 120 -8.21 -21.37 -0.92
N ASN D 121 -9.46 -21.56 -0.48
CA ASN D 121 -10.09 -22.87 -0.50
C ASN D 121 -10.32 -23.33 -1.94
N ALA D 122 -10.79 -22.41 -2.79
CA ALA D 122 -11.07 -22.75 -4.18
C ALA D 122 -9.80 -23.25 -4.88
N PRO D 123 -8.68 -22.48 -4.91
CA PRO D 123 -7.45 -23.02 -5.48
C PRO D 123 -7.15 -24.45 -5.05
N PHE D 124 -7.51 -24.80 -3.80
CA PHE D 124 -7.42 -26.19 -3.36
C PHE D 124 -8.34 -27.05 -4.22
N ILE D 125 -9.63 -26.70 -4.24
CA ILE D 125 -10.65 -27.47 -4.91
C ILE D 125 -10.27 -27.72 -6.37
N VAL D 126 -9.79 -26.68 -7.06
CA VAL D 126 -9.53 -26.75 -8.49
C VAL D 126 -8.25 -27.54 -8.72
N ALA D 127 -7.28 -27.36 -7.82
CA ALA D 127 -6.03 -28.11 -7.88
C ALA D 127 -6.33 -29.59 -7.67
N LYS D 128 -7.24 -29.87 -6.73
CA LYS D 128 -7.66 -31.22 -6.37
C LYS D 128 -8.23 -31.94 -7.59
N ALA D 129 -8.97 -31.20 -8.43
CA ALA D 129 -9.66 -31.77 -9.58
C ALA D 129 -8.70 -32.07 -10.74
N VAL D 130 -7.59 -31.34 -10.86
CA VAL D 130 -6.75 -31.43 -12.04
C VAL D 130 -5.51 -32.28 -11.77
N LEU D 131 -5.32 -32.70 -10.50
CA LEU D 131 -4.11 -33.42 -10.09
C LEU D 131 -4.14 -34.89 -10.52
N PRO D 132 -5.26 -35.65 -10.32
CA PRO D 132 -5.33 -37.03 -10.76
C PRO D 132 -4.91 -37.23 -12.22
N ALA D 133 -5.40 -36.34 -13.09
CA ALA D 133 -4.99 -36.32 -14.49
C ALA D 133 -3.47 -36.21 -14.60
N MET D 134 -2.92 -35.18 -13.95
CA MET D 134 -1.51 -34.87 -14.03
C MET D 134 -0.68 -36.02 -13.47
N MET D 135 -1.14 -36.58 -12.35
CA MET D 135 -0.42 -37.65 -11.66
C MET D 135 -0.26 -38.87 -12.56
N GLU D 136 -1.30 -39.18 -13.35
CA GLU D 136 -1.24 -40.29 -14.28
C GLU D 136 -0.15 -40.04 -15.31
N LYS D 137 -0.24 -38.89 -16.00
CA LYS D 137 0.64 -38.59 -17.12
C LYS D 137 2.03 -38.15 -16.65
N ARG D 138 2.17 -37.93 -15.33
CA ARG D 138 3.45 -37.61 -14.70
C ARG D 138 4.02 -36.34 -15.31
N ALA D 139 3.18 -35.30 -15.33
CA ALA D 139 3.53 -34.00 -15.87
C ALA D 139 2.38 -33.03 -15.59
N GLY D 140 2.70 -31.87 -15.03
CA GLY D 140 1.67 -30.89 -14.73
C GLY D 140 2.30 -29.57 -14.29
N LYS D 141 1.51 -28.50 -14.39
CA LYS D 141 1.90 -27.19 -13.89
C LYS D 141 0.71 -26.58 -13.17
N ILE D 142 0.95 -26.11 -11.94
CA ILE D 142 -0.06 -25.42 -11.17
C ILE D 142 0.54 -24.10 -10.70
N ILE D 143 0.05 -23.00 -11.29
CA ILE D 143 0.52 -21.66 -10.99
C ILE D 143 -0.53 -20.92 -10.18
N ASN D 144 -0.26 -20.68 -8.90
CA ASN D 144 -1.17 -19.93 -8.05
C ASN D 144 -0.78 -18.45 -8.07
N ILE D 145 -1.76 -17.59 -8.39
CA ILE D 145 -1.53 -16.15 -8.43
C ILE D 145 -1.61 -15.63 -6.99
N CYS D 146 -0.43 -15.43 -6.38
CA CYS D 146 -0.35 -14.87 -5.05
C CYS D 146 -0.41 -13.35 -5.17
N SER D 147 -0.10 -12.65 -4.07
CA SER D 147 0.02 -11.20 -4.07
C SER D 147 1.27 -10.78 -3.32
N MET D 148 1.52 -9.48 -3.27
CA MET D 148 2.49 -8.93 -2.33
C MET D 148 1.93 -9.05 -0.91
N MET D 149 0.62 -9.29 -0.82
CA MET D 149 -0.03 -9.52 0.47
C MET D 149 0.26 -10.93 0.97
N SER D 150 0.99 -11.73 0.19
CA SER D 150 1.52 -13.00 0.68
C SER D 150 2.66 -12.76 1.67
N GLU D 151 3.24 -11.55 1.66
CA GLU D 151 4.36 -11.22 2.52
C GLU D 151 4.02 -10.09 3.49
N LEU D 152 3.39 -9.03 2.97
CA LEU D 152 3.17 -7.78 3.69
C LEU D 152 1.68 -7.54 3.90
N GLY D 153 1.32 -6.97 5.06
CA GLY D 153 -0.06 -6.62 5.35
C GLY D 153 -0.32 -5.15 5.05
N ARG D 154 -1.61 -4.80 4.94
CA ARG D 154 -2.06 -3.41 4.87
C ARG D 154 -3.39 -3.31 5.62
N GLU D 155 -3.85 -2.07 5.87
CA GLU D 155 -5.13 -1.84 6.51
C GLU D 155 -6.24 -2.25 5.55
N THR D 156 -7.34 -2.79 6.10
CA THR D 156 -8.55 -3.15 5.37
C THR D 156 -8.41 -4.52 4.70
N VAL D 157 -7.28 -4.76 4.02
CA VAL D 157 -7.12 -5.95 3.20
C VAL D 157 -6.79 -7.17 4.04
N SER D 158 -7.27 -7.22 5.30
CA SER D 158 -6.90 -8.27 6.26
C SER D 158 -7.17 -9.65 5.69
N ALA D 159 -8.46 -9.97 5.45
CA ALA D 159 -8.84 -11.30 4.96
C ALA D 159 -8.10 -11.65 3.67
N TYR D 160 -7.96 -10.66 2.78
CA TYR D 160 -7.33 -10.89 1.48
C TYR D 160 -5.88 -11.32 1.68
N ALA D 161 -5.19 -10.68 2.62
CA ALA D 161 -3.80 -11.03 2.94
C ALA D 161 -3.74 -12.45 3.49
N ALA D 162 -4.56 -12.72 4.52
CA ALA D 162 -4.64 -14.04 5.13
C ALA D 162 -4.80 -15.13 4.08
N ALA D 163 -5.65 -14.85 3.07
CA ALA D 163 -5.87 -15.79 1.98
C ALA D 163 -4.60 -16.01 1.17
N LYS D 164 -3.98 -14.91 0.74
CA LYS D 164 -2.87 -14.97 -0.20
C LYS D 164 -1.62 -15.56 0.46
N GLY D 165 -1.43 -15.26 1.75
CA GLY D 165 -0.40 -15.89 2.55
C GLY D 165 -0.63 -17.39 2.74
N GLY D 166 -1.92 -17.77 2.86
CA GLY D 166 -2.32 -19.18 2.90
C GLY D 166 -2.08 -19.85 1.55
N LEU D 167 -2.44 -19.15 0.47
CA LEU D 167 -2.21 -19.65 -0.88
C LEU D 167 -0.72 -19.88 -1.11
N LYS D 168 0.11 -19.04 -0.48
CA LYS D 168 1.55 -19.15 -0.62
C LYS D 168 2.01 -20.52 -0.11
N MET D 169 1.51 -20.91 1.06
CA MET D 169 1.88 -22.18 1.65
C MET D 169 1.22 -23.33 0.88
N LEU D 170 -0.04 -23.13 0.46
CA LEU D 170 -0.70 -24.13 -0.36
C LEU D 170 0.19 -24.46 -1.56
N THR D 171 0.83 -23.43 -2.14
CA THR D 171 1.74 -23.61 -3.26
C THR D 171 2.88 -24.52 -2.82
N ARG D 172 3.46 -24.21 -1.66
CA ARG D 172 4.63 -24.91 -1.16
C ARG D 172 4.28 -26.36 -0.82
N ASN D 173 3.01 -26.59 -0.48
CA ASN D 173 2.58 -27.89 -0.05
C ASN D 173 2.31 -28.78 -1.26
N ILE D 174 1.69 -28.20 -2.31
CA ILE D 174 1.40 -28.93 -3.54
C ILE D 174 2.73 -29.32 -4.19
N CYS D 175 3.73 -28.45 -4.04
CA CYS D 175 5.07 -28.79 -4.43
C CYS D 175 5.55 -29.99 -3.65
N SER D 176 5.41 -29.92 -2.31
CA SER D 176 5.95 -30.93 -1.41
C SER D 176 5.37 -32.31 -1.71
N GLU D 177 4.06 -32.32 -1.96
CA GLU D 177 3.28 -33.55 -1.95
C GLU D 177 3.31 -34.20 -3.33
N TYR D 178 3.20 -33.40 -4.40
CA TYR D 178 3.00 -33.91 -5.74
C TYR D 178 4.19 -33.62 -6.65
N GLY D 179 5.30 -33.13 -6.08
CA GLY D 179 6.48 -32.82 -6.88
C GLY D 179 7.09 -34.09 -7.49
N GLU D 180 6.87 -35.24 -6.83
CA GLU D 180 7.48 -36.50 -7.23
C GLU D 180 6.84 -37.02 -8.50
N TYR D 181 5.62 -36.57 -8.80
CA TYR D 181 4.95 -36.93 -10.04
C TYR D 181 5.33 -35.95 -11.15
N ASN D 182 6.43 -35.22 -10.96
CA ASN D 182 6.88 -34.21 -11.91
C ASN D 182 5.77 -33.18 -12.12
N ILE D 183 5.15 -32.75 -11.01
CA ILE D 183 4.21 -31.65 -10.99
C ILE D 183 4.89 -30.47 -10.31
N GLN D 184 5.06 -29.37 -11.05
CA GLN D 184 5.67 -28.17 -10.49
C GLN D 184 4.56 -27.17 -10.13
N CYS D 185 4.36 -26.95 -8.81
CA CYS D 185 3.45 -25.93 -8.35
C CYS D 185 4.26 -24.74 -7.83
N ASN D 186 4.20 -23.63 -8.60
CA ASN D 186 4.89 -22.41 -8.25
C ASN D 186 3.83 -21.32 -8.07
N GLY D 187 4.28 -20.07 -7.91
CA GLY D 187 3.38 -18.96 -7.68
C GLY D 187 3.91 -17.68 -8.32
N ILE D 188 2.98 -16.79 -8.69
CA ILE D 188 3.31 -15.49 -9.25
C ILE D 188 2.75 -14.42 -8.32
N GLY D 189 3.59 -13.45 -7.98
CA GLY D 189 3.26 -12.40 -7.04
C GLY D 189 3.29 -11.03 -7.71
N PRO D 190 2.18 -10.58 -8.33
CA PRO D 190 2.18 -9.28 -9.01
C PRO D 190 2.34 -8.11 -8.04
N GLY D 191 3.21 -7.17 -8.43
CA GLY D 191 3.31 -5.89 -7.73
C GLY D 191 2.14 -4.97 -8.07
N TYR D 192 2.42 -3.66 -8.16
CA TYR D 192 1.39 -2.70 -8.51
C TYR D 192 1.20 -2.75 -10.02
N ILE D 193 0.06 -3.33 -10.44
CA ILE D 193 -0.26 -3.51 -11.84
C ILE D 193 -1.06 -2.30 -12.31
N ALA D 194 -0.71 -1.81 -13.51
CA ALA D 194 -1.43 -0.72 -14.16
C ALA D 194 -2.65 -1.28 -14.89
N THR D 195 -3.79 -1.30 -14.21
CA THR D 195 -5.04 -1.78 -14.78
C THR D 195 -5.83 -0.58 -15.32
N PRO D 196 -6.85 -0.81 -16.17
CA PRO D 196 -7.77 0.26 -16.55
C PRO D 196 -8.45 0.93 -15.35
N GLN D 197 -8.78 0.15 -14.32
CA GLN D 197 -9.49 0.63 -13.14
C GLN D 197 -8.66 1.68 -12.40
N THR D 198 -7.33 1.56 -12.46
CA THR D 198 -6.42 2.40 -11.71
C THR D 198 -5.87 3.53 -12.60
N ALA D 199 -6.43 3.67 -13.81
CA ALA D 199 -5.95 4.66 -14.76
C ALA D 199 -6.05 6.08 -14.19
N PRO D 200 -7.13 6.44 -13.43
CA PRO D 200 -7.23 7.77 -12.84
C PRO D 200 -6.04 8.17 -11.97
N LEU D 201 -5.41 7.18 -11.32
CA LEU D 201 -4.39 7.46 -10.31
C LEU D 201 -3.07 7.87 -10.96
N ARG D 202 -2.98 7.78 -12.30
CA ARG D 202 -1.80 8.22 -13.03
C ARG D 202 -2.14 9.43 -13.90
N GLU D 203 -2.70 10.48 -13.26
CA GLU D 203 -3.03 11.73 -13.92
C GLU D 203 -2.40 12.89 -13.16
N PRO D 204 -2.08 14.03 -13.82
CA PRO D 204 -1.63 15.22 -13.11
C PRO D 204 -2.67 15.78 -12.14
N HIS D 211 0.41 12.72 -9.07
CA HIS D 211 -0.66 12.22 -8.16
C HIS D 211 0.01 11.66 -6.91
N PRO D 212 -0.50 11.97 -5.69
CA PRO D 212 0.11 11.45 -4.46
C PRO D 212 0.30 9.93 -4.42
N PHE D 213 -0.60 9.18 -5.07
CA PHE D 213 -0.58 7.73 -5.08
C PHE D 213 0.49 7.23 -6.04
N ASP D 214 0.44 7.70 -7.30
CA ASP D 214 1.41 7.31 -8.31
C ASP D 214 2.83 7.67 -7.85
N SER D 215 2.97 8.79 -7.13
CA SER D 215 4.26 9.21 -6.60
C SER D 215 4.73 8.24 -5.50
N PHE D 216 3.78 7.77 -4.67
CA PHE D 216 4.06 6.86 -3.59
C PHE D 216 4.46 5.49 -4.13
N ILE D 217 3.82 5.06 -5.23
CA ILE D 217 4.07 3.76 -5.83
C ILE D 217 5.45 3.76 -6.51
N CYS D 218 5.76 4.83 -7.24
CA CYS D 218 7.00 4.92 -7.99
C CYS D 218 8.18 5.10 -7.04
N ALA D 219 7.90 5.58 -5.81
CA ALA D 219 8.89 5.65 -4.75
C ALA D 219 9.28 4.25 -4.29
N LYS D 220 8.27 3.45 -3.93
CA LYS D 220 8.47 2.10 -3.44
C LYS D 220 9.05 1.18 -4.51
N THR D 221 8.81 1.50 -5.79
CA THR D 221 9.25 0.67 -6.89
C THR D 221 10.61 1.18 -7.40
N PRO D 222 11.68 0.36 -7.34
CA PRO D 222 12.95 0.71 -7.96
C PRO D 222 12.86 1.00 -9.47
N ALA D 223 12.09 0.17 -10.18
CA ALA D 223 11.89 0.34 -11.60
C ALA D 223 11.14 1.64 -11.89
N GLY D 224 10.56 2.23 -10.82
CA GLY D 224 10.08 3.61 -10.84
C GLY D 224 8.81 3.77 -11.68
N ARG D 225 7.95 2.74 -11.69
CA ARG D 225 6.80 2.73 -12.57
C ARG D 225 5.82 1.65 -12.14
N TRP D 226 4.59 1.71 -12.66
CA TRP D 226 3.62 0.65 -12.52
C TRP D 226 3.98 -0.47 -13.51
N LEU D 227 3.55 -1.69 -13.21
CA LEU D 227 3.79 -2.83 -14.09
C LEU D 227 2.55 -3.05 -14.95
N ASP D 228 2.76 -3.12 -16.27
CA ASP D 228 1.70 -3.43 -17.21
C ASP D 228 1.38 -4.92 -17.11
N PRO D 229 0.09 -5.35 -16.99
CA PRO D 229 -0.24 -6.75 -16.78
C PRO D 229 0.52 -7.74 -17.66
N GLU D 230 0.85 -7.32 -18.89
CA GLU D 230 1.58 -8.16 -19.83
C GLU D 230 2.97 -8.50 -19.29
N GLU D 231 3.44 -7.73 -18.29
CA GLU D 231 4.72 -7.98 -17.64
C GLU D 231 4.72 -9.33 -16.91
N LEU D 232 3.53 -9.79 -16.50
CA LEU D 232 3.37 -11.02 -15.74
C LEU D 232 3.33 -12.24 -16.65
N THR D 233 3.17 -12.02 -17.96
CA THR D 233 2.99 -13.09 -18.92
C THR D 233 4.30 -13.86 -19.13
N GLY D 234 5.41 -13.12 -19.27
CA GLY D 234 6.72 -13.74 -19.45
C GLY D 234 7.01 -14.74 -18.34
N PRO D 235 6.94 -14.30 -17.06
CA PRO D 235 7.04 -15.19 -15.90
C PRO D 235 6.05 -16.36 -15.90
N ALA D 236 4.79 -16.08 -16.27
CA ALA D 236 3.76 -17.10 -16.26
C ALA D 236 4.10 -18.21 -17.25
N VAL D 237 4.49 -17.82 -18.48
CA VAL D 237 4.86 -18.77 -19.50
C VAL D 237 6.04 -19.59 -19.00
N PHE D 238 6.99 -18.92 -18.35
CA PHE D 238 8.19 -19.56 -17.84
C PHE D 238 7.84 -20.69 -16.88
N LEU D 239 6.94 -20.41 -15.93
CA LEU D 239 6.55 -21.39 -14.91
C LEU D 239 5.70 -22.50 -15.52
N ALA D 240 5.05 -22.22 -16.66
CA ALA D 240 4.23 -23.20 -17.35
C ALA D 240 5.07 -24.00 -18.34
N SER D 241 6.25 -23.47 -18.68
CA SER D 241 7.13 -24.08 -19.66
C SER D 241 7.89 -25.24 -19.05
N GLU D 242 8.60 -26.00 -19.90
CA GLU D 242 9.40 -27.12 -19.43
C GLU D 242 10.77 -26.62 -18.96
N ALA D 243 11.04 -25.32 -19.13
CA ALA D 243 12.28 -24.72 -18.68
C ALA D 243 12.31 -24.57 -17.16
N SER D 244 11.14 -24.52 -16.52
CA SER D 244 11.02 -24.29 -15.10
C SER D 244 10.68 -25.58 -14.35
N ASN D 245 11.22 -26.71 -14.83
CA ASN D 245 10.87 -28.01 -14.28
C ASN D 245 11.57 -28.23 -12.94
N ALA D 246 12.71 -27.53 -12.75
CA ALA D 246 13.44 -27.61 -11.50
C ALA D 246 13.03 -26.51 -10.51
N VAL D 247 12.21 -25.56 -10.99
CA VAL D 247 11.63 -24.54 -10.12
C VAL D 247 10.32 -25.09 -9.56
N ASN D 248 10.28 -25.30 -8.23
CA ASN D 248 9.14 -25.92 -7.60
C ASN D 248 8.93 -25.33 -6.20
N GLY D 249 7.66 -25.08 -5.86
CA GLY D 249 7.29 -24.59 -4.55
C GLY D 249 7.78 -23.16 -4.34
N HIS D 250 8.00 -22.47 -5.46
CA HIS D 250 8.62 -21.15 -5.44
C HIS D 250 7.56 -20.10 -5.77
N ILE D 251 7.59 -19.00 -5.02
CA ILE D 251 6.81 -17.82 -5.32
C ILE D 251 7.69 -16.85 -6.11
N LEU D 252 7.45 -16.76 -7.42
CA LEU D 252 8.17 -15.83 -8.29
C LEU D 252 7.48 -14.48 -8.20
N TYR D 253 8.07 -13.57 -7.43
CA TYR D 253 7.51 -12.23 -7.29
C TYR D 253 7.92 -11.41 -8.51
N VAL D 254 6.93 -10.74 -9.10
CA VAL D 254 7.10 -9.86 -10.25
C VAL D 254 6.64 -8.46 -9.82
N ASP D 255 7.50 -7.76 -9.07
CA ASP D 255 7.12 -6.57 -8.33
C ASP D 255 7.80 -5.32 -8.91
N GLY D 256 8.85 -5.51 -9.72
CA GLY D 256 9.66 -4.41 -10.18
C GLY D 256 10.62 -3.92 -9.09
N GLY D 257 10.81 -4.76 -8.05
CA GLY D 257 11.84 -4.53 -7.04
C GLY D 257 11.29 -4.19 -5.66
N ILE D 258 9.96 -4.09 -5.53
CA ILE D 258 9.35 -3.49 -4.36
C ILE D 258 9.71 -4.26 -3.09
N LEU D 259 9.61 -5.59 -3.11
CA LEU D 259 9.85 -6.40 -1.93
C LEU D 259 11.32 -6.37 -1.52
N ALA D 260 12.21 -6.02 -2.45
CA ALA D 260 13.65 -5.95 -2.19
C ALA D 260 14.08 -4.58 -1.68
N TYR D 261 13.16 -3.60 -1.72
CA TYR D 261 13.51 -2.20 -1.55
C TYR D 261 12.80 -1.63 -0.33
N ILE D 262 13.56 -0.91 0.50
CA ILE D 262 13.04 -0.35 1.74
C ILE D 262 12.25 0.93 1.43
N GLY D 263 12.59 1.61 0.33
CA GLY D 263 11.78 2.70 -0.18
C GLY D 263 12.61 3.95 -0.43
N LYS D 264 12.04 4.90 -1.18
CA LYS D 264 12.68 6.16 -1.50
C LYS D 264 12.39 7.15 -0.37
N GLN D 265 13.45 7.70 0.22
CA GLN D 265 13.34 8.50 1.44
C GLN D 265 13.98 9.86 1.23
N PRO D 266 13.30 10.96 1.64
CA PRO D 266 13.87 12.30 1.50
C PRO D 266 14.94 12.61 2.56
N GLN E 3 13.37 -23.01 35.30
CA GLN E 3 14.43 -22.23 34.60
C GLN E 3 14.04 -21.91 33.16
N PHE E 4 12.78 -22.19 32.79
CA PHE E 4 12.28 -21.97 31.44
C PHE E 4 11.79 -20.54 31.29
N LEU E 5 11.64 -19.81 32.42
CA LEU E 5 11.13 -18.45 32.43
C LEU E 5 12.14 -17.52 33.11
N ASN E 6 13.42 -17.88 32.98
CA ASN E 6 14.51 -17.29 33.72
C ASN E 6 15.20 -16.28 32.81
N PHE E 7 14.86 -14.99 32.96
CA PHE E 7 15.42 -13.93 32.14
C PHE E 7 16.63 -13.30 32.82
N SER E 8 17.03 -13.87 33.96
CA SER E 8 18.18 -13.40 34.71
C SER E 8 19.46 -13.78 33.97
N LEU E 9 20.44 -12.88 34.00
CA LEU E 9 21.77 -13.15 33.49
C LEU E 9 22.77 -13.19 34.64
N GLU E 10 22.31 -13.63 35.82
CA GLU E 10 23.13 -13.65 37.02
C GLU E 10 24.39 -14.48 36.77
N GLY E 11 25.55 -13.83 36.90
CA GLY E 11 26.83 -14.50 36.92
C GLY E 11 27.25 -14.96 35.53
N LYS E 12 26.72 -14.32 34.49
CA LYS E 12 27.09 -14.64 33.13
C LYS E 12 28.01 -13.54 32.61
N VAL E 13 29.13 -13.96 32.00
CA VAL E 13 30.08 -13.03 31.42
C VAL E 13 29.58 -12.63 30.04
N ALA E 14 29.65 -11.33 29.74
CA ALA E 14 29.09 -10.80 28.52
C ALA E 14 30.07 -9.85 27.84
N LEU E 15 30.21 -10.00 26.53
CA LEU E 15 31.04 -9.11 25.74
C LEU E 15 30.19 -8.50 24.63
N VAL E 16 30.04 -7.17 24.65
CA VAL E 16 29.30 -6.44 23.64
C VAL E 16 30.29 -5.57 22.85
N THR E 17 30.59 -5.96 21.61
CA THR E 17 31.60 -5.27 20.83
C THR E 17 31.09 -3.88 20.45
N GLY E 18 31.95 -2.87 20.63
CA GLY E 18 31.66 -1.50 20.20
C GLY E 18 30.68 -0.77 21.11
N ALA E 19 30.55 -1.24 22.36
CA ALA E 19 29.48 -0.81 23.26
C ALA E 19 29.94 0.34 24.17
N SER E 20 30.55 1.36 23.57
CA SER E 20 30.89 2.59 24.27
C SER E 20 29.67 3.50 24.32
N TYR E 21 28.81 3.41 23.31
CA TYR E 21 27.59 4.20 23.23
C TYR E 21 26.57 3.51 22.34
N GLY E 22 25.37 4.10 22.24
CA GLY E 22 24.38 3.67 21.27
C GLY E 22 23.70 2.37 21.68
N ILE E 23 23.37 1.54 20.67
CA ILE E 23 22.60 0.33 20.85
C ILE E 23 23.35 -0.62 21.78
N GLY E 24 24.63 -0.85 21.46
CA GLY E 24 25.48 -1.74 22.25
C GLY E 24 25.49 -1.35 23.72
N PHE E 25 25.61 -0.05 23.98
CA PHE E 25 25.62 0.48 25.33
C PHE E 25 24.31 0.09 26.03
N ALA E 26 23.18 0.33 25.35
CA ALA E 26 21.87 0.06 25.92
C ALA E 26 21.76 -1.43 26.28
N ILE E 27 22.26 -2.29 25.37
CA ILE E 27 22.20 -3.73 25.54
C ILE E 27 23.07 -4.15 26.71
N ALA E 28 24.30 -3.61 26.75
CA ALA E 28 25.26 -3.91 27.81
C ALA E 28 24.73 -3.45 29.17
N SER E 29 24.22 -2.20 29.21
CA SER E 29 23.64 -1.63 30.41
C SER E 29 22.51 -2.52 30.94
N ALA E 30 21.65 -2.99 30.02
CA ALA E 30 20.53 -3.83 30.39
C ALA E 30 21.04 -5.19 30.88
N PHE E 31 22.11 -5.67 30.24
CA PHE E 31 22.72 -6.95 30.63
C PHE E 31 23.19 -6.84 32.07
N ALA E 32 23.96 -5.79 32.37
CA ALA E 32 24.39 -5.50 33.72
C ALA E 32 23.18 -5.54 34.66
N GLU E 33 22.13 -4.81 34.27
CA GLU E 33 20.94 -4.66 35.10
C GLU E 33 20.36 -6.03 35.44
N GLN E 34 20.54 -7.01 34.54
CA GLN E 34 20.03 -8.35 34.74
C GLN E 34 21.03 -9.24 35.50
N GLY E 35 22.18 -8.67 35.85
CA GLY E 35 23.15 -9.33 36.73
C GLY E 35 24.34 -9.89 35.95
N ALA E 36 24.53 -9.43 34.71
CA ALA E 36 25.61 -9.93 33.87
C ALA E 36 26.90 -9.17 34.21
N LYS E 37 28.02 -9.89 34.24
CA LYS E 37 29.34 -9.28 34.32
C LYS E 37 29.67 -8.75 32.94
N VAL E 38 29.65 -7.41 32.79
CA VAL E 38 29.66 -6.78 31.48
C VAL E 38 31.09 -6.46 31.07
N CYS E 39 31.41 -6.77 29.81
CA CYS E 39 32.65 -6.37 29.15
C CYS E 39 32.31 -5.71 27.82
N PHE E 40 33.20 -4.83 27.33
CA PHE E 40 33.01 -4.21 26.03
C PHE E 40 34.36 -3.81 25.46
N ASN E 41 34.37 -3.37 24.20
CA ASN E 41 35.59 -2.89 23.57
C ASN E 41 35.26 -1.79 22.55
N ASP E 42 36.28 -0.98 22.23
CA ASP E 42 36.19 -0.01 21.15
C ASP E 42 37.58 0.19 20.56
N ILE E 43 37.68 1.08 19.56
CA ILE E 43 38.80 1.09 18.63
C ILE E 43 39.98 1.88 19.18
N ASN E 44 39.72 2.80 20.13
CA ASN E 44 40.79 3.58 20.74
C ASN E 44 40.47 3.85 22.21
N GLN E 45 41.45 4.46 22.91
CA GLN E 45 41.39 4.62 24.36
C GLN E 45 40.37 5.70 24.75
N GLU E 46 40.22 6.72 23.91
CA GLU E 46 39.29 7.80 24.18
C GLU E 46 37.86 7.24 24.28
N LEU E 47 37.48 6.41 23.32
CA LEU E 47 36.12 5.90 23.21
C LEU E 47 35.82 4.90 24.33
N VAL E 48 36.85 4.18 24.79
CA VAL E 48 36.70 3.24 25.89
C VAL E 48 36.49 4.02 27.19
N ASP E 49 37.29 5.08 27.38
CA ASP E 49 37.25 5.86 28.60
C ASP E 49 35.90 6.55 28.74
N LYS E 50 35.41 7.15 27.63
CA LYS E 50 34.08 7.71 27.59
C LYS E 50 33.05 6.67 28.04
N GLY E 51 33.17 5.46 27.50
CA GLY E 51 32.26 4.38 27.80
C GLY E 51 32.30 4.01 29.29
N MET E 52 33.51 3.70 29.76
CA MET E 52 33.75 3.32 31.14
C MET E 52 33.07 4.31 32.09
N ALA E 53 33.21 5.60 31.76
CA ALA E 53 32.64 6.68 32.54
C ALA E 53 31.11 6.55 32.60
N ALA E 54 30.50 6.24 31.46
CA ALA E 54 29.05 6.16 31.34
C ALA E 54 28.52 4.93 32.08
N TYR E 55 29.26 3.82 32.03
CA TYR E 55 28.89 2.60 32.74
C TYR E 55 29.04 2.85 34.24
N ALA E 56 30.17 3.47 34.63
CA ALA E 56 30.40 3.86 36.00
C ALA E 56 29.28 4.75 36.53
N ALA E 57 28.75 5.60 35.64
CA ALA E 57 27.75 6.61 36.02
C ALA E 57 26.35 6.01 36.19
N LYS E 58 26.16 4.75 35.79
CA LYS E 58 24.94 4.03 36.09
C LYS E 58 25.18 2.98 37.17
N GLY E 59 26.40 2.97 37.73
CA GLY E 59 26.76 2.03 38.77
C GLY E 59 27.06 0.66 38.18
N ILE E 60 27.87 0.64 37.12
CA ILE E 60 28.23 -0.58 36.42
C ILE E 60 29.75 -0.64 36.27
N LYS E 61 30.32 -1.79 36.67
CA LYS E 61 31.75 -2.04 36.58
C LYS E 61 32.06 -2.75 35.26
N ALA E 62 31.97 -1.97 34.17
CA ALA E 62 32.24 -2.50 32.84
C ALA E 62 33.73 -2.75 32.70
N HIS E 63 34.09 -3.88 32.08
CA HIS E 63 35.46 -4.19 31.71
C HIS E 63 35.66 -3.78 30.24
N GLY E 64 36.23 -2.58 30.05
CA GLY E 64 36.48 -2.03 28.73
C GLY E 64 37.87 -2.43 28.23
N TYR E 65 38.01 -2.52 26.90
CA TYR E 65 39.27 -2.91 26.29
C TYR E 65 39.42 -2.18 24.96
N VAL E 66 40.64 -1.76 24.64
CA VAL E 66 40.91 -1.19 23.33
C VAL E 66 41.28 -2.36 22.43
N CYS E 67 40.39 -2.67 21.48
CA CYS E 67 40.60 -3.79 20.58
C CYS E 67 39.91 -3.55 19.24
N ASP E 68 40.67 -3.78 18.16
CA ASP E 68 40.11 -3.80 16.83
C ASP E 68 39.62 -5.21 16.53
N VAL E 69 38.36 -5.33 16.11
CA VAL E 69 37.72 -6.63 16.00
C VAL E 69 38.13 -7.32 14.71
N THR E 70 38.77 -6.59 13.78
CA THR E 70 39.25 -7.17 12.53
C THR E 70 40.66 -7.74 12.72
N ASP E 71 41.31 -7.40 13.85
CA ASP E 71 42.61 -7.93 14.20
C ASP E 71 42.44 -9.18 15.07
N GLU E 72 42.53 -10.36 14.45
CA GLU E 72 42.22 -11.61 15.13
C GLU E 72 43.15 -11.79 16.34
N PRO E 73 44.49 -11.67 16.19
CA PRO E 73 45.40 -11.82 17.32
C PRO E 73 45.02 -10.95 18.52
N ALA E 74 44.60 -9.72 18.24
CA ALA E 74 44.19 -8.77 19.26
C ALA E 74 42.95 -9.27 19.98
N VAL E 75 42.00 -9.81 19.21
CA VAL E 75 40.75 -10.33 19.75
C VAL E 75 41.07 -11.56 20.60
N GLN E 76 41.86 -12.47 20.03
CA GLN E 76 42.31 -13.67 20.74
C GLN E 76 42.79 -13.27 22.14
N ALA E 77 43.64 -12.23 22.16
CA ALA E 77 44.23 -11.71 23.40
C ALA E 77 43.14 -11.18 24.34
N MET E 78 42.29 -10.29 23.80
CA MET E 78 41.24 -9.68 24.57
C MET E 78 40.41 -10.76 25.28
N VAL E 79 40.12 -11.84 24.56
CA VAL E 79 39.23 -12.87 25.08
C VAL E 79 39.92 -13.58 26.25
N ALA E 80 41.20 -13.93 26.07
CA ALA E 80 41.95 -14.63 27.11
C ALA E 80 42.11 -13.75 28.35
N THR E 81 42.21 -12.44 28.16
CA THR E 81 42.33 -11.48 29.25
C THR E 81 41.04 -11.45 30.05
N ILE E 82 39.89 -11.53 29.35
CA ILE E 82 38.58 -11.57 29.97
C ILE E 82 38.38 -12.91 30.65
N ALA E 83 38.90 -13.99 30.04
CA ALA E 83 38.87 -15.33 30.62
C ALA E 83 39.63 -15.33 31.95
N LYS E 84 40.72 -14.56 32.01
CA LYS E 84 41.62 -14.51 33.15
C LYS E 84 41.02 -13.67 34.28
N GLU E 85 40.67 -12.41 33.96
CA GLU E 85 40.28 -11.43 34.96
C GLU E 85 38.83 -11.65 35.40
N VAL E 86 37.92 -11.85 34.43
CA VAL E 86 36.49 -11.83 34.67
C VAL E 86 35.90 -13.24 34.61
N GLY E 87 36.25 -14.00 33.57
CA GLY E 87 35.75 -15.36 33.38
C GLY E 87 35.51 -15.65 31.89
N THR E 88 35.30 -16.94 31.56
CA THR E 88 35.08 -17.35 30.19
C THR E 88 33.75 -16.77 29.70
N ILE E 89 33.73 -16.30 28.44
CA ILE E 89 32.61 -15.55 27.91
C ILE E 89 31.46 -16.50 27.65
N ASP E 90 30.26 -16.10 28.12
CA ASP E 90 29.02 -16.86 27.99
C ASP E 90 28.09 -16.21 26.97
N ILE E 91 28.17 -14.87 26.83
CA ILE E 91 27.27 -14.12 25.98
C ILE E 91 28.07 -13.17 25.10
N LEU E 92 28.07 -13.41 23.78
CA LEU E 92 28.70 -12.52 22.83
C LEU E 92 27.61 -11.73 22.11
N VAL E 93 27.82 -10.42 21.95
CA VAL E 93 26.94 -9.58 21.17
C VAL E 93 27.78 -8.84 20.13
N ASN E 94 27.70 -9.25 18.87
CA ASN E 94 28.47 -8.63 17.80
C ASN E 94 27.78 -7.33 17.37
N ASN E 95 27.97 -6.27 18.16
CA ASN E 95 27.34 -4.99 17.92
C ASN E 95 28.21 -4.13 17.01
N ALA E 96 29.54 -4.17 17.25
CA ALA E 96 30.48 -3.28 16.58
C ALA E 96 30.38 -3.39 15.05
N GLY E 97 30.25 -2.23 14.39
CA GLY E 97 30.01 -2.15 12.96
C GLY E 97 29.95 -0.71 12.48
N ILE E 98 30.04 -0.52 11.17
CA ILE E 98 30.13 0.80 10.58
C ILE E 98 29.19 0.88 9.37
N ILE E 99 28.65 2.08 9.15
CA ILE E 99 27.79 2.34 8.00
C ILE E 99 28.57 3.23 7.04
N ARG E 100 28.32 3.07 5.74
CA ARG E 100 28.98 3.88 4.72
C ARG E 100 28.02 4.07 3.56
N ARG E 101 27.71 5.35 3.27
CA ARG E 101 26.75 5.70 2.24
C ARG E 101 27.50 6.21 1.01
N VAL E 102 27.69 5.33 0.03
CA VAL E 102 28.37 5.66 -1.21
C VAL E 102 27.67 4.92 -2.35
N PRO E 103 27.28 5.60 -3.46
CA PRO E 103 26.80 4.89 -4.63
C PRO E 103 27.75 3.77 -5.04
N MET E 104 27.20 2.58 -5.30
CA MET E 104 27.99 1.37 -5.39
C MET E 104 29.02 1.49 -6.51
N HIS E 105 28.61 2.07 -7.65
CA HIS E 105 29.48 2.18 -8.81
C HIS E 105 30.64 3.16 -8.53
N GLU E 106 30.42 4.10 -7.61
CA GLU E 106 31.42 5.10 -7.27
C GLU E 106 32.26 4.67 -6.07
N MET E 107 31.91 3.56 -5.42
CA MET E 107 32.53 3.18 -4.16
C MET E 107 33.86 2.50 -4.43
N ASP E 108 34.87 2.85 -3.62
CA ASP E 108 36.18 2.25 -3.75
C ASP E 108 36.12 0.81 -3.24
N ALA E 109 36.86 -0.08 -3.91
CA ALA E 109 36.91 -1.48 -3.52
C ALA E 109 37.45 -1.63 -2.10
N ALA E 110 38.35 -0.72 -1.70
CA ALA E 110 38.92 -0.73 -0.36
C ALA E 110 37.84 -0.41 0.68
N ASP E 111 36.95 0.54 0.35
CA ASP E 111 35.88 0.94 1.24
C ASP E 111 34.94 -0.23 1.49
N PHE E 112 34.46 -0.82 0.37
CA PHE E 112 33.54 -1.94 0.41
C PHE E 112 34.08 -3.00 1.36
N ARG E 113 35.33 -3.40 1.13
CA ARG E 113 35.99 -4.44 1.90
C ARG E 113 36.01 -4.09 3.39
N ARG E 114 36.33 -2.84 3.73
CA ARG E 114 36.36 -2.40 5.12
C ARG E 114 35.02 -2.73 5.79
N VAL E 115 33.92 -2.40 5.10
CA VAL E 115 32.60 -2.52 5.69
C VAL E 115 32.30 -3.99 5.94
N ILE E 116 32.58 -4.82 4.93
CA ILE E 116 32.43 -6.27 5.04
C ILE E 116 33.29 -6.78 6.19
N ASP E 117 34.53 -6.29 6.27
CA ASP E 117 35.53 -6.80 7.20
C ASP E 117 35.07 -6.59 8.65
N ILE E 118 34.49 -5.41 8.92
CA ILE E 118 34.11 -5.03 10.29
C ILE E 118 32.73 -5.60 10.61
N ASP E 119 31.83 -5.61 9.61
CA ASP E 119 30.43 -5.89 9.84
C ASP E 119 30.12 -7.38 9.68
N LEU E 120 30.96 -8.10 8.91
CA LEU E 120 30.72 -9.51 8.62
C LEU E 120 31.87 -10.38 9.14
N ASN E 121 33.09 -10.10 8.66
CA ASN E 121 34.23 -10.95 8.95
C ASN E 121 34.55 -10.90 10.44
N ALA E 122 34.52 -9.70 11.03
CA ALA E 122 34.89 -9.56 12.43
C ALA E 122 33.97 -10.38 13.33
N PRO E 123 32.62 -10.28 13.21
CA PRO E 123 31.72 -11.15 13.96
C PRO E 123 32.08 -12.64 13.87
N PHE E 124 32.66 -13.05 12.73
CA PHE E 124 33.22 -14.39 12.60
C PHE E 124 34.39 -14.54 13.58
N ILE E 125 35.35 -13.59 13.49
CA ILE E 125 36.59 -13.64 14.24
C ILE E 125 36.31 -13.65 15.75
N VAL E 126 35.37 -12.83 16.18
CA VAL E 126 35.09 -12.71 17.61
C VAL E 126 34.34 -13.96 18.06
N ALA E 127 33.40 -14.44 17.22
CA ALA E 127 32.64 -15.65 17.52
C ALA E 127 33.56 -16.86 17.61
N LYS E 128 34.54 -16.91 16.70
CA LYS E 128 35.54 -17.97 16.64
C LYS E 128 36.31 -18.05 17.96
N ALA E 129 36.61 -16.90 18.55
CA ALA E 129 37.43 -16.84 19.75
C ALA E 129 36.65 -17.29 20.99
N VAL E 130 35.32 -17.10 21.01
CA VAL E 130 34.56 -17.30 22.24
C VAL E 130 33.91 -18.68 22.25
N LEU E 131 33.95 -19.37 21.10
CA LEU E 131 33.20 -20.61 20.91
C LEU E 131 33.86 -21.78 21.64
N PRO E 132 35.21 -21.94 21.59
CA PRO E 132 35.89 -22.99 22.35
C PRO E 132 35.50 -23.02 23.82
N ALA E 133 35.49 -21.85 24.46
CA ALA E 133 35.08 -21.73 25.84
C ALA E 133 33.68 -22.30 26.01
N MET E 134 32.76 -21.85 25.14
CA MET E 134 31.34 -22.20 25.22
C MET E 134 31.15 -23.70 24.96
N MET E 135 31.88 -24.22 23.96
CA MET E 135 31.74 -25.62 23.56
C MET E 135 32.09 -26.53 24.72
N GLU E 136 33.10 -26.14 25.51
CA GLU E 136 33.51 -26.90 26.69
C GLU E 136 32.38 -26.95 27.70
N LYS E 137 31.92 -25.78 28.14
CA LYS E 137 30.95 -25.69 29.22
C LYS E 137 29.54 -26.03 28.72
N ARG E 138 29.40 -26.24 27.40
CA ARG E 138 28.14 -26.67 26.80
C ARG E 138 27.03 -25.69 27.11
N ALA E 139 27.32 -24.40 26.88
CA ALA E 139 26.37 -23.31 27.10
C ALA E 139 26.95 -22.03 26.52
N GLY E 140 26.17 -21.32 25.71
CA GLY E 140 26.64 -20.07 25.13
C GLY E 140 25.52 -19.33 24.42
N LYS E 141 25.71 -18.01 24.29
CA LYS E 141 24.79 -17.16 23.55
C LYS E 141 25.62 -16.24 22.66
N ILE E 142 25.29 -16.24 21.36
CA ILE E 142 25.92 -15.36 20.39
C ILE E 142 24.81 -14.58 19.69
N ILE E 143 24.73 -13.28 19.99
CA ILE E 143 23.70 -12.43 19.41
C ILE E 143 24.36 -11.48 18.42
N ASN E 144 24.05 -11.65 17.13
CA ASN E 144 24.54 -10.77 16.10
C ASN E 144 23.52 -9.67 15.85
N ILE E 145 23.98 -8.41 15.86
CA ILE E 145 23.12 -7.27 15.57
C ILE E 145 23.06 -7.10 14.06
N CYS E 146 22.01 -7.68 13.45
CA CYS E 146 21.72 -7.50 12.04
C CYS E 146 21.07 -6.12 11.83
N SER E 147 20.49 -5.90 10.64
CA SER E 147 19.73 -4.70 10.35
C SER E 147 18.48 -5.07 9.56
N MET E 148 17.69 -4.05 9.18
CA MET E 148 16.64 -4.27 8.21
C MET E 148 17.28 -4.40 6.83
N MET E 149 18.57 -4.07 6.74
CA MET E 149 19.31 -4.24 5.50
C MET E 149 19.73 -5.70 5.33
N SER E 150 19.37 -6.56 6.29
CA SER E 150 19.48 -8.01 6.13
C SER E 150 18.38 -8.55 5.23
N GLU E 151 17.37 -7.73 4.93
CA GLU E 151 16.25 -8.14 4.09
C GLU E 151 16.08 -7.19 2.90
N LEU E 152 16.16 -5.89 3.17
CA LEU E 152 15.86 -4.88 2.16
C LEU E 152 17.12 -4.07 1.86
N GLY E 153 17.23 -3.62 0.62
CA GLY E 153 18.34 -2.78 0.19
C GLY E 153 17.89 -1.32 0.09
N ARG E 154 18.86 -0.41 0.05
CA ARG E 154 18.61 0.99 -0.25
C ARG E 154 19.80 1.52 -1.05
N GLU E 155 19.65 2.71 -1.64
CA GLU E 155 20.72 3.37 -2.36
C GLU E 155 21.84 3.70 -1.38
N THR E 156 23.09 3.67 -1.87
CA THR E 156 24.28 4.08 -1.14
C THR E 156 24.72 3.00 -0.14
N VAL E 157 23.78 2.42 0.63
CA VAL E 157 24.12 1.49 1.69
C VAL E 157 24.37 0.09 1.11
N SER E 158 25.05 0.02 -0.04
CA SER E 158 25.28 -1.23 -0.75
C SER E 158 26.06 -2.20 0.13
N ALA E 159 27.33 -1.85 0.39
CA ALA E 159 28.24 -2.70 1.14
C ALA E 159 27.64 -3.07 2.48
N TYR E 160 26.99 -2.11 3.15
CA TYR E 160 26.46 -2.32 4.48
C TYR E 160 25.36 -3.39 4.44
N ALA E 161 24.53 -3.36 3.39
CA ALA E 161 23.49 -4.36 3.22
C ALA E 161 24.12 -5.73 3.02
N ALA E 162 25.01 -5.82 2.03
CA ALA E 162 25.73 -7.04 1.72
C ALA E 162 26.30 -7.69 2.98
N ALA E 163 26.88 -6.86 3.87
CA ALA E 163 27.46 -7.34 5.11
C ALA E 163 26.37 -7.92 6.01
N LYS E 164 25.30 -7.15 6.20
CA LYS E 164 24.26 -7.49 7.16
C LYS E 164 23.44 -8.69 6.68
N GLY E 165 23.30 -8.82 5.36
CA GLY E 165 22.67 -9.99 4.76
C GLY E 165 23.51 -11.25 4.95
N GLY E 166 24.84 -11.06 4.96
CA GLY E 166 25.79 -12.14 5.20
C GLY E 166 25.81 -12.52 6.67
N LEU E 167 25.76 -11.52 7.55
CA LEU E 167 25.77 -11.75 8.99
C LEU E 167 24.51 -12.51 9.41
N LYS E 168 23.43 -12.30 8.65
CA LYS E 168 22.18 -13.01 8.89
C LYS E 168 22.42 -14.51 8.69
N MET E 169 23.08 -14.88 7.60
CA MET E 169 23.36 -16.28 7.32
C MET E 169 24.39 -16.79 8.32
N LEU E 170 25.40 -15.97 8.61
CA LEU E 170 26.43 -16.33 9.60
C LEU E 170 25.77 -16.72 10.91
N THR E 171 24.67 -16.04 11.25
CA THR E 171 23.87 -16.36 12.42
C THR E 171 23.26 -17.76 12.27
N ARG E 172 22.68 -18.03 11.10
CA ARG E 172 22.01 -19.30 10.84
C ARG E 172 23.03 -20.44 10.82
N ASN E 173 24.27 -20.13 10.46
CA ASN E 173 25.29 -21.15 10.29
C ASN E 173 25.90 -21.51 11.65
N ILE E 174 26.08 -20.51 12.51
CA ILE E 174 26.60 -20.74 13.84
C ILE E 174 25.55 -21.49 14.66
N CYS E 175 24.27 -21.29 14.33
CA CYS E 175 23.18 -22.09 14.87
C CYS E 175 23.30 -23.54 14.42
N SER E 176 23.51 -23.73 13.12
CA SER E 176 23.58 -25.04 12.50
C SER E 176 24.76 -25.85 13.04
N GLU E 177 25.91 -25.18 13.23
CA GLU E 177 27.17 -25.86 13.44
C GLU E 177 27.41 -26.13 14.92
N TYR E 178 27.04 -25.16 15.78
CA TYR E 178 27.37 -25.23 17.19
C TYR E 178 26.13 -25.37 18.06
N GLY E 179 24.97 -25.57 17.44
CA GLY E 179 23.71 -25.67 18.19
C GLY E 179 23.67 -26.90 19.09
N GLU E 180 24.44 -27.94 18.72
CA GLU E 180 24.43 -29.20 19.42
C GLU E 180 25.18 -29.08 20.75
N TYR E 181 26.02 -28.05 20.88
CA TYR E 181 26.72 -27.79 22.14
C TYR E 181 25.86 -26.93 23.07
N ASN E 182 24.56 -26.76 22.76
CA ASN E 182 23.67 -25.88 23.50
C ASN E 182 24.18 -24.43 23.42
N ILE E 183 24.64 -24.05 22.21
CA ILE E 183 24.95 -22.67 21.89
C ILE E 183 23.81 -22.14 21.00
N GLN E 184 23.14 -21.10 21.47
CA GLN E 184 22.10 -20.44 20.68
C GLN E 184 22.69 -19.20 20.03
N CYS E 185 22.81 -19.22 18.70
CA CYS E 185 23.18 -18.03 17.96
C CYS E 185 21.97 -17.44 17.24
N ASN E 186 21.45 -16.33 17.77
CA ASN E 186 20.32 -15.64 17.19
C ASN E 186 20.75 -14.24 16.74
N GLY E 187 19.78 -13.45 16.26
CA GLY E 187 20.08 -12.14 15.69
C GLY E 187 19.03 -11.10 16.10
N ILE E 188 19.47 -9.85 16.22
CA ILE E 188 18.58 -8.75 16.51
C ILE E 188 18.64 -7.77 15.35
N GLY E 189 17.46 -7.35 14.88
CA GLY E 189 17.31 -6.55 13.69
C GLY E 189 16.56 -5.25 14.02
N PRO E 190 17.29 -4.20 14.48
CA PRO E 190 16.64 -2.96 14.84
C PRO E 190 16.08 -2.25 13.63
N GLY E 191 14.91 -1.63 13.81
CA GLY E 191 14.30 -0.76 12.81
C GLY E 191 14.89 0.64 12.85
N TYR E 192 14.03 1.65 12.68
CA TYR E 192 14.48 3.03 12.76
C TYR E 192 14.61 3.40 14.25
N ILE E 193 15.87 3.53 14.71
CA ILE E 193 16.17 3.82 16.10
C ILE E 193 16.33 5.32 16.29
N ALA E 194 15.71 5.83 17.36
CA ALA E 194 15.78 7.25 17.71
C ALA E 194 17.06 7.52 18.48
N THR E 195 18.12 7.85 17.75
CA THR E 195 19.41 8.15 18.34
C THR E 195 19.53 9.65 18.57
N PRO E 196 20.48 10.11 19.42
CA PRO E 196 20.81 11.53 19.49
C PRO E 196 21.17 12.16 18.15
N GLN E 197 21.88 11.40 17.29
CA GLN E 197 22.35 11.87 16.00
C GLN E 197 21.18 12.23 15.08
N THR E 198 20.06 11.52 15.22
CA THR E 198 18.91 11.68 14.35
C THR E 198 17.84 12.56 15.01
N ALA E 199 18.22 13.25 16.11
CA ALA E 199 17.30 14.12 16.84
C ALA E 199 16.77 15.24 15.95
N PRO E 200 17.59 15.87 15.07
CA PRO E 200 17.11 16.92 14.18
C PRO E 200 15.90 16.54 13.34
N LEU E 201 15.84 15.27 12.93
CA LEU E 201 14.86 14.81 11.96
C LEU E 201 13.46 14.70 12.58
N ARG E 202 13.36 14.86 13.91
CA ARG E 202 12.08 14.88 14.59
C ARG E 202 11.79 16.28 15.13
N GLU E 203 11.83 17.28 14.24
CA GLU E 203 11.52 18.66 14.59
C GLU E 203 10.48 19.22 13.62
N PRO E 204 9.66 20.22 14.02
CA PRO E 204 8.74 20.88 13.10
C PRO E 204 9.44 21.61 11.96
N ARG E 210 6.24 16.98 11.54
CA ARG E 210 5.93 17.30 10.12
C ARG E 210 7.18 17.19 9.24
N HIS E 211 8.35 16.88 9.80
CA HIS E 211 9.56 16.73 9.01
C HIS E 211 9.34 15.64 7.96
N PRO E 212 9.72 15.85 6.68
CA PRO E 212 9.43 14.88 5.61
C PRO E 212 9.96 13.47 5.90
N PHE E 213 11.05 13.38 6.66
CA PHE E 213 11.67 12.12 7.00
C PHE E 213 10.88 11.43 8.11
N ASP E 214 10.62 12.15 9.21
CA ASP E 214 9.88 11.61 10.34
C ASP E 214 8.50 11.14 9.90
N SER E 215 7.89 11.88 8.97
CA SER E 215 6.59 11.52 8.41
C SER E 215 6.69 10.22 7.61
N PHE E 216 7.77 10.08 6.84
CA PHE E 216 7.99 8.90 6.02
C PHE E 216 8.22 7.67 6.89
N ILE E 217 8.93 7.84 8.01
CA ILE E 217 9.26 6.74 8.90
C ILE E 217 8.00 6.28 9.63
N CYS E 218 7.20 7.24 10.11
CA CYS E 218 6.01 6.92 10.87
C CYS E 218 4.91 6.38 9.97
N ALA E 219 5.04 6.61 8.66
CA ALA E 219 4.19 5.99 7.66
C ALA E 219 4.52 4.50 7.54
N LYS E 220 5.80 4.19 7.32
CA LYS E 220 6.25 2.81 7.15
C LYS E 220 6.04 2.01 8.42
N THR E 221 6.09 2.66 9.60
CA THR E 221 6.04 1.98 10.88
C THR E 221 4.59 1.91 11.37
N PRO E 222 3.99 0.69 11.54
CA PRO E 222 2.66 0.56 12.11
C PRO E 222 2.53 1.14 13.53
N ALA E 223 3.56 0.97 14.35
CA ALA E 223 3.59 1.55 15.68
C ALA E 223 3.65 3.08 15.58
N GLY E 224 3.95 3.59 14.37
CA GLY E 224 3.76 4.99 14.04
C GLY E 224 4.73 5.90 14.78
N ARG E 225 5.95 5.39 15.02
CA ARG E 225 6.93 6.10 15.82
C ARG E 225 8.32 5.49 15.60
N TRP E 226 9.34 6.24 16.00
CA TRP E 226 10.69 5.73 16.05
C TRP E 226 10.83 4.84 17.29
N LEU E 227 11.81 3.94 17.27
CA LEU E 227 12.07 3.06 18.40
C LEU E 227 13.23 3.62 19.21
N ASP E 228 13.00 3.81 20.52
CA ASP E 228 14.03 4.21 21.44
C ASP E 228 15.00 3.03 21.61
N PRO E 229 16.33 3.23 21.58
CA PRO E 229 17.29 2.13 21.68
C PRO E 229 16.98 1.10 22.78
N GLU E 230 16.44 1.58 23.91
CA GLU E 230 16.12 0.72 25.04
C GLU E 230 15.07 -0.32 24.67
N GLU E 231 14.34 -0.08 23.57
CA GLU E 231 13.35 -1.02 23.06
C GLU E 231 14.01 -2.35 22.69
N LEU E 232 15.30 -2.29 22.29
CA LEU E 232 16.03 -3.46 21.81
C LEU E 232 16.54 -4.29 22.98
N THR E 233 16.54 -3.72 24.19
CA THR E 233 17.15 -4.35 25.35
C THR E 233 16.31 -5.53 25.83
N GLY E 234 14.98 -5.38 25.83
CA GLY E 234 14.08 -6.46 26.19
C GLY E 234 14.34 -7.71 25.35
N PRO E 235 14.30 -7.58 24.00
CA PRO E 235 14.71 -8.65 23.09
C PRO E 235 16.11 -9.21 23.32
N ALA E 236 17.10 -8.32 23.50
CA ALA E 236 18.48 -8.74 23.70
C ALA E 236 18.60 -9.63 24.94
N VAL E 237 18.02 -9.21 26.07
CA VAL E 237 18.05 -9.98 27.30
C VAL E 237 17.39 -11.33 27.07
N PHE E 238 16.28 -11.33 26.30
CA PHE E 238 15.51 -12.52 26.02
C PHE E 238 16.39 -13.55 25.29
N LEU E 239 17.18 -13.10 24.31
CA LEU E 239 18.00 -13.99 23.51
C LEU E 239 19.25 -14.43 24.27
N ALA E 240 19.62 -13.66 25.31
CA ALA E 240 20.76 -13.97 26.17
C ALA E 240 20.32 -14.83 27.36
N SER E 241 19.02 -14.83 27.65
CA SER E 241 18.46 -15.57 28.77
C SER E 241 18.34 -17.05 28.44
N GLU E 242 17.98 -17.85 29.46
CA GLU E 242 17.82 -19.29 29.30
C GLU E 242 16.39 -19.62 28.84
N ALA E 243 15.54 -18.59 28.72
CA ALA E 243 14.19 -18.76 28.21
C ALA E 243 14.18 -18.93 26.68
N SER E 244 15.23 -18.43 26.02
CA SER E 244 15.34 -18.49 24.56
C SER E 244 16.25 -19.63 24.11
N ASN E 245 16.28 -20.72 24.88
CA ASN E 245 17.22 -21.79 24.61
C ASN E 245 16.77 -22.59 23.39
N ALA E 246 15.46 -22.60 23.15
CA ALA E 246 14.88 -23.29 22.01
C ALA E 246 14.86 -22.38 20.77
N VAL E 247 15.15 -21.09 20.96
CA VAL E 247 15.19 -20.12 19.88
C VAL E 247 16.61 -20.11 19.33
N ASN E 248 16.79 -20.51 18.07
CA ASN E 248 18.13 -20.71 17.53
C ASN E 248 18.12 -20.50 16.02
N GLY E 249 19.15 -19.80 15.53
CA GLY E 249 19.31 -19.50 14.12
C GLY E 249 18.27 -18.49 13.66
N HIS E 250 17.70 -17.76 14.62
CA HIS E 250 16.55 -16.90 14.37
C HIS E 250 16.96 -15.43 14.39
N ILE E 251 16.48 -14.68 13.39
CA ILE E 251 16.63 -13.24 13.38
C ILE E 251 15.35 -12.65 13.98
N LEU E 252 15.48 -12.09 15.19
CA LEU E 252 14.38 -11.43 15.88
C LEU E 252 14.37 -9.95 15.48
N TYR E 253 13.53 -9.61 14.51
CA TYR E 253 13.41 -8.25 14.02
C TYR E 253 12.61 -7.44 15.04
N VAL E 254 13.20 -6.30 15.45
CA VAL E 254 12.59 -5.37 16.38
C VAL E 254 12.42 -4.06 15.63
N ASP E 255 11.33 -3.97 14.85
CA ASP E 255 11.16 -2.95 13.82
C ASP E 255 9.95 -2.05 14.11
N GLY E 256 9.05 -2.53 14.98
CA GLY E 256 7.80 -1.84 15.23
C GLY E 256 6.76 -2.14 14.16
N GLY E 257 7.02 -3.18 13.35
CA GLY E 257 6.07 -3.66 12.35
C GLY E 257 6.52 -3.41 10.91
N ILE E 258 7.66 -2.75 10.72
CA ILE E 258 8.00 -2.23 9.40
C ILE E 258 8.05 -3.35 8.36
N LEU E 259 8.75 -4.45 8.66
CA LEU E 259 8.98 -5.49 7.68
C LEU E 259 7.68 -6.24 7.35
N ALA E 260 6.66 -6.09 8.19
CA ALA E 260 5.38 -6.75 8.00
C ALA E 260 4.41 -5.85 7.22
N TYR E 261 4.80 -4.59 7.01
CA TYR E 261 3.87 -3.56 6.57
C TYR E 261 4.28 -3.02 5.21
N ILE E 262 3.32 -3.01 4.27
CA ILE E 262 3.59 -2.57 2.91
C ILE E 262 3.67 -1.04 2.86
N GLY E 263 3.00 -0.37 3.81
CA GLY E 263 3.17 1.06 4.00
C GLY E 263 1.84 1.80 4.05
N LYS E 264 1.91 3.06 4.51
CA LYS E 264 0.76 3.94 4.56
C LYS E 264 0.65 4.64 3.21
N GLN E 265 -0.50 4.51 2.55
CA GLN E 265 -0.69 5.00 1.20
C GLN E 265 -1.89 5.94 1.14
N PRO E 266 -1.77 7.13 0.49
CA PRO E 266 -2.89 8.06 0.38
C PRO E 266 -3.94 7.62 -0.65
N PHE F 4 7.56 -8.89 -24.75
CA PHE F 4 7.19 -9.34 -23.38
C PHE F 4 7.36 -10.86 -23.23
N LEU F 5 7.44 -11.59 -24.34
CA LEU F 5 7.59 -13.04 -24.32
C LEU F 5 8.86 -13.43 -25.08
N ASN F 6 9.84 -12.53 -25.02
CA ASN F 6 11.00 -12.57 -25.89
C ASN F 6 12.15 -13.18 -25.09
N PHE F 7 12.40 -14.48 -25.27
CA PHE F 7 13.41 -15.19 -24.50
C PHE F 7 14.73 -15.22 -25.26
N SER F 8 14.78 -14.52 -26.40
CA SER F 8 15.97 -14.47 -27.22
C SER F 8 17.00 -13.54 -26.59
N LEU F 9 18.28 -13.91 -26.71
CA LEU F 9 19.39 -13.07 -26.29
C LEU F 9 20.19 -12.66 -27.52
N GLU F 10 19.48 -12.44 -28.63
CA GLU F 10 20.09 -12.07 -29.90
C GLU F 10 20.85 -10.75 -29.74
N GLY F 11 22.15 -10.79 -30.02
CA GLY F 11 22.98 -9.59 -30.09
C GLY F 11 23.24 -8.97 -28.72
N LYS F 12 23.16 -9.79 -27.66
CA LYS F 12 23.45 -9.33 -26.32
C LYS F 12 24.81 -9.88 -25.90
N VAL F 13 25.66 -8.99 -25.38
CA VAL F 13 26.96 -9.38 -24.90
C VAL F 13 26.77 -9.92 -23.48
N ALA F 14 27.45 -11.04 -23.16
CA ALA F 14 27.26 -11.72 -21.89
C ALA F 14 28.60 -12.11 -21.29
N LEU F 15 28.76 -11.89 -19.98
CA LEU F 15 29.97 -12.27 -19.26
C LEU F 15 29.59 -13.16 -18.09
N VAL F 16 30.00 -14.43 -18.17
CA VAL F 16 29.77 -15.39 -17.10
C VAL F 16 31.13 -15.68 -16.45
N THR F 17 31.32 -15.19 -15.22
CA THR F 17 32.59 -15.34 -14.53
C THR F 17 32.78 -16.80 -14.12
N GLY F 18 33.99 -17.32 -14.34
CA GLY F 18 34.36 -18.65 -13.90
C GLY F 18 33.74 -19.75 -14.75
N ALA F 19 33.33 -19.40 -15.98
CA ALA F 19 32.54 -20.29 -16.82
C ALA F 19 33.42 -21.11 -17.74
N SER F 20 34.42 -21.80 -17.15
CA SER F 20 35.25 -22.76 -17.87
C SER F 20 34.58 -24.13 -17.86
N TYR F 21 33.81 -24.40 -16.80
CA TYR F 21 33.09 -25.65 -16.67
C TYR F 21 31.92 -25.46 -15.71
N GLY F 22 31.14 -26.52 -15.51
CA GLY F 22 30.14 -26.58 -14.46
C GLY F 22 28.90 -25.74 -14.77
N ILE F 23 28.31 -25.14 -13.72
CA ILE F 23 27.08 -24.38 -13.83
C ILE F 23 27.30 -23.25 -14.82
N GLY F 24 28.33 -22.43 -14.58
CA GLY F 24 28.63 -21.29 -15.42
C GLY F 24 28.72 -21.67 -16.89
N PHE F 25 29.38 -22.79 -17.17
CA PHE F 25 29.54 -23.26 -18.53
C PHE F 25 28.17 -23.50 -19.15
N ALA F 26 27.31 -24.22 -18.41
CA ALA F 26 25.98 -24.57 -18.88
C ALA F 26 25.17 -23.31 -19.20
N ILE F 27 25.27 -22.30 -18.32
CA ILE F 27 24.57 -21.03 -18.47
C ILE F 27 25.08 -20.32 -19.72
N ALA F 28 26.42 -20.28 -19.86
CA ALA F 28 27.05 -19.62 -20.99
C ALA F 28 26.66 -20.31 -22.30
N SER F 29 26.78 -21.64 -22.33
CA SER F 29 26.42 -22.44 -23.49
C SER F 29 24.98 -22.18 -23.90
N ALA F 30 24.09 -22.06 -22.90
CA ALA F 30 22.69 -21.80 -23.16
C ALA F 30 22.49 -20.37 -23.64
N PHE F 31 23.28 -19.45 -23.11
CA PHE F 31 23.23 -18.06 -23.53
C PHE F 31 23.58 -17.99 -25.02
N ALA F 32 24.69 -18.64 -25.38
CA ALA F 32 25.13 -18.74 -26.78
C ALA F 32 23.99 -19.27 -27.65
N GLU F 33 23.39 -20.37 -27.18
CA GLU F 33 22.34 -21.06 -27.91
C GLU F 33 21.16 -20.12 -28.15
N GLN F 34 20.97 -19.12 -27.28
CA GLN F 34 19.88 -18.16 -27.42
C GLN F 34 20.32 -16.94 -28.23
N GLY F 35 21.57 -16.95 -28.73
CA GLY F 35 22.05 -15.96 -29.67
C GLY F 35 22.87 -14.86 -28.98
N ALA F 36 23.35 -15.13 -27.76
CA ALA F 36 24.16 -14.16 -27.03
C ALA F 36 25.62 -14.29 -27.45
N LYS F 37 26.30 -13.14 -27.51
CA LYS F 37 27.74 -13.11 -27.70
C LYS F 37 28.40 -13.37 -26.35
N VAL F 38 28.97 -14.57 -26.19
CA VAL F 38 29.38 -15.11 -24.90
C VAL F 38 30.84 -14.77 -24.60
N CYS F 39 31.08 -14.28 -23.38
CA CYS F 39 32.41 -14.12 -22.82
C CYS F 39 32.48 -14.88 -21.51
N PHE F 40 33.69 -15.23 -21.08
CA PHE F 40 33.88 -15.81 -19.77
C PHE F 40 35.32 -15.56 -19.33
N ASN F 41 35.62 -15.90 -18.07
CA ASN F 41 36.96 -15.76 -17.54
C ASN F 41 37.24 -16.87 -16.54
N ASP F 42 38.53 -17.05 -16.23
CA ASP F 42 38.95 -17.93 -15.15
C ASP F 42 40.32 -17.45 -14.67
N ILE F 43 40.91 -18.18 -13.71
CA ILE F 43 41.99 -17.66 -12.89
C ILE F 43 43.35 -17.86 -13.58
N ASN F 44 43.47 -18.85 -14.48
CA ASN F 44 44.72 -19.08 -15.19
C ASN F 44 44.44 -19.48 -16.64
N GLN F 45 45.52 -19.60 -17.42
CA GLN F 45 45.46 -19.85 -18.85
C GLN F 45 45.01 -21.28 -19.14
N GLU F 46 45.43 -22.22 -18.29
CA GLU F 46 45.06 -23.62 -18.47
C GLU F 46 43.54 -23.77 -18.48
N LEU F 47 42.88 -23.16 -17.49
CA LEU F 47 41.44 -23.32 -17.29
C LEU F 47 40.66 -22.59 -18.37
N VAL F 48 41.23 -21.51 -18.93
CA VAL F 48 40.59 -20.78 -20.02
C VAL F 48 40.66 -21.61 -21.29
N ASP F 49 41.84 -22.19 -21.56
CA ASP F 49 42.07 -22.96 -22.77
C ASP F 49 41.14 -24.17 -22.82
N LYS F 50 41.06 -24.90 -21.69
CA LYS F 50 40.12 -26.01 -21.56
C LYS F 50 38.71 -25.54 -21.88
N GLY F 51 38.34 -24.38 -21.33
CA GLY F 51 37.02 -23.81 -21.55
C GLY F 51 36.80 -23.48 -23.03
N MET F 52 37.70 -22.67 -23.59
CA MET F 52 37.63 -22.25 -24.98
C MET F 52 37.39 -23.46 -25.88
N ALA F 53 38.11 -24.54 -25.59
CA ALA F 53 38.04 -25.79 -26.32
C ALA F 53 36.62 -26.37 -26.34
N ALA F 54 35.99 -26.35 -25.17
CA ALA F 54 34.68 -26.93 -24.96
C ALA F 54 33.60 -26.12 -25.64
N TYR F 55 33.74 -24.79 -25.57
CA TYR F 55 32.81 -23.89 -26.25
C TYR F 55 32.97 -24.08 -27.75
N ALA F 56 34.22 -24.16 -28.21
CA ALA F 56 34.53 -24.47 -29.59
C ALA F 56 33.87 -25.79 -30.00
N ALA F 57 33.92 -26.78 -29.10
CA ALA F 57 33.43 -28.12 -29.37
C ALA F 57 31.89 -28.17 -29.51
N LYS F 58 31.19 -27.12 -29.08
CA LYS F 58 29.75 -27.04 -29.27
C LYS F 58 29.43 -26.01 -30.35
N GLY F 59 30.45 -25.52 -31.06
CA GLY F 59 30.28 -24.51 -32.10
C GLY F 59 29.99 -23.14 -31.51
N ILE F 60 30.75 -22.75 -30.49
CA ILE F 60 30.56 -21.47 -29.80
C ILE F 60 31.89 -20.71 -29.77
N LYS F 61 31.84 -19.45 -30.20
CA LYS F 61 32.99 -18.56 -30.22
C LYS F 61 33.08 -17.80 -28.91
N ALA F 62 33.42 -18.51 -27.83
CA ALA F 62 33.55 -17.89 -26.53
C ALA F 62 34.78 -16.98 -26.51
N HIS F 63 34.63 -15.80 -25.91
CA HIS F 63 35.75 -14.90 -25.68
C HIS F 63 36.26 -15.12 -24.25
N GLY F 64 37.29 -15.95 -24.12
CA GLY F 64 37.89 -16.29 -22.83
C GLY F 64 38.97 -15.29 -22.43
N TYR F 65 39.14 -15.10 -21.13
CA TYR F 65 40.11 -14.17 -20.59
C TYR F 65 40.63 -14.71 -19.27
N VAL F 66 41.94 -14.60 -19.04
CA VAL F 66 42.50 -14.91 -17.73
C VAL F 66 42.36 -13.67 -16.86
N CYS F 67 41.50 -13.75 -15.84
CA CYS F 67 41.26 -12.61 -14.96
C CYS F 67 40.85 -13.08 -13.57
N ASP F 68 41.52 -12.53 -12.56
CA ASP F 68 41.13 -12.70 -11.17
C ASP F 68 40.05 -11.66 -10.86
N VAL F 69 38.92 -12.12 -10.31
CA VAL F 69 37.77 -11.24 -10.13
C VAL F 69 37.94 -10.41 -8.86
N THR F 70 38.89 -10.78 -7.99
CA THR F 70 39.17 -10.01 -6.77
C THR F 70 40.16 -8.87 -7.08
N ASP F 71 40.79 -8.92 -8.26
CA ASP F 71 41.67 -7.85 -8.72
C ASP F 71 40.86 -6.84 -9.53
N GLU F 72 40.48 -5.71 -8.91
CA GLU F 72 39.61 -4.74 -9.57
C GLU F 72 40.27 -4.19 -10.82
N PRO F 73 41.53 -3.70 -10.78
CA PRO F 73 42.20 -3.19 -11.97
C PRO F 73 42.14 -4.14 -13.17
N ALA F 74 42.36 -5.43 -12.89
CA ALA F 74 42.36 -6.47 -13.91
C ALA F 74 40.97 -6.62 -14.51
N VAL F 75 39.94 -6.58 -13.64
CA VAL F 75 38.56 -6.67 -14.06
C VAL F 75 38.22 -5.46 -14.93
N GLN F 76 38.57 -4.27 -14.43
CA GLN F 76 38.34 -3.03 -15.16
C GLN F 76 38.85 -3.18 -16.59
N ALA F 77 40.05 -3.76 -16.73
CA ALA F 77 40.70 -3.96 -18.01
C ALA F 77 39.92 -4.94 -18.86
N MET F 78 39.61 -6.11 -18.27
CA MET F 78 38.88 -7.17 -18.95
C MET F 78 37.61 -6.61 -19.57
N VAL F 79 36.89 -5.76 -18.81
CA VAL F 79 35.62 -5.20 -19.24
C VAL F 79 35.83 -4.30 -20.45
N ALA F 80 36.84 -3.43 -20.37
CA ALA F 80 37.14 -2.50 -21.45
C ALA F 80 37.59 -3.23 -22.71
N THR F 81 38.27 -4.37 -22.53
CA THR F 81 38.72 -5.19 -23.65
C THR F 81 37.52 -5.81 -24.35
N ILE F 82 36.51 -6.22 -23.56
CA ILE F 82 35.30 -6.80 -24.09
C ILE F 82 34.46 -5.71 -24.76
N ALA F 83 34.47 -4.50 -24.17
CA ALA F 83 33.78 -3.35 -24.75
C ALA F 83 34.38 -3.02 -26.12
N LYS F 84 35.70 -3.18 -26.24
CA LYS F 84 36.44 -2.87 -27.45
C LYS F 84 36.18 -3.93 -28.51
N GLU F 85 36.44 -5.20 -28.15
CA GLU F 85 36.48 -6.30 -29.10
C GLU F 85 35.08 -6.77 -29.46
N VAL F 86 34.23 -6.97 -28.45
CA VAL F 86 32.95 -7.66 -28.61
C VAL F 86 31.77 -6.69 -28.50
N GLY F 87 31.81 -5.81 -27.48
CA GLY F 87 30.75 -4.85 -27.24
C GLY F 87 30.53 -4.62 -25.74
N THR F 88 29.81 -3.55 -25.39
CA THR F 88 29.54 -3.24 -24.00
C THR F 88 28.65 -4.32 -23.40
N ILE F 89 28.93 -4.70 -22.15
CA ILE F 89 28.31 -5.86 -21.53
C ILE F 89 26.87 -5.53 -21.16
N ASP F 90 25.96 -6.47 -21.50
CA ASP F 90 24.53 -6.33 -21.27
C ASP F 90 24.05 -7.31 -20.20
N ILE F 91 24.74 -8.47 -20.07
CA ILE F 91 24.33 -9.54 -19.18
C ILE F 91 25.55 -10.01 -18.39
N LEU F 92 25.57 -9.73 -17.07
CA LEU F 92 26.61 -10.22 -16.19
C LEU F 92 26.06 -11.38 -15.38
N VAL F 93 26.84 -12.46 -15.28
CA VAL F 93 26.49 -13.58 -14.42
C VAL F 93 27.65 -13.86 -13.48
N ASN F 94 27.48 -13.48 -12.21
CA ASN F 94 28.51 -13.68 -11.20
C ASN F 94 28.48 -15.14 -10.73
N ASN F 95 29.05 -16.03 -11.55
CA ASN F 95 29.09 -17.46 -11.27
C ASN F 95 30.32 -17.79 -10.42
N ALA F 96 31.45 -17.17 -10.73
CA ALA F 96 32.74 -17.48 -10.12
C ALA F 96 32.65 -17.42 -8.59
N GLY F 97 33.14 -18.49 -7.95
CA GLY F 97 33.09 -18.62 -6.51
C GLY F 97 33.81 -19.89 -6.05
N ILE F 98 34.04 -19.99 -4.74
CA ILE F 98 34.74 -21.14 -4.19
C ILE F 98 34.02 -21.59 -2.92
N ILE F 99 34.11 -22.90 -2.66
CA ILE F 99 33.55 -23.48 -1.44
C ILE F 99 34.73 -23.92 -0.58
N ARG F 100 34.55 -23.85 0.75
CA ARG F 100 35.57 -24.28 1.68
C ARG F 100 34.87 -24.87 2.90
N ARG F 101 35.24 -26.11 3.23
CA ARG F 101 34.62 -26.87 4.30
C ARG F 101 35.59 -26.93 5.48
N VAL F 102 35.42 -26.02 6.44
CA VAL F 102 36.26 -25.97 7.64
C VAL F 102 35.38 -25.59 8.82
N PRO F 103 35.43 -26.32 9.95
CA PRO F 103 34.76 -25.87 11.18
C PRO F 103 35.14 -24.43 11.53
N MET F 104 34.13 -23.60 11.80
CA MET F 104 34.30 -22.16 11.84
C MET F 104 35.36 -21.80 12.88
N HIS F 105 35.28 -22.44 14.05
CA HIS F 105 36.20 -22.13 15.14
C HIS F 105 37.63 -22.49 14.76
N GLU F 106 37.78 -23.49 13.88
CA GLU F 106 39.10 -23.94 13.45
C GLU F 106 39.56 -23.20 12.19
N MET F 107 38.69 -22.37 11.59
CA MET F 107 38.99 -21.79 10.29
C MET F 107 39.92 -20.59 10.46
N ASP F 108 40.93 -20.51 9.58
CA ASP F 108 41.86 -19.39 9.58
C ASP F 108 41.12 -18.15 9.11
N ALA F 109 41.48 -17.00 9.68
CA ALA F 109 40.86 -15.74 9.32
C ALA F 109 41.16 -15.42 7.85
N ALA F 110 42.35 -15.80 7.38
CA ALA F 110 42.73 -15.56 6.00
C ALA F 110 41.81 -16.32 5.05
N ASP F 111 41.47 -17.58 5.40
CA ASP F 111 40.63 -18.44 4.59
C ASP F 111 39.23 -17.83 4.46
N PHE F 112 38.63 -17.49 5.60
CA PHE F 112 37.30 -16.93 5.67
C PHE F 112 37.22 -15.72 4.72
N ARG F 113 38.22 -14.84 4.82
CA ARG F 113 38.29 -13.63 4.02
C ARG F 113 38.34 -13.96 2.54
N ARG F 114 39.17 -14.95 2.15
CA ARG F 114 39.27 -15.35 0.74
C ARG F 114 37.89 -15.67 0.17
N VAL F 115 37.10 -16.45 0.92
CA VAL F 115 35.82 -16.93 0.44
C VAL F 115 34.88 -15.75 0.24
N ILE F 116 34.82 -14.87 1.24
CA ILE F 116 34.01 -13.66 1.17
C ILE F 116 34.46 -12.83 -0.04
N ASP F 117 35.78 -12.74 -0.27
CA ASP F 117 36.36 -11.84 -1.25
C ASP F 117 35.95 -12.28 -2.66
N ILE F 118 35.96 -13.59 -2.90
CA ILE F 118 35.69 -14.16 -4.22
C ILE F 118 34.19 -14.32 -4.43
N ASP F 119 33.46 -14.63 -3.35
CA ASP F 119 32.05 -15.00 -3.46
C ASP F 119 31.13 -13.81 -3.23
N LEU F 120 31.61 -12.77 -2.51
CA LEU F 120 30.78 -11.63 -2.19
C LEU F 120 31.37 -10.36 -2.80
N ASN F 121 32.61 -10.03 -2.41
CA ASN F 121 33.24 -8.78 -2.79
C ASN F 121 33.42 -8.72 -4.30
N ALA F 122 33.90 -9.83 -4.90
CA ALA F 122 34.18 -9.84 -6.33
C ALA F 122 32.91 -9.51 -7.12
N PRO F 123 31.79 -10.24 -6.91
CA PRO F 123 30.52 -9.86 -7.53
C PRO F 123 30.21 -8.36 -7.46
N PHE F 124 30.65 -7.70 -6.38
CA PHE F 124 30.56 -6.25 -6.29
C PHE F 124 31.44 -5.64 -7.37
N ILE F 125 32.72 -6.04 -7.37
CA ILE F 125 33.73 -5.44 -8.22
C ILE F 125 33.34 -5.56 -9.68
N VAL F 126 32.82 -6.73 -10.07
CA VAL F 126 32.52 -7.00 -11.48
C VAL F 126 31.22 -6.29 -11.86
N ALA F 127 30.27 -6.21 -10.91
CA ALA F 127 29.02 -5.48 -11.13
C ALA F 127 29.29 -3.99 -11.27
N LYS F 128 30.23 -3.50 -10.45
CA LYS F 128 30.65 -2.10 -10.48
C LYS F 128 31.17 -1.72 -11.86
N ALA F 129 31.93 -2.64 -12.50
CA ALA F 129 32.62 -2.34 -13.75
C ALA F 129 31.67 -2.33 -14.95
N VAL F 130 30.57 -3.10 -14.89
CA VAL F 130 29.71 -3.29 -16.06
C VAL F 130 28.50 -2.36 -15.99
N LEU F 131 28.27 -1.73 -14.83
CA LEU F 131 27.09 -0.92 -14.58
C LEU F 131 27.13 0.39 -15.37
N PRO F 132 28.25 1.18 -15.34
CA PRO F 132 28.35 2.39 -16.14
C PRO F 132 27.89 2.22 -17.59
N ALA F 133 28.35 1.13 -18.22
CA ALA F 133 27.93 0.77 -19.57
C ALA F 133 26.41 0.65 -19.61
N MET F 134 25.85 -0.15 -18.69
CA MET F 134 24.44 -0.47 -18.66
C MET F 134 23.61 0.78 -18.40
N MET F 135 24.09 1.63 -17.47
CA MET F 135 23.36 2.83 -17.04
C MET F 135 23.17 3.80 -18.21
N GLU F 136 24.18 3.88 -19.10
CA GLU F 136 24.10 4.73 -20.28
C GLU F 136 23.00 4.23 -21.22
N LYS F 137 23.10 2.96 -21.62
CA LYS F 137 22.19 2.38 -22.61
C LYS F 137 20.83 2.05 -22.00
N ARG F 138 20.71 2.19 -20.67
CA ARG F 138 19.45 2.04 -19.97
C ARG F 138 18.86 0.64 -20.20
N ALA F 139 19.73 -0.37 -20.08
CA ALA F 139 19.34 -1.77 -20.26
C ALA F 139 20.48 -2.65 -19.78
N GLY F 140 20.16 -3.63 -18.93
CA GLY F 140 21.16 -4.55 -18.43
C GLY F 140 20.54 -5.66 -17.58
N LYS F 141 21.32 -6.74 -17.40
CA LYS F 141 20.96 -7.85 -16.55
C LYS F 141 22.16 -8.25 -15.71
N ILE F 142 21.95 -8.36 -14.39
CA ILE F 142 22.99 -8.86 -13.49
C ILE F 142 22.40 -10.02 -12.70
N ILE F 143 22.87 -11.24 -13.00
CA ILE F 143 22.39 -12.45 -12.37
C ILE F 143 23.48 -12.99 -11.45
N ASN F 144 23.26 -12.92 -10.13
CA ASN F 144 24.20 -13.44 -9.16
C ASN F 144 23.82 -14.88 -8.81
N ILE F 145 24.79 -15.78 -8.89
CA ILE F 145 24.56 -17.18 -8.56
C ILE F 145 24.66 -17.34 -7.05
N CYS F 146 23.51 -17.32 -6.38
CA CYS F 146 23.43 -17.55 -4.94
C CYS F 146 23.49 -19.06 -4.70
N SER F 147 23.19 -19.48 -3.47
CA SER F 147 23.07 -20.89 -3.13
C SER F 147 21.85 -21.10 -2.25
N MET F 148 21.62 -22.34 -1.84
CA MET F 148 20.66 -22.61 -0.79
C MET F 148 21.23 -22.14 0.54
N MET F 149 22.55 -21.90 0.55
CA MET F 149 23.22 -21.35 1.71
C MET F 149 22.97 -19.85 1.82
N SER F 150 22.21 -19.29 0.88
CA SER F 150 21.65 -17.96 1.03
C SER F 150 20.52 -17.94 2.06
N GLU F 151 19.98 -19.13 2.39
CA GLU F 151 18.88 -19.23 3.33
C GLU F 151 19.25 -20.12 4.52
N LEU F 152 19.89 -21.26 4.25
CA LEU F 152 20.14 -22.26 5.28
C LEU F 152 21.64 -22.43 5.51
N GLY F 153 22.03 -22.69 6.76
CA GLY F 153 23.42 -22.99 7.08
C GLY F 153 23.68 -24.49 7.16
N ARG F 154 24.96 -24.85 7.19
CA ARG F 154 25.39 -26.21 7.48
C ARG F 154 26.73 -26.13 8.20
N GLU F 155 27.20 -27.27 8.74
CA GLU F 155 28.51 -27.35 9.38
C GLU F 155 29.59 -27.20 8.33
N THR F 156 30.69 -26.50 8.68
CA THR F 156 31.90 -26.37 7.87
C THR F 156 31.76 -25.24 6.84
N VAL F 157 30.59 -25.13 6.18
CA VAL F 157 30.39 -24.17 5.10
C VAL F 157 30.07 -22.78 5.64
N SER F 158 30.56 -22.44 6.85
CA SER F 158 30.27 -21.19 7.52
C SER F 158 30.55 -19.98 6.64
N ALA F 159 31.81 -19.79 6.24
CA ALA F 159 32.19 -18.65 5.43
C ALA F 159 31.36 -18.58 4.15
N TYR F 160 31.21 -19.75 3.50
CA TYR F 160 30.53 -19.81 2.21
C TYR F 160 29.07 -19.37 2.32
N ALA F 161 28.40 -19.76 3.41
CA ALA F 161 27.03 -19.33 3.66
C ALA F 161 27.01 -17.82 3.83
N ALA F 162 27.82 -17.32 4.77
CA ALA F 162 27.94 -15.90 5.03
C ALA F 162 28.02 -15.14 3.71
N ALA F 163 28.93 -15.58 2.82
CA ALA F 163 29.12 -14.96 1.53
C ALA F 163 27.82 -14.96 0.74
N LYS F 164 27.19 -16.14 0.62
CA LYS F 164 26.05 -16.33 -0.25
C LYS F 164 24.83 -15.59 0.29
N GLY F 165 24.68 -15.55 1.62
CA GLY F 165 23.65 -14.75 2.26
C GLY F 165 23.83 -13.25 2.04
N GLY F 166 25.11 -12.83 1.93
CA GLY F 166 25.46 -11.46 1.62
C GLY F 166 25.22 -11.14 0.16
N LEU F 167 25.60 -12.07 -0.73
CA LEU F 167 25.38 -11.90 -2.16
C LEU F 167 23.89 -11.73 -2.44
N LYS F 168 23.06 -12.37 -1.60
CA LYS F 168 21.61 -12.31 -1.74
C LYS F 168 21.13 -10.88 -1.56
N MET F 169 21.64 -10.20 -0.53
CA MET F 169 21.28 -8.81 -0.30
C MET F 169 21.90 -7.93 -1.38
N LEU F 170 23.15 -8.21 -1.75
CA LEU F 170 23.83 -7.46 -2.79
C LEU F 170 22.93 -7.42 -4.03
N THR F 171 22.28 -8.54 -4.32
CA THR F 171 21.33 -8.65 -5.42
C THR F 171 20.16 -7.69 -5.21
N ARG F 172 19.61 -7.69 -3.99
CA ARG F 172 18.47 -6.85 -3.66
C ARG F 172 18.85 -5.38 -3.71
N ASN F 173 20.14 -5.09 -3.46
CA ASN F 173 20.61 -3.72 -3.35
C ASN F 173 20.92 -3.15 -4.73
N ILE F 174 21.47 -3.97 -5.61
CA ILE F 174 21.72 -3.58 -7.00
C ILE F 174 20.39 -3.38 -7.71
N CYS F 175 19.36 -4.14 -7.32
CA CYS F 175 18.01 -3.91 -7.81
C CYS F 175 17.47 -2.57 -7.29
N SER F 176 17.69 -2.29 -6.01
CA SER F 176 17.19 -1.10 -5.35
C SER F 176 17.80 0.17 -5.96
N GLU F 177 19.11 0.11 -6.24
CA GLU F 177 19.87 1.29 -6.57
C GLU F 177 19.81 1.58 -8.07
N TYR F 178 19.92 0.53 -8.90
CA TYR F 178 20.07 0.70 -10.34
C TYR F 178 18.87 0.14 -11.10
N GLY F 179 17.74 -0.07 -10.41
CA GLY F 179 16.54 -0.57 -11.05
C GLY F 179 15.92 0.49 -11.95
N GLU F 180 16.14 1.76 -11.61
CA GLU F 180 15.55 2.88 -12.31
C GLU F 180 16.16 3.04 -13.70
N TYR F 181 17.39 2.54 -13.91
CA TYR F 181 18.02 2.59 -15.23
C TYR F 181 17.59 1.39 -16.07
N ASN F 182 16.54 0.68 -15.65
CA ASN F 182 16.09 -0.54 -16.32
C ASN F 182 17.21 -1.58 -16.28
N ILE F 183 17.82 -1.75 -15.10
CA ILE F 183 18.75 -2.83 -14.83
C ILE F 183 18.07 -3.78 -13.85
N GLN F 184 17.86 -5.03 -14.29
CA GLN F 184 17.27 -6.05 -13.45
C GLN F 184 18.38 -6.90 -12.85
N CYS F 185 18.55 -6.81 -11.53
CA CYS F 185 19.52 -7.65 -10.83
C CYS F 185 18.79 -8.69 -9.98
N ASN F 186 18.84 -9.94 -10.45
CA ASN F 186 18.15 -11.04 -9.82
C ASN F 186 19.20 -12.06 -9.38
N GLY F 187 18.74 -13.19 -8.83
CA GLY F 187 19.62 -14.24 -8.35
C GLY F 187 19.10 -15.62 -8.72
N ILE F 188 20.04 -16.56 -8.90
CA ILE F 188 19.72 -17.95 -9.13
C ILE F 188 20.28 -18.75 -7.95
N GLY F 189 19.44 -19.64 -7.41
CA GLY F 189 19.78 -20.41 -6.23
C GLY F 189 19.72 -21.90 -6.52
N PRO F 190 20.82 -22.51 -7.03
CA PRO F 190 20.82 -23.93 -7.33
C PRO F 190 20.66 -24.79 -6.09
N GLY F 191 19.84 -25.85 -6.23
CA GLY F 191 19.77 -26.92 -5.25
C GLY F 191 20.94 -27.90 -5.40
N TYR F 192 20.67 -29.17 -5.10
CA TYR F 192 21.69 -30.19 -5.23
C TYR F 192 21.86 -30.51 -6.71
N ILE F 193 22.96 -30.03 -7.29
CA ILE F 193 23.24 -30.24 -8.71
C ILE F 193 24.04 -31.52 -8.86
N ALA F 194 23.71 -32.29 -9.91
CA ALA F 194 24.40 -33.53 -10.21
C ALA F 194 25.60 -33.23 -11.09
N THR F 195 26.75 -33.00 -10.45
CA THR F 195 27.97 -32.70 -11.18
C THR F 195 28.74 -33.99 -11.40
N PRO F 196 29.75 -34.00 -12.30
CA PRO F 196 30.65 -35.14 -12.44
C PRO F 196 31.38 -35.49 -11.16
N GLN F 197 31.72 -34.47 -10.35
CA GLN F 197 32.43 -34.66 -9.11
C GLN F 197 31.60 -35.48 -8.12
N THR F 198 30.27 -35.33 -8.18
CA THR F 198 29.37 -35.95 -7.23
C THR F 198 28.81 -37.27 -7.79
N ALA F 199 29.37 -37.74 -8.91
CA ALA F 199 28.89 -38.95 -9.56
C ALA F 199 29.00 -40.16 -8.62
N PRO F 200 30.07 -40.28 -7.78
CA PRO F 200 30.19 -41.42 -6.87
C PRO F 200 28.99 -41.61 -5.94
N LEU F 201 28.37 -40.50 -5.52
CA LEU F 201 27.36 -40.52 -4.48
C LEU F 201 26.03 -41.06 -5.00
N ARG F 202 25.93 -41.34 -6.30
CA ARG F 202 24.74 -41.93 -6.88
C ARG F 202 25.07 -43.33 -7.42
N GLU F 203 25.65 -44.17 -6.55
CA GLU F 203 25.97 -45.55 -6.90
C GLU F 203 25.35 -46.49 -5.86
N PRO F 204 25.03 -47.75 -6.22
CA PRO F 204 24.58 -48.74 -5.23
C PRO F 204 25.65 -49.03 -4.18
N ARG F 210 20.61 -46.29 -3.44
CA ARG F 210 20.66 -46.72 -2.01
C ARG F 210 21.80 -46.05 -1.24
N HIS F 211 22.64 -45.25 -1.91
CA HIS F 211 23.71 -44.54 -1.22
C HIS F 211 23.09 -43.64 -0.15
N PRO F 212 23.62 -43.64 1.10
CA PRO F 212 23.00 -42.89 2.19
C PRO F 212 22.78 -41.41 1.86
N PHE F 213 23.71 -40.84 1.09
CA PHE F 213 23.66 -39.44 0.71
C PHE F 213 22.56 -39.23 -0.32
N ASP F 214 22.61 -39.99 -1.42
CA ASP F 214 21.64 -39.85 -2.50
C ASP F 214 20.23 -40.05 -1.93
N SER F 215 20.09 -40.98 -0.98
CA SER F 215 18.82 -41.25 -0.32
C SER F 215 18.38 -40.03 0.49
N PHE F 216 19.35 -39.38 1.15
CA PHE F 216 19.08 -38.22 1.98
C PHE F 216 18.62 -37.05 1.10
N ILE F 217 19.23 -36.91 -0.08
CA ILE F 217 18.96 -35.78 -0.96
C ILE F 217 17.59 -35.95 -1.60
N CYS F 218 17.29 -37.18 -2.03
CA CYS F 218 16.04 -37.49 -2.70
C CYS F 218 14.88 -37.40 -1.71
N ALA F 219 15.20 -37.58 -0.42
CA ALA F 219 14.24 -37.36 0.65
C ALA F 219 13.87 -35.88 0.73
N LYS F 220 14.90 -35.02 0.85
CA LYS F 220 14.72 -33.59 0.99
C LYS F 220 14.08 -32.98 -0.24
N THR F 221 14.31 -33.58 -1.42
CA THR F 221 13.84 -33.03 -2.67
C THR F 221 12.47 -33.64 -3.01
N PRO F 222 11.40 -32.82 -3.11
CA PRO F 222 10.12 -33.27 -3.63
C PRO F 222 10.19 -33.91 -5.02
N ALA F 223 10.96 -33.29 -5.93
CA ALA F 223 11.15 -33.84 -7.26
C ALA F 223 11.86 -35.19 -7.20
N GLY F 224 12.47 -35.50 -6.04
CA GLY F 224 12.93 -36.85 -5.73
C GLY F 224 14.16 -37.25 -6.55
N ARG F 225 15.03 -36.29 -6.81
CA ARG F 225 16.17 -36.49 -7.70
C ARG F 225 17.13 -35.31 -7.57
N TRP F 226 18.35 -35.50 -8.06
CA TRP F 226 19.29 -34.40 -8.19
C TRP F 226 18.91 -33.59 -9.42
N LEU F 227 19.35 -32.33 -9.45
CA LEU F 227 19.12 -31.47 -10.61
C LEU F 227 20.35 -31.49 -11.52
N ASP F 228 20.10 -31.73 -12.81
CA ASP F 228 21.14 -31.68 -13.82
C ASP F 228 21.46 -30.20 -14.10
N PRO F 229 22.74 -29.76 -14.10
CA PRO F 229 23.08 -28.35 -14.26
C PRO F 229 22.26 -27.60 -15.32
N GLU F 230 21.92 -28.28 -16.41
CA GLU F 230 21.18 -27.70 -17.53
C GLU F 230 19.78 -27.26 -17.07
N GLU F 231 19.34 -27.78 -15.92
CA GLU F 231 18.08 -27.38 -15.33
C GLU F 231 18.11 -25.90 -14.96
N LEU F 232 19.31 -25.36 -14.72
CA LEU F 232 19.52 -23.98 -14.29
C LEU F 232 19.50 -23.03 -15.48
N THR F 233 19.69 -23.57 -16.69
CA THR F 233 19.85 -22.75 -17.89
C THR F 233 18.53 -22.04 -18.23
N GLY F 234 17.43 -22.78 -18.20
CA GLY F 234 16.12 -22.19 -18.47
C GLY F 234 15.90 -20.93 -17.63
N PRO F 235 15.93 -21.07 -16.27
CA PRO F 235 15.87 -19.93 -15.38
C PRO F 235 16.86 -18.80 -15.70
N ALA F 236 18.10 -19.17 -16.05
CA ALA F 236 19.13 -18.19 -16.34
C ALA F 236 18.76 -17.36 -17.56
N VAL F 237 18.38 -18.03 -18.65
CA VAL F 237 17.96 -17.36 -19.87
C VAL F 237 16.79 -16.44 -19.55
N PHE F 238 15.87 -16.92 -18.68
CA PHE F 238 14.65 -16.20 -18.36
C PHE F 238 14.96 -14.88 -17.65
N LEU F 239 15.95 -14.88 -16.74
CA LEU F 239 16.34 -13.69 -16.00
C LEU F 239 17.20 -12.77 -16.87
N ALA F 240 17.81 -13.32 -17.93
CA ALA F 240 18.62 -12.57 -18.87
C ALA F 240 17.76 -12.00 -20.00
N SER F 241 16.58 -12.60 -20.22
CA SER F 241 15.68 -12.21 -21.29
C SER F 241 14.94 -10.93 -20.92
N GLU F 242 14.20 -10.38 -21.89
CA GLU F 242 13.43 -9.18 -21.70
C GLU F 242 12.06 -9.53 -21.10
N ALA F 243 11.78 -10.84 -20.98
CA ALA F 243 10.55 -11.31 -20.39
C ALA F 243 10.54 -11.11 -18.88
N SER F 244 11.74 -11.03 -18.28
CA SER F 244 11.88 -10.91 -16.84
C SER F 244 12.19 -9.47 -16.43
N ASN F 245 11.68 -8.50 -17.19
CA ASN F 245 12.06 -7.10 -16.98
C ASN F 245 11.37 -6.57 -15.72
N ALA F 246 10.23 -7.18 -15.36
CA ALA F 246 9.50 -6.78 -14.16
C ALA F 246 10.01 -7.56 -12.93
N VAL F 247 10.79 -8.63 -13.16
CA VAL F 247 11.40 -9.41 -12.10
C VAL F 247 12.71 -8.74 -11.70
N ASN F 248 12.76 -8.20 -10.47
CA ASN F 248 13.93 -7.46 -10.02
C ASN F 248 14.11 -7.64 -8.51
N GLY F 249 15.38 -7.83 -8.11
CA GLY F 249 15.74 -7.99 -6.71
C GLY F 249 15.29 -9.35 -6.17
N HIS F 250 15.05 -10.29 -7.09
CA HIS F 250 14.44 -11.55 -6.75
C HIS F 250 15.48 -12.65 -6.80
N ILE F 251 15.48 -13.50 -5.77
CA ILE F 251 16.24 -14.75 -5.80
C ILE F 251 15.31 -15.84 -6.32
N LEU F 252 15.59 -16.31 -7.53
CA LEU F 252 14.88 -17.43 -8.15
C LEU F 252 15.60 -18.72 -7.75
N TYR F 253 15.05 -19.42 -6.75
CA TYR F 253 15.62 -20.68 -6.31
C TYR F 253 15.14 -21.76 -7.27
N VAL F 254 16.10 -22.55 -7.76
CA VAL F 254 15.86 -23.68 -8.63
C VAL F 254 16.33 -24.93 -7.91
N ASP F 255 15.50 -25.42 -6.98
CA ASP F 255 15.93 -26.37 -5.96
C ASP F 255 15.29 -27.75 -6.18
N GLY F 256 14.17 -27.77 -6.91
CA GLY F 256 13.38 -28.98 -7.02
C GLY F 256 12.45 -29.16 -5.83
N GLY F 257 12.22 -28.05 -5.10
CA GLY F 257 11.22 -27.98 -4.05
C GLY F 257 11.83 -27.88 -2.65
N ILE F 258 13.15 -28.09 -2.56
CA ILE F 258 13.77 -28.37 -1.27
C ILE F 258 13.37 -27.31 -0.25
N LEU F 259 13.52 -26.03 -0.60
CA LEU F 259 13.31 -24.94 0.34
C LEU F 259 11.85 -24.87 0.77
N ALA F 260 10.95 -25.48 -0.01
CA ALA F 260 9.53 -25.46 0.30
C ALA F 260 9.13 -26.70 1.09
N TYR F 261 10.07 -27.63 1.30
CA TYR F 261 9.75 -28.95 1.83
C TYR F 261 10.44 -29.19 3.18
N ILE F 262 9.66 -29.62 4.18
CA ILE F 262 10.17 -29.87 5.51
C ILE F 262 10.94 -31.19 5.54
N GLY F 263 10.58 -32.11 4.63
CA GLY F 263 11.36 -33.32 4.41
C GLY F 263 10.50 -34.58 4.50
N LYS F 264 11.08 -35.69 4.02
CA LYS F 264 10.45 -36.99 4.00
C LYS F 264 10.76 -37.68 5.33
N GLN F 265 9.72 -38.00 6.10
CA GLN F 265 9.88 -38.49 7.46
C GLN F 265 9.22 -39.87 7.60
N PRO F 266 9.88 -40.85 8.27
CA PRO F 266 9.28 -42.17 8.47
C PRO F 266 8.18 -42.19 9.53
#